data_5FU7
#
_entry.id   5FU7
#
_cell.length_a   75.950
_cell.length_b   135.670
_cell.length_c   104.970
_cell.angle_alpha   90.00
_cell.angle_beta   107.98
_cell.angle_gamma   90.00
#
_symmetry.space_group_name_H-M   'P 1 21 1'
#
loop_
_entity.id
_entity.type
_entity.pdbx_description
1 polymer 'CCR4-NOT TRANSCRIPTION COMPLEX SUBUNIT 1'
2 polymer 'CCR4-NOT TRANSCRIPTION COMPLEX SUBUNIT 2'
3 polymer 'CCR4-NOT TRANSCRIPTION COMPLEX SUBUNIT 3'
4 polymer 'NANOS, ISOFORM B'
#
loop_
_entity_poly.entity_id
_entity_poly.type
_entity_poly.pdbx_seq_one_letter_code
_entity_poly.pdbx_strand_id
1 'polypeptide(L)'
;GPHMLEHSGISQASEYDDPPGLREKAEYLLREWVNLYHSAAAGRDSTKAFSAFVGQMHQQGILKTDDLITRFFRLCTEMC
VEISYRAQAEQQHNPAANPTMIRAKCYHNLDAFVRLIALLVKHSGEATNTVTKINLLNKVLGIVVGVLLQDHDVRQSEFQ
QLPYHRIFIMLLLELNAPEHVLETINFQTLTAFCNTFHILRPTKAPGFVYAWLELISHRIFIARMLAHTPQQKGWPMYAQ
LLIDLFKYLAPFLRNVELTKPMQILYKGTLRVLLVLLHDFPEFLCDYHYGFCDVIPPNCIQLRNLILSAFPRNMRLPDPF
TPNLKVDMLSEINIAPRILTNFTGVMPPQFKKDLDSYLKTRSPVTFLSDLRSNLQVSNEPGNRYNLQLINALVLYVGTQA
IAHIHNKGSTPSMSTITHSAHMDIFQNLAVDLDTEGRYLFLNAIANQLRYPNSHTHYFSCTMLYLFAEANTEAIQEQITR
VLLERLIVNRPHPWGLLITFIELIKNPAFKFWNHEFVEEEPEIEKLFQSVAQCCM
;
A,E
2 'polypeptide(L)'
;GPHMLEMVTDQFGMIGLLTFIRAAETDPGMVHLALGSDLTTLGLNLNSPENLYPKFASPWASSPCRPQDIDFHVPSEYLT
NIHIRDKLAAIKLGRYGEDLLFYLYYMNGGDVLQLLAAVELFNRDWRYHKEERVWITRAPGMEPTMKTNTYERGTYYFFD
CLNWRKVAKEFHLEYDKLEERPHLPSTFNYNPAQQAF
;
B,F
3 'polypeptide(L)'
;GPHMLELTKEQLYQQAMEEAAWHHMPHPSDSERIRQYLPRNPCPTPPYHHQMPPPHSDTVEFYQRLSTETLFFIFYYLEG
TKAQYLAAKALKKQSWRFHTKYMMWFQRHEEPKTITDEFEQGTYIYFDYEKWGQRKKEGFTFEYRYLE
;
C,G
4 'polypeptide(L)' GPHMLESHQQTDEIARSLKIFAQVTTGAAENAAGSMQDVMQEFATNGYASDDLG D,H
#
# COMPACT_ATOMS: atom_id res chain seq x y z
N ALA A 13 -32.43 0.84 12.77
CA ALA A 13 -33.67 0.90 12.00
C ALA A 13 -34.09 -0.45 11.40
N SER A 14 -33.12 -1.30 10.95
CA SER A 14 -33.39 -2.64 10.37
C SER A 14 -33.88 -3.61 11.48
N GLU A 15 -34.21 -4.89 11.13
CA GLU A 15 -34.68 -5.92 12.10
C GLU A 15 -33.71 -6.00 13.28
N TYR A 16 -32.40 -5.88 12.96
CA TYR A 16 -31.27 -5.94 13.88
C TYR A 16 -31.08 -4.67 14.70
N ASP A 17 -30.25 -4.79 15.75
CA ASP A 17 -29.89 -3.68 16.61
C ASP A 17 -28.78 -2.91 15.87
N ASP A 18 -29.11 -2.50 14.64
CA ASP A 18 -28.30 -1.80 13.66
C ASP A 18 -28.17 -0.32 13.98
N PRO A 19 -26.93 0.27 14.13
CA PRO A 19 -26.83 1.71 14.41
C PRO A 19 -27.57 2.60 13.41
N PRO A 20 -28.12 3.75 13.85
CA PRO A 20 -28.87 4.63 12.92
C PRO A 20 -28.07 5.14 11.73
N GLY A 21 -28.70 5.15 10.56
CA GLY A 21 -28.10 5.64 9.33
C GLY A 21 -26.98 4.78 8.78
N LEU A 22 -26.91 3.50 9.20
CA LEU A 22 -25.91 2.53 8.75
C LEU A 22 -26.29 1.85 7.44
N ARG A 23 -27.59 1.47 7.26
CA ARG A 23 -28.07 0.82 6.02
C ARG A 23 -27.79 1.75 4.86
N GLU A 24 -28.19 3.01 5.03
CA GLU A 24 -28.08 4.12 4.10
C GLU A 24 -26.61 4.32 3.71
N LYS A 25 -25.72 4.34 4.72
CA LYS A 25 -24.25 4.47 4.62
C LYS A 25 -23.63 3.33 3.80
N ALA A 26 -24.00 2.07 4.16
CA ALA A 26 -23.50 0.83 3.55
C ALA A 26 -23.95 0.71 2.14
N GLU A 27 -25.23 0.97 1.89
CA GLU A 27 -25.79 0.83 0.57
C GLU A 27 -25.23 1.88 -0.38
N TYR A 28 -24.83 3.07 0.15
CA TYR A 28 -24.14 4.12 -0.62
C TYR A 28 -22.72 3.63 -1.02
N LEU A 29 -21.95 3.08 -0.03
CA LEU A 29 -20.60 2.51 -0.22
C LEU A 29 -20.63 1.35 -1.23
N LEU A 30 -21.62 0.41 -1.11
CA LEU A 30 -21.71 -0.69 -2.08
C LEU A 30 -22.04 -0.17 -3.48
N ARG A 31 -23.06 0.71 -3.60
CA ARG A 31 -23.47 1.32 -4.87
C ARG A 31 -22.25 1.85 -5.61
N GLU A 32 -21.38 2.61 -4.91
CA GLU A 32 -20.12 3.18 -5.41
C GLU A 32 -19.18 2.14 -5.93
N TRP A 33 -18.92 1.09 -5.11
CA TRP A 33 -18.01 0.00 -5.41
C TRP A 33 -18.46 -0.76 -6.63
N VAL A 34 -19.76 -0.99 -6.77
CA VAL A 34 -20.32 -1.69 -7.93
C VAL A 34 -20.01 -0.91 -9.22
N ASN A 35 -19.95 0.45 -9.17
CA ASN A 35 -19.63 1.32 -10.31
C ASN A 35 -18.13 1.36 -10.51
N LEU A 36 -17.38 1.31 -9.39
CA LEU A 36 -15.92 1.29 -9.35
C LEU A 36 -15.35 0.00 -9.93
N TYR A 37 -16.00 -1.13 -9.62
CA TYR A 37 -15.59 -2.47 -10.04
C TYR A 37 -15.72 -2.55 -11.57
N HIS A 38 -16.80 -1.95 -12.11
CA HIS A 38 -17.11 -1.93 -13.54
C HIS A 38 -16.37 -0.82 -14.29
N SER A 39 -15.73 0.10 -13.56
CA SER A 39 -14.98 1.20 -14.14
C SER A 39 -13.69 0.71 -14.80
N ALA A 40 -13.24 1.48 -15.81
CA ALA A 40 -12.02 1.19 -16.56
C ALA A 40 -10.79 1.51 -15.73
N ALA A 41 -9.70 0.77 -15.97
CA ALA A 41 -8.39 0.86 -15.31
C ALA A 41 -8.49 0.98 -13.77
N ALA A 42 -9.45 0.23 -13.17
CA ALA A 42 -9.68 0.16 -11.73
C ALA A 42 -8.66 -0.81 -11.07
N GLY A 43 -7.74 -1.34 -11.89
CA GLY A 43 -6.75 -2.33 -11.50
C GLY A 43 -7.12 -3.64 -12.15
N ARG A 44 -6.13 -4.52 -12.41
CA ARG A 44 -6.37 -5.82 -13.06
C ARG A 44 -7.33 -6.69 -12.21
N ASP A 45 -7.17 -6.64 -10.89
CA ASP A 45 -8.06 -7.36 -9.98
C ASP A 45 -8.67 -6.37 -8.99
N SER A 46 -9.20 -5.23 -9.53
CA SER A 46 -9.81 -4.12 -8.80
C SER A 46 -8.90 -3.57 -7.68
N THR A 47 -7.57 -3.61 -7.92
CA THR A 47 -6.52 -3.19 -6.99
C THR A 47 -6.49 -1.68 -6.75
N LYS A 48 -6.38 -0.87 -7.82
CA LYS A 48 -6.30 0.59 -7.75
C LYS A 48 -7.55 1.23 -7.09
N ALA A 49 -8.73 0.61 -7.30
CA ALA A 49 -10.03 1.03 -6.78
C ALA A 49 -10.19 0.66 -5.31
N PHE A 50 -9.79 -0.59 -4.93
CA PHE A 50 -9.90 -1.17 -3.57
C PHE A 50 -9.13 -0.41 -2.51
N SER A 51 -7.84 -0.12 -2.77
CA SER A 51 -6.96 0.63 -1.88
C SER A 51 -7.58 1.98 -1.52
N ALA A 52 -8.32 2.54 -2.49
CA ALA A 52 -9.01 3.81 -2.39
C ALA A 52 -10.40 3.64 -1.78
N PHE A 53 -11.05 2.49 -2.00
CA PHE A 53 -12.38 2.21 -1.45
C PHE A 53 -12.35 1.98 0.06
N VAL A 54 -11.27 1.30 0.56
CA VAL A 54 -11.00 0.99 1.97
C VAL A 54 -10.83 2.27 2.76
N GLY A 55 -10.25 3.27 2.10
CA GLY A 55 -10.10 4.61 2.62
C GLY A 55 -11.49 5.16 2.86
N GLN A 56 -12.32 5.20 1.81
CA GLN A 56 -13.72 5.66 1.84
C GLN A 56 -14.53 4.97 2.95
N MET A 57 -14.30 3.63 3.14
CA MET A 57 -14.93 2.83 4.18
C MET A 57 -14.52 3.40 5.52
N HIS A 58 -13.19 3.48 5.78
CA HIS A 58 -12.58 4.03 6.99
C HIS A 58 -13.17 5.43 7.33
N GLN A 59 -13.22 6.33 6.31
CA GLN A 59 -13.73 7.71 6.46
C GLN A 59 -15.18 7.69 6.93
N GLN A 60 -15.99 6.77 6.35
CA GLN A 60 -17.41 6.64 6.71
C GLN A 60 -17.59 5.89 8.06
N GLY A 61 -16.49 5.68 8.78
CA GLY A 61 -16.45 5.06 10.10
C GLY A 61 -16.93 3.62 10.24
N ILE A 62 -17.06 2.88 9.11
CA ILE A 62 -17.49 1.49 9.14
C ILE A 62 -16.34 0.60 9.61
N LEU A 63 -15.11 1.10 9.47
CA LEU A 63 -13.92 0.37 9.85
C LEU A 63 -13.63 0.41 11.38
N LYS A 64 -14.31 1.31 12.14
CA LYS A 64 -14.14 1.52 13.60
C LYS A 64 -14.19 0.24 14.42
N THR A 65 -15.34 -0.46 14.47
CA THR A 65 -15.50 -1.71 15.23
C THR A 65 -15.66 -2.88 14.29
N ASP A 66 -15.29 -4.10 14.78
CA ASP A 66 -15.44 -5.35 14.06
C ASP A 66 -16.92 -5.68 13.88
N ASP A 67 -17.75 -5.23 14.85
CA ASP A 67 -19.20 -5.36 14.88
C ASP A 67 -19.83 -4.60 13.73
N LEU A 68 -19.29 -3.41 13.41
CA LEU A 68 -19.75 -2.57 12.30
C LEU A 68 -19.29 -3.13 10.99
N ILE A 69 -18.07 -3.74 10.96
CA ILE A 69 -17.52 -4.36 9.75
C ILE A 69 -18.43 -5.48 9.32
N THR A 70 -18.81 -6.36 10.28
CA THR A 70 -19.70 -7.51 10.06
C THR A 70 -21.08 -7.02 9.65
N ARG A 71 -21.56 -5.91 10.27
CA ARG A 71 -22.86 -5.34 9.96
C ARG A 71 -22.90 -4.82 8.55
N PHE A 72 -21.78 -4.22 8.07
CA PHE A 72 -21.64 -3.73 6.69
C PHE A 72 -21.77 -4.90 5.72
N PHE A 73 -21.19 -6.06 6.07
CA PHE A 73 -21.24 -7.25 5.25
C PHE A 73 -22.63 -7.81 5.17
N ARG A 74 -23.40 -7.73 6.28
CA ARG A 74 -24.76 -8.23 6.29
C ARG A 74 -25.66 -7.36 5.37
N LEU A 75 -25.56 -6.04 5.55
CA LEU A 75 -26.28 -5.07 4.76
C LEU A 75 -25.95 -5.15 3.27
N CYS A 76 -24.68 -5.42 2.92
CA CYS A 76 -24.27 -5.56 1.52
C CYS A 76 -24.94 -6.72 0.89
N THR A 77 -24.99 -7.85 1.62
CA THR A 77 -25.59 -9.10 1.18
C THR A 77 -27.08 -8.88 0.92
N GLU A 78 -27.81 -8.30 1.92
CA GLU A 78 -29.24 -8.01 1.83
C GLU A 78 -29.56 -7.11 0.64
N MET A 79 -28.68 -6.12 0.35
CA MET A 79 -28.80 -5.20 -0.79
C MET A 79 -28.75 -6.03 -2.07
N CYS A 80 -27.68 -6.84 -2.23
CA CYS A 80 -27.48 -7.72 -3.36
C CYS A 80 -28.66 -8.67 -3.53
N VAL A 81 -29.18 -9.25 -2.41
CA VAL A 81 -30.38 -10.11 -2.37
C VAL A 81 -31.62 -9.33 -2.89
N GLU A 82 -31.81 -8.08 -2.41
CA GLU A 82 -32.93 -7.25 -2.81
C GLU A 82 -32.85 -6.91 -4.30
N ILE A 83 -31.65 -6.55 -4.79
CA ILE A 83 -31.44 -6.23 -6.20
C ILE A 83 -31.90 -7.41 -7.07
N SER A 84 -31.59 -8.65 -6.61
CA SER A 84 -31.95 -9.88 -7.31
C SER A 84 -33.44 -10.00 -7.35
N TYR A 85 -34.10 -9.92 -6.19
CA TYR A 85 -35.54 -10.07 -6.05
C TYR A 85 -36.30 -9.11 -6.94
N ARG A 86 -35.83 -7.83 -7.04
CA ARG A 86 -36.40 -6.79 -7.91
C ARG A 86 -36.20 -7.17 -9.36
N ALA A 87 -34.93 -7.48 -9.72
CA ALA A 87 -34.55 -7.94 -11.06
C ALA A 87 -35.46 -9.09 -11.48
N GLN A 88 -35.75 -10.01 -10.56
CA GLN A 88 -36.64 -11.13 -10.81
C GLN A 88 -38.11 -10.69 -11.01
N ALA A 89 -38.54 -9.63 -10.28
CA ALA A 89 -39.90 -9.10 -10.38
C ALA A 89 -40.10 -8.45 -11.74
N GLU A 90 -39.16 -7.58 -12.19
CA GLU A 90 -39.30 -6.95 -13.49
C GLU A 90 -39.26 -7.99 -14.66
N GLN A 91 -38.60 -9.15 -14.48
CA GLN A 91 -38.55 -10.19 -15.51
C GLN A 91 -39.91 -10.85 -15.68
N GLN A 92 -40.70 -10.91 -14.59
CA GLN A 92 -42.04 -11.49 -14.57
C GLN A 92 -43.15 -10.44 -14.82
N HIS A 93 -43.21 -9.35 -14.02
CA HIS A 93 -44.20 -8.26 -14.14
C HIS A 93 -44.09 -7.46 -15.45
N ASN A 94 -43.16 -7.88 -16.32
CA ASN A 94 -42.88 -7.38 -17.65
C ASN A 94 -42.33 -8.58 -18.45
N PRO A 95 -43.19 -9.34 -19.20
CA PRO A 95 -42.69 -10.50 -19.96
C PRO A 95 -42.06 -10.09 -21.31
N ALA A 96 -42.02 -8.74 -21.59
CA ALA A 96 -41.38 -8.08 -22.73
C ALA A 96 -39.89 -7.77 -22.38
N ALA A 97 -39.52 -7.91 -21.08
CA ALA A 97 -38.17 -7.70 -20.55
C ALA A 97 -37.26 -8.89 -20.86
N ASN A 98 -36.01 -8.56 -21.29
CA ASN A 98 -34.94 -9.47 -21.67
C ASN A 98 -34.44 -10.27 -20.44
N PRO A 99 -34.68 -11.61 -20.36
CA PRO A 99 -34.21 -12.37 -19.18
C PRO A 99 -32.70 -12.51 -19.04
N THR A 100 -31.96 -12.43 -20.15
CA THR A 100 -30.50 -12.52 -20.16
C THR A 100 -29.91 -11.22 -19.55
N MET A 101 -30.54 -10.06 -19.86
CA MET A 101 -30.14 -8.75 -19.35
C MET A 101 -30.47 -8.62 -17.87
N ILE A 102 -31.52 -9.35 -17.41
CA ILE A 102 -31.98 -9.39 -16.02
C ILE A 102 -30.88 -10.07 -15.22
N ARG A 103 -30.46 -11.27 -15.68
CA ARG A 103 -29.41 -12.11 -15.08
C ARG A 103 -28.18 -11.26 -14.93
N ALA A 104 -27.78 -10.57 -16.02
CA ALA A 104 -26.64 -9.67 -16.05
C ALA A 104 -26.67 -8.61 -14.96
N LYS A 105 -27.87 -8.06 -14.64
CA LYS A 105 -28.06 -7.05 -13.60
C LYS A 105 -27.62 -7.58 -12.22
N CYS A 106 -28.07 -8.83 -11.87
CA CYS A 106 -27.75 -9.49 -10.60
C CYS A 106 -26.30 -9.78 -10.56
N TYR A 107 -25.75 -10.31 -11.66
CA TYR A 107 -24.34 -10.66 -11.75
C TYR A 107 -23.47 -9.41 -11.56
N HIS A 108 -23.85 -8.28 -12.22
CA HIS A 108 -23.23 -6.95 -12.14
C HIS A 108 -22.93 -6.62 -10.67
N ASN A 109 -23.96 -6.68 -9.82
CA ASN A 109 -23.90 -6.38 -8.39
C ASN A 109 -23.18 -7.42 -7.52
N LEU A 110 -23.50 -8.69 -7.78
CA LEU A 110 -22.98 -9.81 -7.00
C LEU A 110 -21.50 -10.05 -7.18
N ASP A 111 -21.01 -10.02 -8.45
CA ASP A 111 -19.59 -10.17 -8.81
C ASP A 111 -18.76 -9.09 -8.15
N ALA A 112 -19.30 -7.85 -8.13
CA ALA A 112 -18.70 -6.68 -7.51
C ALA A 112 -18.54 -6.92 -6.00
N PHE A 113 -19.61 -7.35 -5.33
CA PHE A 113 -19.61 -7.65 -3.89
C PHE A 113 -18.55 -8.71 -3.53
N VAL A 114 -18.52 -9.81 -4.32
CA VAL A 114 -17.60 -10.94 -4.20
C VAL A 114 -16.14 -10.43 -4.19
N ARG A 115 -15.78 -9.56 -5.18
CA ARG A 115 -14.44 -8.98 -5.24
C ARG A 115 -14.13 -8.15 -3.97
N LEU A 116 -15.13 -7.42 -3.43
CA LEU A 116 -14.94 -6.65 -2.18
C LEU A 116 -14.64 -7.62 -1.05
N ILE A 117 -15.35 -8.75 -1.00
CA ILE A 117 -15.11 -9.74 0.03
C ILE A 117 -13.72 -10.34 -0.16
N ALA A 118 -13.45 -10.90 -1.34
CA ALA A 118 -12.16 -11.52 -1.69
C ALA A 118 -10.96 -10.59 -1.38
N LEU A 119 -11.07 -9.29 -1.73
CA LEU A 119 -10.03 -8.30 -1.46
C LEU A 119 -9.96 -7.97 0.02
N LEU A 120 -11.12 -7.77 0.70
CA LEU A 120 -11.11 -7.51 2.14
C LEU A 120 -10.47 -8.66 2.91
N VAL A 121 -10.55 -9.88 2.38
CA VAL A 121 -9.97 -11.06 3.00
C VAL A 121 -8.45 -11.15 2.73
N LYS A 122 -8.02 -11.15 1.44
CA LYS A 122 -6.59 -11.23 1.02
C LYS A 122 -5.74 -10.07 1.59
N HIS A 123 -6.36 -8.93 1.90
CA HIS A 123 -5.68 -7.76 2.45
C HIS A 123 -5.84 -7.65 3.98
N SER A 124 -6.59 -8.59 4.60
CA SER A 124 -6.77 -8.65 6.05
C SER A 124 -5.56 -9.36 6.68
N GLY A 125 -4.87 -10.17 5.87
CA GLY A 125 -3.69 -10.94 6.25
C GLY A 125 -2.44 -10.13 6.45
N GLU A 126 -2.49 -9.33 7.52
CA GLU A 126 -1.50 -8.42 8.05
C GLU A 126 -0.20 -9.17 8.36
N ALA A 127 0.93 -8.72 7.73
CA ALA A 127 2.27 -9.31 7.86
C ALA A 127 2.28 -10.83 7.53
N THR A 128 1.47 -11.22 6.49
CA THR A 128 1.25 -12.59 5.99
C THR A 128 0.55 -13.43 7.06
N ASN A 129 -0.65 -12.98 7.48
CA ASN A 129 -1.42 -13.68 8.51
C ASN A 129 -2.25 -14.83 7.94
N THR A 130 -2.42 -15.88 8.75
CA THR A 130 -3.21 -17.05 8.35
C THR A 130 -4.49 -17.09 9.17
N VAL A 131 -4.39 -16.86 10.51
CA VAL A 131 -5.52 -16.92 11.43
C VAL A 131 -6.56 -15.80 11.14
N THR A 132 -6.13 -14.51 11.10
CA THR A 132 -6.99 -13.35 10.84
C THR A 132 -7.69 -13.46 9.48
N LYS A 133 -6.87 -13.73 8.42
CA LYS A 133 -7.28 -13.92 7.03
C LYS A 133 -8.39 -14.99 6.92
N ILE A 134 -8.25 -16.08 7.66
CA ILE A 134 -9.22 -17.16 7.65
C ILE A 134 -10.42 -16.79 8.48
N ASN A 135 -10.19 -16.22 9.67
CA ASN A 135 -11.28 -15.86 10.54
C ASN A 135 -12.24 -14.90 9.90
N LEU A 136 -11.73 -13.91 9.10
CA LEU A 136 -12.64 -13.02 8.36
C LEU A 136 -13.38 -13.82 7.26
N LEU A 137 -12.70 -14.77 6.58
CA LEU A 137 -13.36 -15.61 5.56
C LEU A 137 -14.51 -16.37 6.20
N ASN A 138 -14.29 -16.89 7.40
CA ASN A 138 -15.34 -17.59 8.14
C ASN A 138 -16.44 -16.63 8.46
N LYS A 139 -16.10 -15.44 9.05
CA LYS A 139 -17.08 -14.40 9.39
C LYS A 139 -17.94 -14.06 8.20
N VAL A 140 -17.33 -13.75 7.04
CA VAL A 140 -18.07 -13.44 5.83
C VAL A 140 -19.05 -14.58 5.46
N LEU A 141 -18.57 -15.84 5.35
CA LEU A 141 -19.43 -16.99 5.02
C LEU A 141 -20.60 -17.11 6.03
N GLY A 142 -20.29 -16.90 7.30
CA GLY A 142 -21.25 -16.98 8.38
C GLY A 142 -22.35 -15.95 8.25
N ILE A 143 -21.96 -14.70 7.89
CA ILE A 143 -22.82 -13.54 7.67
C ILE A 143 -23.76 -13.83 6.48
N VAL A 144 -23.20 -14.41 5.39
CA VAL A 144 -23.94 -14.79 4.18
C VAL A 144 -24.91 -15.94 4.50
N VAL A 145 -24.44 -16.98 5.24
CA VAL A 145 -25.29 -18.11 5.65
C VAL A 145 -26.51 -17.61 6.44
N GLY A 146 -26.27 -16.66 7.34
CA GLY A 146 -27.30 -16.02 8.15
C GLY A 146 -28.39 -15.36 7.34
N VAL A 147 -27.97 -14.54 6.34
CA VAL A 147 -28.86 -13.81 5.43
C VAL A 147 -29.67 -14.82 4.62
N LEU A 148 -28.99 -15.87 4.13
CA LEU A 148 -29.61 -16.95 3.37
C LEU A 148 -30.78 -17.54 4.16
N LEU A 149 -30.46 -18.21 5.28
CA LEU A 149 -31.41 -18.87 6.12
C LEU A 149 -32.58 -17.97 6.55
N GLN A 150 -32.34 -16.67 6.87
CA GLN A 150 -33.48 -15.81 7.24
C GLN A 150 -34.35 -15.60 6.02
N ASP A 151 -33.76 -15.24 4.87
CA ASP A 151 -34.46 -15.07 3.59
C ASP A 151 -35.31 -16.32 3.33
N HIS A 152 -34.62 -17.47 3.29
CA HIS A 152 -35.17 -18.79 3.07
C HIS A 152 -36.38 -19.01 3.90
N ASP A 153 -36.30 -18.74 5.22
CA ASP A 153 -37.40 -18.92 6.17
C ASP A 153 -38.51 -17.88 6.04
N VAL A 154 -38.19 -16.65 5.68
CA VAL A 154 -39.27 -15.68 5.59
C VAL A 154 -39.96 -15.72 4.21
N ARG A 155 -39.19 -15.68 3.10
CA ARG A 155 -39.70 -15.70 1.73
C ARG A 155 -40.31 -17.04 1.31
N GLN A 156 -39.96 -18.09 2.05
CA GLN A 156 -40.45 -19.43 1.83
C GLN A 156 -40.46 -19.80 0.34
N SER A 157 -41.64 -20.07 -0.26
CA SER A 157 -41.84 -20.45 -1.68
C SER A 157 -41.22 -19.46 -2.72
N GLU A 158 -41.06 -18.18 -2.34
CA GLU A 158 -40.50 -17.18 -3.23
C GLU A 158 -39.01 -16.98 -3.02
N PHE A 159 -38.41 -17.81 -2.15
CA PHE A 159 -36.97 -17.79 -1.89
C PHE A 159 -36.25 -18.02 -3.21
N GLN A 160 -35.30 -17.12 -3.55
CA GLN A 160 -34.46 -17.22 -4.73
C GLN A 160 -33.09 -17.59 -4.23
N GLN A 161 -32.42 -18.47 -4.92
CA GLN A 161 -31.12 -18.96 -4.50
C GLN A 161 -29.96 -18.29 -5.22
N LEU A 162 -30.25 -17.58 -6.35
CA LEU A 162 -29.24 -16.97 -7.21
C LEU A 162 -28.21 -16.14 -6.44
N PRO A 163 -28.59 -15.12 -5.61
CA PRO A 163 -27.55 -14.33 -4.93
C PRO A 163 -26.46 -15.17 -4.25
N TYR A 164 -26.88 -16.10 -3.36
CA TYR A 164 -26.08 -16.99 -2.55
C TYR A 164 -25.28 -17.97 -3.38
N HIS A 165 -25.91 -18.48 -4.45
CA HIS A 165 -25.24 -19.42 -5.33
C HIS A 165 -24.06 -18.72 -6.03
N ARG A 166 -24.28 -17.53 -6.58
CA ARG A 166 -23.20 -16.80 -7.21
C ARG A 166 -22.15 -16.33 -6.18
N ILE A 167 -22.57 -15.82 -5.00
CA ILE A 167 -21.64 -15.36 -3.95
C ILE A 167 -20.67 -16.48 -3.58
N PHE A 168 -21.23 -17.67 -3.28
CA PHE A 168 -20.45 -18.80 -2.83
C PHE A 168 -19.48 -19.32 -3.88
N ILE A 169 -19.93 -19.48 -5.15
CA ILE A 169 -19.04 -19.99 -6.18
C ILE A 169 -17.93 -19.03 -6.52
N MET A 170 -18.29 -17.76 -6.82
CA MET A 170 -17.33 -16.79 -7.27
C MET A 170 -16.28 -16.55 -6.24
N LEU A 171 -16.66 -16.60 -4.95
CA LEU A 171 -15.70 -16.44 -3.86
C LEU A 171 -14.76 -17.64 -3.76
N LEU A 172 -15.27 -18.85 -4.03
CA LEU A 172 -14.45 -20.05 -4.04
C LEU A 172 -13.43 -19.95 -5.20
N LEU A 173 -13.86 -19.43 -6.35
CA LEU A 173 -13.03 -19.27 -7.54
C LEU A 173 -12.00 -18.14 -7.42
N GLU A 174 -12.41 -17.00 -6.82
CA GLU A 174 -11.55 -15.83 -6.55
C GLU A 174 -10.43 -16.25 -5.59
N LEU A 175 -10.79 -16.99 -4.53
CA LEU A 175 -9.85 -17.46 -3.51
C LEU A 175 -9.09 -18.75 -3.91
N ASN A 176 -9.21 -19.17 -5.19
CA ASN A 176 -8.51 -20.34 -5.72
C ASN A 176 -7.32 -19.93 -6.58
N ALA A 177 -7.46 -18.78 -7.29
CA ALA A 177 -6.43 -18.20 -8.15
C ALA A 177 -5.21 -17.74 -7.33
N LEU A 182 0.49 -20.85 -0.73
CA LEU A 182 -0.67 -20.80 0.14
C LEU A 182 -1.49 -22.09 -0.05
N GLU A 183 -0.80 -23.26 -0.02
CA GLU A 183 -1.31 -24.66 -0.18
C GLU A 183 -2.01 -25.16 1.11
N THR A 184 -1.57 -24.57 2.25
CA THR A 184 -2.05 -24.74 3.63
C THR A 184 -3.28 -23.80 3.79
N ILE A 185 -3.13 -22.49 3.42
CA ILE A 185 -4.17 -21.46 3.41
C ILE A 185 -5.30 -21.88 2.47
N ASN A 186 -4.95 -22.60 1.38
CA ASN A 186 -5.89 -23.18 0.43
C ASN A 186 -6.74 -24.23 1.17
N PHE A 187 -6.12 -25.07 2.05
CA PHE A 187 -6.87 -26.07 2.78
C PHE A 187 -7.83 -25.45 3.79
N GLN A 188 -7.37 -24.47 4.58
CA GLN A 188 -8.27 -23.82 5.53
C GLN A 188 -9.40 -23.06 4.82
N THR A 189 -9.17 -22.64 3.55
CA THR A 189 -10.20 -22.00 2.72
C THR A 189 -11.23 -23.07 2.39
N LEU A 190 -10.78 -24.25 1.93
CA LEU A 190 -11.68 -25.35 1.58
C LEU A 190 -12.45 -25.86 2.76
N THR A 191 -11.80 -25.96 3.93
CA THR A 191 -12.42 -26.37 5.18
C THR A 191 -13.49 -25.37 5.60
N ALA A 192 -13.28 -24.08 5.28
CA ALA A 192 -14.25 -23.02 5.56
C ALA A 192 -15.47 -23.19 4.62
N PHE A 193 -15.22 -23.47 3.31
CA PHE A 193 -16.28 -23.65 2.34
C PHE A 193 -17.08 -24.92 2.62
N CYS A 194 -16.41 -25.95 3.11
CA CYS A 194 -17.03 -27.23 3.47
C CYS A 194 -18.03 -27.08 4.60
N ASN A 195 -17.62 -26.45 5.74
CA ASN A 195 -18.49 -26.23 6.91
C ASN A 195 -19.74 -25.45 6.50
N THR A 196 -19.59 -24.50 5.57
CA THR A 196 -20.68 -23.70 5.01
C THR A 196 -21.64 -24.62 4.27
N PHE A 197 -21.10 -25.43 3.36
CA PHE A 197 -21.90 -26.35 2.58
C PHE A 197 -22.64 -27.30 3.48
N HIS A 198 -21.95 -27.84 4.51
CA HIS A 198 -22.60 -28.68 5.52
C HIS A 198 -23.76 -27.89 6.25
N ILE A 199 -23.50 -26.66 6.70
CA ILE A 199 -24.51 -25.82 7.38
C ILE A 199 -25.80 -25.64 6.50
N LEU A 200 -25.57 -25.52 5.19
CA LEU A 200 -26.54 -25.32 4.15
C LEU A 200 -26.95 -26.62 3.46
N ARG A 201 -26.77 -27.80 4.15
CA ARG A 201 -27.18 -29.13 3.65
C ARG A 201 -28.74 -29.10 3.42
N PRO A 202 -29.27 -29.75 2.37
CA PRO A 202 -30.71 -29.61 2.06
C PRO A 202 -31.72 -29.84 3.21
N THR A 203 -31.35 -30.51 4.31
CA THR A 203 -32.31 -30.74 5.39
C THR A 203 -32.45 -29.43 6.22
N LYS A 204 -31.45 -28.53 6.07
CA LYS A 204 -31.41 -27.22 6.71
C LYS A 204 -31.94 -26.17 5.74
N ALA A 205 -31.44 -26.16 4.52
CA ALA A 205 -31.83 -25.21 3.48
C ALA A 205 -32.37 -25.97 2.24
N PRO A 206 -33.65 -26.48 2.32
CA PRO A 206 -34.19 -27.26 1.19
C PRO A 206 -34.35 -26.47 -0.10
N GLY A 207 -34.67 -25.18 0.01
CA GLY A 207 -34.83 -24.32 -1.16
C GLY A 207 -33.53 -23.98 -1.86
N PHE A 208 -32.38 -24.46 -1.34
CA PHE A 208 -31.07 -24.18 -1.92
C PHE A 208 -30.40 -25.45 -2.47
N VAL A 209 -31.06 -26.61 -2.34
CA VAL A 209 -30.57 -27.93 -2.75
C VAL A 209 -29.97 -28.00 -4.20
N TYR A 210 -30.63 -27.41 -5.23
CA TYR A 210 -30.11 -27.44 -6.61
C TYR A 210 -28.82 -26.67 -6.71
N ALA A 211 -28.75 -25.50 -6.04
CA ALA A 211 -27.54 -24.68 -5.99
C ALA A 211 -26.44 -25.37 -5.15
N TRP A 212 -26.87 -26.06 -4.08
CA TRP A 212 -26.03 -26.80 -3.17
C TRP A 212 -25.36 -27.98 -3.89
N LEU A 213 -26.13 -28.78 -4.68
CA LEU A 213 -25.55 -29.90 -5.42
C LEU A 213 -24.62 -29.35 -6.48
N GLU A 214 -24.97 -28.16 -7.04
CA GLU A 214 -24.14 -27.48 -8.05
C GLU A 214 -22.83 -27.04 -7.41
N LEU A 215 -22.85 -26.69 -6.10
CA LEU A 215 -21.65 -26.27 -5.38
C LEU A 215 -20.77 -27.48 -5.06
N ILE A 216 -21.38 -28.46 -4.34
CA ILE A 216 -20.80 -29.73 -3.89
C ILE A 216 -20.13 -30.46 -5.01
N SER A 217 -20.72 -30.42 -6.22
CA SER A 217 -20.23 -31.10 -7.41
C SER A 217 -19.53 -30.17 -8.43
N HIS A 218 -19.06 -28.98 -8.03
CA HIS A 218 -18.37 -28.08 -8.98
C HIS A 218 -17.03 -28.69 -9.41
N ARG A 219 -16.65 -28.49 -10.71
CA ARG A 219 -15.40 -28.99 -11.29
C ARG A 219 -14.22 -28.67 -10.40
N ILE A 220 -14.10 -27.40 -9.95
CA ILE A 220 -13.04 -26.87 -9.08
C ILE A 220 -13.07 -27.46 -7.68
N PHE A 221 -14.28 -27.56 -7.09
CA PHE A 221 -14.48 -28.08 -5.76
C PHE A 221 -14.17 -29.58 -5.65
N ILE A 222 -14.65 -30.42 -6.59
CA ILE A 222 -14.30 -31.84 -6.57
C ILE A 222 -12.78 -31.92 -6.67
N ALA A 223 -12.16 -31.23 -7.68
CA ALA A 223 -10.72 -31.19 -7.97
C ALA A 223 -9.88 -30.96 -6.75
N ARG A 224 -10.15 -29.83 -6.07
CA ARG A 224 -9.45 -29.40 -4.86
C ARG A 224 -9.74 -30.35 -3.70
N MET A 225 -11.02 -30.69 -3.48
CA MET A 225 -11.41 -31.57 -2.39
C MET A 225 -10.90 -33.02 -2.46
N LEU A 226 -10.84 -33.61 -3.66
CA LEU A 226 -10.47 -35.01 -3.83
C LEU A 226 -9.11 -35.26 -4.44
N ALA A 227 -8.75 -34.57 -5.54
CA ALA A 227 -7.45 -34.81 -6.17
C ALA A 227 -6.27 -34.09 -5.51
N HIS A 228 -6.38 -32.77 -5.41
CA HIS A 228 -5.35 -31.89 -4.88
C HIS A 228 -5.58 -31.55 -3.41
N THR A 229 -5.56 -32.60 -2.57
CA THR A 229 -5.73 -32.45 -1.13
C THR A 229 -4.63 -33.24 -0.38
N PRO A 230 -4.01 -32.60 0.67
CA PRO A 230 -2.89 -33.25 1.39
C PRO A 230 -3.28 -34.51 2.14
N GLN A 231 -2.54 -35.63 1.93
CA GLN A 231 -2.77 -36.93 2.58
C GLN A 231 -4.26 -37.37 2.50
N GLN A 232 -4.99 -36.97 1.42
CA GLN A 232 -6.42 -37.22 1.23
C GLN A 232 -7.24 -36.74 2.44
N LYS A 233 -6.94 -35.52 2.99
CA LYS A 233 -7.60 -34.90 4.15
C LYS A 233 -9.01 -34.45 3.83
N GLY A 234 -9.24 -34.17 2.56
CA GLY A 234 -10.54 -33.72 2.08
C GLY A 234 -11.52 -34.86 1.94
N TRP A 235 -11.00 -36.09 1.66
CA TRP A 235 -11.81 -37.29 1.48
C TRP A 235 -12.86 -37.49 2.60
N PRO A 236 -12.53 -37.43 3.91
CA PRO A 236 -13.59 -37.57 4.93
C PRO A 236 -14.64 -36.43 4.93
N MET A 237 -14.20 -35.18 4.68
CA MET A 237 -15.06 -34.00 4.63
C MET A 237 -16.01 -34.05 3.46
N TYR A 238 -15.49 -34.42 2.27
CA TYR A 238 -16.32 -34.51 1.10
C TYR A 238 -17.34 -35.59 1.33
N ALA A 239 -16.86 -36.75 1.88
CA ALA A 239 -17.74 -37.89 2.17
C ALA A 239 -18.88 -37.49 3.09
N GLN A 240 -18.67 -36.50 4.01
CA GLN A 240 -19.74 -35.99 4.86
C GLN A 240 -20.84 -35.33 4.02
N LEU A 241 -20.45 -34.44 3.06
CA LEU A 241 -21.33 -33.71 2.16
C LEU A 241 -22.23 -34.66 1.37
N LEU A 242 -21.66 -35.75 0.84
CA LEU A 242 -22.44 -36.75 0.13
C LEU A 242 -23.44 -37.44 1.08
N ILE A 243 -23.01 -37.77 2.33
CA ILE A 243 -23.88 -38.37 3.32
C ILE A 243 -25.07 -37.44 3.58
N ASP A 244 -24.82 -36.12 3.69
CA ASP A 244 -25.87 -35.10 3.83
C ASP A 244 -26.89 -35.15 2.68
N LEU A 245 -26.40 -35.41 1.47
CA LEU A 245 -27.26 -35.48 0.31
C LEU A 245 -28.09 -36.75 0.37
N PHE A 246 -27.45 -37.90 0.71
CA PHE A 246 -28.16 -39.18 0.81
C PHE A 246 -29.11 -39.19 2.00
N LYS A 247 -28.74 -38.52 3.13
CA LYS A 247 -29.59 -38.42 4.31
C LYS A 247 -30.87 -37.68 3.95
N TYR A 248 -30.73 -36.62 3.11
CA TYR A 248 -31.85 -35.78 2.66
C TYR A 248 -32.84 -36.53 1.78
N LEU A 249 -32.29 -37.22 0.75
CA LEU A 249 -33.05 -37.94 -0.26
C LEU A 249 -33.74 -39.17 0.28
N ALA A 250 -33.11 -39.82 1.27
CA ALA A 250 -33.56 -41.07 1.85
C ALA A 250 -35.09 -41.16 2.13
N PRO A 251 -35.75 -40.28 2.91
CA PRO A 251 -37.20 -40.46 3.11
C PRO A 251 -38.06 -40.45 1.87
N PHE A 252 -37.63 -39.74 0.83
CA PHE A 252 -38.38 -39.56 -0.42
C PHE A 252 -38.24 -40.74 -1.35
N LEU A 253 -37.02 -41.30 -1.43
CA LEU A 253 -36.63 -42.47 -2.19
C LEU A 253 -37.31 -43.69 -1.57
N ARG A 254 -37.19 -43.83 -0.25
CA ARG A 254 -37.81 -44.88 0.57
C ARG A 254 -39.33 -44.90 0.29
N ASN A 255 -39.99 -43.76 0.44
CA ASN A 255 -41.44 -43.64 0.23
C ASN A 255 -41.93 -43.73 -1.21
N VAL A 256 -41.00 -43.71 -2.20
CA VAL A 256 -41.36 -43.71 -3.64
C VAL A 256 -42.19 -42.40 -3.94
N GLU A 257 -41.99 -41.39 -3.05
CA GLU A 257 -42.57 -40.04 -3.13
C GLU A 257 -41.61 -39.14 -3.98
N LEU A 258 -41.55 -39.50 -5.30
CA LEU A 258 -40.68 -38.87 -6.29
C LEU A 258 -41.39 -37.98 -7.29
N THR A 259 -41.44 -36.71 -6.93
CA THR A 259 -42.00 -35.61 -7.68
C THR A 259 -41.05 -35.31 -8.84
N LYS A 260 -41.49 -34.51 -9.86
CA LYS A 260 -40.59 -34.15 -10.96
C LYS A 260 -39.32 -33.49 -10.37
N PRO A 261 -39.43 -32.52 -9.42
CA PRO A 261 -38.22 -31.96 -8.83
C PRO A 261 -37.33 -33.01 -8.15
N MET A 262 -37.91 -34.04 -7.51
CA MET A 262 -37.12 -35.08 -6.89
C MET A 262 -36.39 -35.96 -7.91
N GLN A 263 -37.07 -36.35 -9.00
CA GLN A 263 -36.49 -37.12 -10.10
C GLN A 263 -35.29 -36.38 -10.66
N ILE A 264 -35.41 -35.03 -10.81
CA ILE A 264 -34.35 -34.14 -11.29
C ILE A 264 -33.18 -34.10 -10.29
N LEU A 265 -33.46 -34.04 -8.97
CA LEU A 265 -32.39 -34.08 -7.99
C LEU A 265 -31.69 -35.44 -7.96
N TYR A 266 -32.47 -36.57 -8.01
CA TYR A 266 -31.96 -37.94 -8.02
C TYR A 266 -31.05 -38.19 -9.25
N LYS A 267 -31.47 -37.67 -10.42
CA LYS A 267 -30.69 -37.84 -11.62
C LYS A 267 -29.35 -37.06 -11.57
N GLY A 268 -29.34 -35.95 -10.86
CA GLY A 268 -28.16 -35.14 -10.63
C GLY A 268 -27.21 -35.90 -9.75
N THR A 269 -27.77 -36.55 -8.70
CA THR A 269 -27.05 -37.42 -7.76
C THR A 269 -26.39 -38.55 -8.55
N LEU A 270 -27.14 -39.15 -9.48
CA LEU A 270 -26.57 -40.19 -10.34
C LEU A 270 -25.40 -39.67 -11.15
N ARG A 271 -25.54 -38.48 -11.79
CA ARG A 271 -24.46 -37.90 -12.58
C ARG A 271 -23.22 -37.60 -11.72
N VAL A 272 -23.43 -37.05 -10.51
CA VAL A 272 -22.31 -36.78 -9.59
C VAL A 272 -21.59 -38.09 -9.24
N LEU A 273 -22.33 -39.09 -8.75
CA LEU A 273 -21.71 -40.35 -8.40
C LEU A 273 -21.06 -41.07 -9.56
N LEU A 274 -21.64 -41.02 -10.77
CA LEU A 274 -21.01 -41.63 -11.93
C LEU A 274 -19.61 -41.04 -12.17
N VAL A 275 -19.49 -39.69 -11.98
CA VAL A 275 -18.24 -38.92 -12.14
C VAL A 275 -17.25 -39.40 -11.08
N LEU A 276 -17.72 -39.52 -9.81
CA LEU A 276 -16.93 -40.00 -8.68
C LEU A 276 -16.47 -41.45 -8.92
N LEU A 277 -17.39 -42.35 -9.35
CA LEU A 277 -17.09 -43.76 -9.69
C LEU A 277 -15.98 -43.86 -10.73
N HIS A 278 -16.06 -43.03 -11.78
CA HIS A 278 -15.11 -43.02 -12.85
C HIS A 278 -13.75 -42.39 -12.44
N ASP A 279 -13.74 -41.28 -11.72
CA ASP A 279 -12.50 -40.56 -11.41
C ASP A 279 -11.81 -40.91 -10.10
N PHE A 280 -12.62 -41.17 -9.05
CA PHE A 280 -12.14 -41.46 -7.69
C PHE A 280 -12.80 -42.74 -7.19
N PRO A 281 -12.59 -43.90 -7.86
CA PRO A 281 -13.26 -45.13 -7.41
C PRO A 281 -12.81 -45.63 -6.03
N GLU A 282 -11.59 -45.28 -5.63
CA GLU A 282 -11.01 -45.65 -4.34
C GLU A 282 -11.67 -44.84 -3.23
N PHE A 283 -12.16 -43.62 -3.57
CA PHE A 283 -12.89 -42.77 -2.61
C PHE A 283 -14.21 -43.44 -2.25
N LEU A 284 -14.95 -43.91 -3.26
CA LEU A 284 -16.26 -44.53 -3.09
C LEU A 284 -16.17 -45.84 -2.40
N CYS A 285 -15.04 -46.53 -2.64
CA CYS A 285 -14.65 -47.83 -2.10
C CYS A 285 -14.45 -47.70 -0.60
N ASP A 286 -13.70 -46.66 -0.18
CA ASP A 286 -13.33 -46.40 1.21
C ASP A 286 -14.52 -46.04 2.08
N TYR A 287 -15.43 -45.19 1.54
CA TYR A 287 -16.59 -44.71 2.26
C TYR A 287 -17.86 -45.43 1.88
N HIS A 288 -17.74 -46.65 1.33
CA HIS A 288 -18.92 -47.39 0.93
C HIS A 288 -19.83 -47.77 2.08
N TYR A 289 -19.29 -48.12 3.30
CA TYR A 289 -20.14 -48.51 4.43
C TYR A 289 -21.02 -47.34 4.87
N GLY A 290 -20.39 -46.17 5.00
CA GLY A 290 -21.05 -44.95 5.40
C GLY A 290 -22.21 -44.58 4.49
N PHE A 291 -21.94 -44.61 3.15
CA PHE A 291 -22.95 -44.29 2.16
C PHE A 291 -24.07 -45.34 2.19
N CYS A 292 -23.73 -46.63 2.36
CA CYS A 292 -24.73 -47.71 2.40
C CYS A 292 -25.66 -47.67 3.57
N ASP A 293 -25.18 -47.12 4.70
CA ASP A 293 -26.01 -46.99 5.89
C ASP A 293 -27.13 -45.96 5.74
N VAL A 294 -26.98 -44.98 4.79
CA VAL A 294 -27.94 -43.91 4.55
C VAL A 294 -28.80 -44.08 3.30
N ILE A 295 -28.33 -44.81 2.31
CA ILE A 295 -29.13 -45.02 1.10
C ILE A 295 -30.17 -46.10 1.42
N PRO A 296 -31.49 -45.83 1.17
CA PRO A 296 -32.51 -46.84 1.47
C PRO A 296 -32.36 -48.11 0.62
N PRO A 297 -32.66 -49.29 1.22
CA PRO A 297 -32.49 -50.57 0.49
C PRO A 297 -33.17 -50.71 -0.87
N ASN A 298 -34.08 -49.79 -1.20
CA ASN A 298 -34.80 -49.88 -2.47
C ASN A 298 -34.05 -49.26 -3.63
N CYS A 299 -33.06 -48.35 -3.36
CA CYS A 299 -32.25 -47.67 -4.39
C CYS A 299 -31.16 -48.59 -4.81
N ILE A 300 -31.52 -49.56 -5.66
CA ILE A 300 -30.66 -50.63 -6.15
C ILE A 300 -29.44 -50.11 -6.87
N GLN A 301 -29.68 -49.31 -7.94
CA GLN A 301 -28.67 -48.75 -8.85
C GLN A 301 -27.75 -47.78 -8.16
N LEU A 302 -28.32 -46.81 -7.42
CA LEU A 302 -27.54 -45.79 -6.69
C LEU A 302 -26.55 -46.47 -5.77
N ARG A 303 -27.01 -47.50 -5.04
CA ARG A 303 -26.16 -48.26 -4.17
C ARG A 303 -25.16 -49.10 -4.96
N ASN A 304 -25.58 -49.64 -6.12
CA ASN A 304 -24.70 -50.44 -6.97
C ASN A 304 -23.53 -49.58 -7.42
N LEU A 305 -23.74 -48.26 -7.64
CA LEU A 305 -22.65 -47.36 -8.04
C LEU A 305 -21.59 -47.40 -6.96
N ILE A 306 -21.99 -47.29 -5.69
CA ILE A 306 -21.04 -47.34 -4.58
C ILE A 306 -20.35 -48.72 -4.46
N LEU A 307 -21.14 -49.78 -4.52
CA LEU A 307 -20.70 -51.15 -4.35
C LEU A 307 -19.92 -51.72 -5.54
N SER A 308 -19.92 -51.01 -6.70
CA SER A 308 -19.20 -51.39 -7.92
C SER A 308 -17.80 -50.80 -8.04
N ALA A 309 -17.54 -49.75 -7.26
CA ALA A 309 -16.22 -49.09 -7.21
C ALA A 309 -15.21 -50.08 -6.70
N PHE A 310 -14.05 -50.13 -7.34
CA PHE A 310 -13.00 -51.04 -6.91
C PHE A 310 -11.67 -50.35 -7.08
N PRO A 311 -10.64 -50.70 -6.23
CA PRO A 311 -9.35 -50.04 -6.36
C PRO A 311 -8.85 -50.03 -7.78
N ARG A 312 -8.38 -48.87 -8.26
CA ARG A 312 -7.89 -48.73 -9.63
C ARG A 312 -6.66 -49.60 -9.86
N ASN A 313 -6.42 -49.97 -11.13
CA ASN A 313 -5.26 -50.79 -11.52
C ASN A 313 -5.40 -52.17 -10.83
N MET A 314 -6.58 -52.77 -10.99
CA MET A 314 -6.92 -54.05 -10.40
C MET A 314 -7.65 -54.92 -11.42
N ARG A 315 -7.05 -56.07 -11.78
CA ARG A 315 -7.62 -57.04 -12.71
C ARG A 315 -8.79 -57.75 -12.00
N LEU A 316 -9.98 -57.76 -12.63
CA LEU A 316 -11.19 -58.41 -12.10
C LEU A 316 -11.62 -59.41 -13.13
N PRO A 317 -11.46 -60.73 -12.86
CA PRO A 317 -11.89 -61.76 -13.82
C PRO A 317 -13.32 -61.56 -14.30
N ASP A 318 -13.65 -61.99 -15.53
CA ASP A 318 -15.02 -61.83 -15.99
C ASP A 318 -15.86 -62.88 -15.24
N PRO A 319 -16.88 -62.49 -14.43
CA PRO A 319 -17.61 -63.48 -13.63
C PRO A 319 -18.20 -64.67 -14.38
N PHE A 320 -18.42 -64.50 -15.70
CA PHE A 320 -18.96 -65.55 -16.53
C PHE A 320 -17.92 -66.55 -16.98
N THR A 321 -16.67 -66.10 -17.30
CA THR A 321 -15.55 -66.97 -17.76
C THR A 321 -15.67 -68.41 -17.24
N PRO A 322 -15.88 -69.37 -18.18
CA PRO A 322 -16.10 -70.77 -17.78
C PRO A 322 -14.98 -71.37 -16.95
N ASN A 323 -15.37 -72.19 -15.96
CA ASN A 323 -14.47 -72.88 -15.01
C ASN A 323 -13.56 -71.87 -14.24
N LEU A 324 -14.12 -70.70 -13.87
CA LEU A 324 -13.42 -69.68 -13.09
C LEU A 324 -13.31 -70.25 -11.66
N LYS A 325 -12.07 -70.41 -11.18
CA LYS A 325 -11.84 -70.87 -9.81
C LYS A 325 -11.44 -69.63 -8.99
N VAL A 326 -12.36 -69.16 -8.12
CA VAL A 326 -12.23 -67.93 -7.33
C VAL A 326 -11.19 -68.05 -6.20
N ASP A 327 -11.06 -69.25 -5.60
CA ASP A 327 -10.10 -69.51 -4.53
C ASP A 327 -8.66 -69.16 -4.96
N MET A 328 -8.30 -69.46 -6.24
CA MET A 328 -7.02 -69.18 -6.92
C MET A 328 -6.59 -67.75 -6.72
N LEU A 329 -7.54 -66.81 -6.89
CA LEU A 329 -7.29 -65.37 -6.80
C LEU A 329 -6.57 -65.03 -5.54
N SER A 330 -5.39 -64.46 -5.66
CA SER A 330 -4.58 -64.10 -4.50
C SER A 330 -5.21 -62.93 -3.73
N GLU A 331 -6.13 -62.22 -4.38
CA GLU A 331 -6.83 -61.08 -3.84
C GLU A 331 -7.86 -61.48 -2.80
N ILE A 332 -8.49 -62.68 -2.92
CA ILE A 332 -9.56 -63.17 -2.02
C ILE A 332 -9.12 -63.34 -0.54
N ASN A 333 -7.82 -63.17 -0.21
CA ASN A 333 -7.31 -63.29 1.16
C ASN A 333 -6.99 -61.92 1.76
N ILE A 334 -6.91 -60.89 0.91
CA ILE A 334 -6.60 -59.51 1.31
C ILE A 334 -7.89 -58.82 1.67
N ALA A 335 -7.99 -58.21 2.86
CA ALA A 335 -9.26 -57.52 3.24
C ALA A 335 -9.41 -56.13 2.63
N PRO A 336 -10.65 -55.64 2.39
CA PRO A 336 -10.80 -54.27 1.88
C PRO A 336 -10.62 -53.24 2.99
N ARG A 337 -10.46 -51.96 2.60
CA ARG A 337 -10.27 -50.84 3.53
C ARG A 337 -11.63 -50.27 3.95
N ILE A 338 -11.83 -50.08 5.27
CA ILE A 338 -13.10 -49.51 5.78
C ILE A 338 -12.80 -48.29 6.69
N LEU A 339 -13.12 -47.10 6.13
CA LEU A 339 -12.92 -45.79 6.73
C LEU A 339 -14.13 -45.27 7.54
N THR A 340 -15.09 -46.17 7.83
CA THR A 340 -16.28 -45.86 8.64
C THR A 340 -16.22 -46.84 9.83
N ASN A 341 -15.95 -46.35 11.07
CA ASN A 341 -15.86 -47.23 12.24
C ASN A 341 -17.24 -47.66 12.69
N PHE A 342 -17.78 -48.62 11.93
CA PHE A 342 -19.10 -49.27 11.99
C PHE A 342 -19.46 -49.89 13.33
N THR A 343 -18.47 -50.39 14.08
CA THR A 343 -18.61 -50.99 15.41
C THR A 343 -19.37 -50.08 16.38
N GLY A 344 -19.32 -48.76 16.11
CA GLY A 344 -19.94 -47.68 16.87
C GLY A 344 -21.44 -47.75 17.07
N VAL A 345 -22.19 -48.17 16.02
CA VAL A 345 -23.66 -48.32 16.06
C VAL A 345 -24.06 -49.20 17.25
N MET A 346 -23.23 -50.23 17.52
CA MET A 346 -23.45 -51.22 18.56
C MET A 346 -23.38 -50.62 19.95
N PRO A 347 -24.48 -50.78 20.74
CA PRO A 347 -24.45 -50.31 22.14
C PRO A 347 -23.37 -51.10 22.88
N PRO A 348 -22.48 -50.42 23.66
CA PRO A 348 -21.38 -51.12 24.34
C PRO A 348 -21.73 -52.41 25.07
N GLN A 349 -22.93 -52.53 25.68
CA GLN A 349 -23.27 -53.79 26.33
C GLN A 349 -23.50 -54.89 25.29
N PHE A 350 -24.15 -54.54 24.16
CA PHE A 350 -24.46 -55.44 23.04
C PHE A 350 -23.19 -56.06 22.45
N LYS A 351 -22.17 -55.23 22.07
CA LYS A 351 -20.88 -55.71 21.54
C LYS A 351 -20.18 -56.60 22.55
N LYS A 352 -20.24 -56.21 23.85
CA LYS A 352 -19.66 -56.96 24.98
C LYS A 352 -20.29 -58.37 25.04
N ASP A 353 -21.65 -58.44 24.93
CA ASP A 353 -22.43 -59.69 24.93
C ASP A 353 -22.11 -60.53 23.70
N LEU A 354 -21.99 -59.85 22.53
CA LEU A 354 -21.72 -60.44 21.22
C LEU A 354 -20.39 -61.15 21.18
N ASP A 355 -19.31 -60.42 21.61
CA ASP A 355 -17.95 -60.95 21.70
C ASP A 355 -17.88 -62.15 22.63
N SER A 356 -18.69 -62.13 23.73
CA SER A 356 -18.79 -63.26 24.64
C SER A 356 -19.40 -64.46 23.89
N TYR A 357 -20.45 -64.22 23.05
CA TYR A 357 -21.02 -65.32 22.25
C TYR A 357 -19.99 -65.89 21.25
N LEU A 358 -19.31 -65.01 20.50
CA LEU A 358 -18.34 -65.41 19.47
C LEU A 358 -17.21 -66.31 19.97
N LYS A 359 -16.72 -66.11 21.21
CA LYS A 359 -15.65 -66.96 21.70
C LYS A 359 -16.16 -68.14 22.54
N THR A 360 -17.10 -67.89 23.46
CA THR A 360 -17.61 -68.90 24.38
C THR A 360 -18.75 -69.76 23.80
N ARG A 361 -19.49 -69.24 22.79
CA ARG A 361 -20.66 -69.87 22.14
C ARG A 361 -21.79 -70.07 23.18
N SER A 362 -21.77 -69.22 24.22
CA SER A 362 -22.68 -69.20 25.36
C SER A 362 -22.93 -67.75 25.78
N PRO A 363 -24.18 -67.45 26.18
CA PRO A 363 -25.33 -68.37 26.35
C PRO A 363 -26.27 -68.39 25.13
N VAL A 364 -27.14 -69.43 25.02
CA VAL A 364 -28.11 -69.54 23.91
C VAL A 364 -29.14 -68.39 23.99
N THR A 365 -29.30 -67.81 25.21
CA THR A 365 -30.18 -66.66 25.46
C THR A 365 -29.73 -65.44 24.61
N PHE A 366 -28.51 -65.49 24.02
CA PHE A 366 -28.03 -64.42 23.16
C PHE A 366 -28.76 -64.40 21.82
N LEU A 367 -28.89 -65.57 21.16
CA LEU A 367 -29.53 -65.68 19.84
C LEU A 367 -31.02 -65.27 19.87
N SER A 368 -31.75 -65.81 20.87
CA SER A 368 -33.16 -65.50 21.15
C SER A 368 -33.39 -63.99 21.37
N ASP A 369 -32.47 -63.35 22.14
CA ASP A 369 -32.53 -61.92 22.41
C ASP A 369 -32.10 -61.06 21.23
N LEU A 370 -31.07 -61.50 20.50
CA LEU A 370 -30.50 -60.82 19.33
C LEU A 370 -31.57 -60.25 18.37
N ARG A 371 -32.56 -61.10 18.01
CA ARG A 371 -33.68 -60.75 17.14
C ARG A 371 -34.45 -59.54 17.65
N SER A 372 -34.61 -59.47 19.00
CA SER A 372 -35.34 -58.39 19.70
C SER A 372 -34.44 -57.18 19.82
N ASN A 373 -33.12 -57.38 19.99
CA ASN A 373 -32.16 -56.29 20.11
C ASN A 373 -32.03 -55.52 18.80
N LEU A 374 -32.33 -56.18 17.66
CA LEU A 374 -32.25 -55.58 16.32
C LEU A 374 -33.52 -54.80 15.93
N GLN A 375 -34.59 -55.05 16.71
CA GLN A 375 -35.87 -54.40 16.57
C GLN A 375 -35.81 -53.02 17.23
N VAL A 376 -36.46 -52.05 16.58
CA VAL A 376 -36.62 -50.66 17.02
C VAL A 376 -38.08 -50.28 16.61
N SER A 377 -39.07 -50.97 17.26
CA SER A 377 -40.53 -50.77 17.09
C SER A 377 -41.01 -49.53 17.90
N ASN A 378 -40.03 -48.88 18.57
CA ASN A 378 -40.13 -47.63 19.33
C ASN A 378 -40.38 -46.52 18.31
N GLU A 379 -39.46 -46.42 17.32
CA GLU A 379 -39.47 -45.48 16.22
C GLU A 379 -40.63 -45.86 15.27
N PRO A 380 -41.34 -44.88 14.68
CA PRO A 380 -42.47 -45.24 13.81
C PRO A 380 -42.09 -45.59 12.37
N GLY A 381 -42.82 -46.58 11.82
CA GLY A 381 -42.70 -47.04 10.43
C GLY A 381 -41.48 -47.85 10.02
N ASN A 382 -40.47 -47.99 10.90
CA ASN A 382 -39.30 -48.79 10.53
C ASN A 382 -39.29 -50.16 11.22
N ARG A 383 -39.55 -50.22 12.56
CA ARG A 383 -39.53 -51.41 13.45
C ARG A 383 -38.20 -52.20 13.45
N TYR A 384 -37.18 -51.72 12.72
CA TYR A 384 -35.87 -52.34 12.62
C TYR A 384 -34.78 -51.31 12.58
N ASN A 385 -33.71 -51.52 13.40
CA ASN A 385 -32.52 -50.67 13.46
C ASN A 385 -31.56 -51.16 12.40
N LEU A 386 -31.82 -50.70 11.20
CA LEU A 386 -31.13 -51.02 9.96
C LEU A 386 -29.61 -50.91 10.10
N GLN A 387 -29.16 -49.76 10.63
CA GLN A 387 -27.78 -49.38 10.87
C GLN A 387 -27.09 -50.40 11.75
N LEU A 388 -27.81 -50.92 12.76
CA LEU A 388 -27.33 -51.96 13.66
C LEU A 388 -27.26 -53.32 12.95
N ILE A 389 -28.24 -53.66 12.07
CA ILE A 389 -28.21 -54.93 11.32
C ILE A 389 -26.91 -54.96 10.50
N ASN A 390 -26.67 -53.85 9.79
CA ASN A 390 -25.48 -53.63 8.96
C ASN A 390 -24.14 -53.86 9.73
N ALA A 391 -24.03 -53.29 10.95
CA ALA A 391 -22.86 -53.35 11.81
C ALA A 391 -22.64 -54.76 12.36
N LEU A 392 -23.71 -55.41 12.81
CA LEU A 392 -23.64 -56.78 13.32
C LEU A 392 -23.08 -57.71 12.23
N VAL A 393 -23.70 -57.71 11.03
CA VAL A 393 -23.33 -58.53 9.87
C VAL A 393 -21.84 -58.33 9.50
N LEU A 394 -21.41 -57.06 9.27
CA LEU A 394 -20.03 -56.76 8.90
C LEU A 394 -19.09 -57.16 9.98
N TYR A 395 -19.41 -56.83 11.26
CA TYR A 395 -18.58 -57.19 12.40
C TYR A 395 -18.43 -58.69 12.56
N VAL A 396 -19.56 -59.44 12.61
CA VAL A 396 -19.56 -60.89 12.75
C VAL A 396 -18.65 -61.55 11.69
N GLY A 397 -18.83 -61.15 10.42
CA GLY A 397 -18.02 -61.65 9.30
C GLY A 397 -16.54 -61.41 9.46
N THR A 398 -16.15 -60.14 9.75
CA THR A 398 -14.77 -59.72 9.94
C THR A 398 -14.09 -60.49 11.07
N GLN A 399 -14.84 -60.66 12.18
CA GLN A 399 -14.41 -61.45 13.34
C GLN A 399 -14.20 -62.93 12.89
N ALA A 400 -15.12 -63.43 12.02
CA ALA A 400 -15.07 -64.78 11.49
C ALA A 400 -13.86 -65.00 10.59
N ILE A 401 -13.52 -64.01 9.72
CA ILE A 401 -12.34 -64.07 8.83
C ILE A 401 -11.08 -64.15 9.71
N ALA A 402 -11.00 -63.28 10.74
CA ALA A 402 -9.88 -63.26 11.67
C ALA A 402 -9.74 -64.58 12.43
N HIS A 403 -10.87 -65.15 12.89
CA HIS A 403 -10.91 -66.40 13.63
C HIS A 403 -10.39 -67.62 12.82
N ILE A 404 -10.77 -67.68 11.54
CA ILE A 404 -10.35 -68.72 10.61
C ILE A 404 -8.85 -68.52 10.33
N HIS A 405 -8.42 -67.25 10.08
CA HIS A 405 -7.01 -66.89 9.81
C HIS A 405 -6.14 -67.28 10.98
N ASN A 406 -6.65 -67.06 12.21
CA ASN A 406 -5.96 -67.44 13.44
C ASN A 406 -5.79 -68.97 13.51
N LYS A 407 -6.85 -69.74 13.16
CA LYS A 407 -6.89 -71.22 13.12
C LYS A 407 -5.95 -71.83 12.06
N GLY A 408 -5.32 -70.97 11.24
CA GLY A 408 -4.37 -71.38 10.20
C GLY A 408 -4.96 -71.73 8.85
N SER A 409 -6.29 -71.64 8.71
CA SER A 409 -7.01 -71.94 7.48
C SER A 409 -7.48 -70.63 6.83
N THR A 410 -8.22 -70.70 5.72
CA THR A 410 -8.71 -69.49 5.05
C THR A 410 -10.22 -69.58 4.76
N PRO A 411 -10.96 -68.45 4.91
CA PRO A 411 -12.42 -68.49 4.64
C PRO A 411 -12.79 -69.28 3.38
N SER A 412 -13.40 -70.44 3.59
CA SER A 412 -13.82 -71.34 2.53
C SER A 412 -15.21 -71.81 2.86
N MET A 413 -15.88 -72.39 1.87
CA MET A 413 -17.22 -72.93 2.02
C MET A 413 -17.38 -73.89 3.24
N SER A 414 -16.27 -74.48 3.70
CA SER A 414 -16.25 -75.42 4.81
C SER A 414 -15.77 -74.76 6.12
N THR A 415 -14.73 -73.91 6.04
CA THR A 415 -14.12 -73.26 7.22
C THR A 415 -15.01 -72.19 7.84
N ILE A 416 -15.99 -71.66 7.07
CA ILE A 416 -16.93 -70.62 7.51
C ILE A 416 -18.14 -71.19 8.31
N THR A 417 -18.46 -72.46 8.08
CA THR A 417 -19.56 -73.17 8.71
C THR A 417 -19.19 -73.66 10.11
N HIS A 418 -20.25 -73.90 10.93
CA HIS A 418 -20.18 -74.45 12.30
C HIS A 418 -19.26 -73.68 13.24
N SER A 419 -19.30 -72.36 13.14
CA SER A 419 -18.59 -71.46 14.03
C SER A 419 -19.66 -70.68 14.78
N ALA A 420 -19.31 -70.09 15.92
CA ALA A 420 -20.24 -69.28 16.70
C ALA A 420 -20.77 -68.13 15.83
N HIS A 421 -19.97 -67.70 14.86
CA HIS A 421 -20.28 -66.65 13.89
C HIS A 421 -21.44 -67.09 13.03
N MET A 422 -21.33 -68.28 12.42
CA MET A 422 -22.36 -68.83 11.54
C MET A 422 -23.68 -69.11 12.27
N ASP A 423 -23.61 -69.42 13.57
CA ASP A 423 -24.78 -69.66 14.43
C ASP A 423 -25.68 -68.42 14.51
N ILE A 424 -25.05 -67.23 14.55
CA ILE A 424 -25.72 -65.92 14.55
C ILE A 424 -26.43 -65.74 13.18
N PHE A 425 -25.66 -65.89 12.07
CA PHE A 425 -26.17 -65.74 10.71
C PHE A 425 -27.33 -66.71 10.43
N GLN A 426 -27.13 -68.02 10.76
CA GLN A 426 -28.12 -69.07 10.59
C GLN A 426 -29.32 -68.79 11.45
N ASN A 427 -29.11 -68.29 12.69
CA ASN A 427 -30.26 -67.98 13.54
C ASN A 427 -31.06 -66.84 12.94
N LEU A 428 -30.38 -65.76 12.50
CA LEU A 428 -31.06 -64.60 11.92
C LEU A 428 -31.88 -64.98 10.70
N ALA A 429 -31.39 -65.94 9.87
CA ALA A 429 -32.15 -66.38 8.71
C ALA A 429 -33.45 -67.08 9.16
N VAL A 430 -33.35 -67.99 10.12
CA VAL A 430 -34.55 -68.71 10.59
C VAL A 430 -35.52 -67.84 11.46
N ASP A 431 -34.99 -67.18 12.51
CA ASP A 431 -35.70 -66.45 13.55
C ASP A 431 -36.16 -65.01 13.13
N LEU A 432 -35.71 -64.44 12.00
CA LEU A 432 -36.26 -63.12 11.61
C LEU A 432 -37.53 -63.31 10.73
N ASP A 433 -38.38 -62.25 10.60
CA ASP A 433 -39.58 -62.28 9.76
C ASP A 433 -39.17 -61.79 8.36
N THR A 434 -40.02 -61.95 7.33
CA THR A 434 -39.74 -61.52 5.95
C THR A 434 -39.05 -60.18 5.88
N GLU A 435 -39.50 -59.17 6.67
CA GLU A 435 -38.86 -57.85 6.64
C GLU A 435 -37.46 -57.91 7.25
N GLY A 436 -37.37 -58.58 8.40
CA GLY A 436 -36.12 -58.75 9.12
C GLY A 436 -35.09 -59.36 8.23
N ARG A 437 -35.42 -60.57 7.72
CA ARG A 437 -34.61 -61.39 6.81
C ARG A 437 -34.18 -60.59 5.60
N TYR A 438 -35.10 -59.80 4.97
CA TYR A 438 -34.78 -58.92 3.83
C TYR A 438 -33.65 -57.96 4.20
N LEU A 439 -33.77 -57.28 5.36
CA LEU A 439 -32.74 -56.31 5.74
C LEU A 439 -31.40 -56.98 5.98
N PHE A 440 -31.46 -58.12 6.70
CA PHE A 440 -30.33 -58.97 7.04
C PHE A 440 -29.58 -59.42 5.78
N LEU A 441 -30.30 -59.97 4.79
CA LEU A 441 -29.70 -60.45 3.55
C LEU A 441 -29.05 -59.31 2.75
N ASN A 442 -29.68 -58.10 2.76
CA ASN A 442 -29.15 -56.91 2.08
C ASN A 442 -27.80 -56.51 2.70
N ALA A 443 -27.67 -56.66 4.04
CA ALA A 443 -26.46 -56.34 4.79
C ALA A 443 -25.31 -57.25 4.37
N ILE A 444 -25.63 -58.49 3.92
CA ILE A 444 -24.64 -59.48 3.44
C ILE A 444 -24.24 -59.10 2.01
N ALA A 445 -25.24 -58.86 1.13
CA ALA A 445 -25.10 -58.49 -0.28
C ALA A 445 -24.24 -57.22 -0.52
N ASN A 446 -24.27 -56.27 0.45
CA ASN A 446 -23.50 -55.03 0.42
C ASN A 446 -22.00 -55.28 0.60
N GLN A 447 -21.60 -56.56 0.77
CA GLN A 447 -20.21 -56.94 1.00
C GLN A 447 -19.71 -57.71 -0.18
N LEU A 448 -20.64 -58.12 -1.05
CA LEU A 448 -20.31 -58.83 -2.30
C LEU A 448 -19.90 -57.74 -3.32
N ARG A 449 -18.60 -57.45 -3.31
CA ARG A 449 -17.98 -56.43 -4.15
C ARG A 449 -16.77 -57.00 -4.91
N TYR A 450 -15.66 -56.27 -5.03
CA TYR A 450 -14.50 -56.72 -5.78
C TYR A 450 -13.79 -57.88 -5.09
N PRO A 451 -12.91 -58.65 -5.77
CA PRO A 451 -12.19 -59.74 -5.09
C PRO A 451 -11.39 -59.26 -3.86
N ASN A 452 -11.92 -59.64 -2.66
CA ASN A 452 -11.38 -59.34 -1.32
C ASN A 452 -11.83 -60.36 -0.31
N SER A 453 -11.22 -60.39 0.89
CA SER A 453 -11.55 -61.41 1.86
C SER A 453 -12.98 -61.23 2.46
N HIS A 454 -13.60 -60.04 2.39
CA HIS A 454 -14.99 -59.87 2.87
C HIS A 454 -15.99 -60.39 1.82
N THR A 455 -15.71 -60.14 0.50
CA THR A 455 -16.48 -60.59 -0.67
C THR A 455 -16.55 -62.12 -0.62
N HIS A 456 -15.38 -62.76 -0.51
CA HIS A 456 -15.27 -64.20 -0.42
C HIS A 456 -16.03 -64.76 0.78
N TYR A 457 -15.82 -64.18 1.99
CA TYR A 457 -16.50 -64.66 3.18
C TYR A 457 -18.00 -64.65 2.98
N PHE A 458 -18.58 -63.46 2.72
CA PHE A 458 -20.03 -63.27 2.60
C PHE A 458 -20.64 -63.98 1.40
N SER A 459 -19.85 -64.18 0.31
CA SER A 459 -20.32 -64.94 -0.86
C SER A 459 -20.63 -66.37 -0.42
N CYS A 460 -19.69 -67.01 0.30
CA CYS A 460 -19.83 -68.35 0.86
C CYS A 460 -20.97 -68.39 1.85
N THR A 461 -21.06 -67.36 2.75
CA THR A 461 -22.11 -67.26 3.76
C THR A 461 -23.49 -67.33 3.09
N MET A 462 -23.74 -66.43 2.12
CA MET A 462 -24.99 -66.33 1.36
C MET A 462 -25.37 -67.65 0.69
N LEU A 463 -24.39 -68.33 0.07
CA LEU A 463 -24.55 -69.59 -0.62
C LEU A 463 -24.87 -70.70 0.36
N TYR A 464 -24.20 -70.68 1.52
CA TYR A 464 -24.42 -71.66 2.56
C TYR A 464 -25.79 -71.44 3.18
N LEU A 465 -26.19 -70.17 3.32
CA LEU A 465 -27.48 -69.89 3.90
C LEU A 465 -28.59 -70.44 3.00
N PHE A 466 -28.47 -70.32 1.66
CA PHE A 466 -29.46 -70.85 0.72
C PHE A 466 -29.53 -72.38 0.80
N ALA A 467 -28.36 -73.02 0.74
CA ALA A 467 -28.21 -74.47 0.79
C ALA A 467 -28.75 -75.09 2.10
N GLU A 468 -28.38 -74.52 3.26
CA GLU A 468 -28.86 -75.00 4.55
C GLU A 468 -30.25 -74.50 4.93
N ALA A 469 -31.00 -73.90 3.98
CA ALA A 469 -32.35 -73.38 4.27
C ALA A 469 -33.36 -74.51 4.35
N ASN A 470 -34.10 -74.56 5.47
CA ASN A 470 -35.13 -75.57 5.70
C ASN A 470 -36.52 -74.99 5.29
N THR A 471 -36.58 -73.65 5.13
CA THR A 471 -37.77 -72.90 4.72
C THR A 471 -37.63 -72.51 3.25
N GLU A 472 -38.73 -72.56 2.49
CA GLU A 472 -38.75 -72.10 1.09
C GLU A 472 -38.54 -70.57 1.10
N ALA A 473 -39.21 -69.90 2.05
CA ALA A 473 -39.18 -68.46 2.23
C ALA A 473 -37.77 -67.92 2.32
N ILE A 474 -36.85 -68.70 2.93
CA ILE A 474 -35.47 -68.26 3.07
C ILE A 474 -34.82 -68.23 1.69
N GLN A 475 -35.06 -69.29 0.92
CA GLN A 475 -34.53 -69.46 -0.43
C GLN A 475 -35.01 -68.38 -1.42
N GLU A 476 -36.30 -68.05 -1.38
CA GLU A 476 -36.90 -67.04 -2.22
C GLU A 476 -36.30 -65.67 -1.93
N GLN A 477 -36.09 -65.35 -0.63
CA GLN A 477 -35.56 -64.05 -0.23
C GLN A 477 -34.12 -63.88 -0.65
N ILE A 478 -33.27 -64.95 -0.54
CA ILE A 478 -31.88 -64.91 -0.99
C ILE A 478 -31.89 -64.61 -2.48
N THR A 479 -32.69 -65.39 -3.26
CA THR A 479 -32.87 -65.23 -4.70
C THR A 479 -33.30 -63.80 -5.04
N ARG A 480 -34.32 -63.27 -4.33
CA ARG A 480 -34.84 -61.91 -4.51
C ARG A 480 -33.73 -60.86 -4.38
N VAL A 481 -32.95 -60.89 -3.27
CA VAL A 481 -31.88 -59.94 -2.98
C VAL A 481 -30.82 -59.98 -4.08
N LEU A 482 -30.35 -61.17 -4.45
CA LEU A 482 -29.35 -61.25 -5.51
C LEU A 482 -29.93 -60.81 -6.88
N LEU A 483 -31.12 -61.30 -7.22
CA LEU A 483 -31.75 -61.02 -8.50
C LEU A 483 -32.13 -59.54 -8.69
N GLU A 484 -32.77 -58.90 -7.70
CA GLU A 484 -33.20 -57.51 -7.80
C GLU A 484 -31.99 -56.62 -8.11
N ARG A 485 -30.81 -57.02 -7.60
CA ARG A 485 -29.55 -56.30 -7.76
C ARG A 485 -28.88 -56.51 -9.12
N LEU A 486 -29.33 -57.54 -9.91
CA LEU A 486 -28.79 -57.91 -11.23
C LEU A 486 -29.72 -57.61 -12.39
N ILE A 487 -31.01 -57.49 -12.11
CA ILE A 487 -32.07 -57.21 -13.08
C ILE A 487 -32.04 -55.73 -13.54
N VAL A 488 -31.48 -54.86 -12.68
CA VAL A 488 -31.31 -53.42 -12.82
C VAL A 488 -30.22 -53.17 -13.81
N ASN A 489 -30.18 -51.99 -14.41
CA ASN A 489 -29.10 -51.59 -15.29
C ASN A 489 -27.72 -51.57 -14.57
N ARG A 490 -26.65 -51.68 -15.38
CA ARG A 490 -25.26 -51.70 -14.92
C ARG A 490 -24.96 -50.39 -14.11
N PRO A 491 -23.96 -50.34 -13.18
CA PRO A 491 -23.01 -51.37 -12.81
C PRO A 491 -23.55 -52.44 -11.88
N HIS A 492 -22.96 -53.63 -11.92
CA HIS A 492 -23.28 -54.73 -11.03
C HIS A 492 -21.99 -55.19 -10.34
N PRO A 493 -21.90 -55.20 -8.99
CA PRO A 493 -20.68 -55.65 -8.31
C PRO A 493 -20.23 -57.06 -8.65
N TRP A 494 -18.88 -57.22 -8.84
CA TRP A 494 -18.19 -58.46 -9.18
C TRP A 494 -18.69 -59.60 -8.34
N GLY A 495 -18.58 -59.42 -7.03
CA GLY A 495 -18.98 -60.38 -6.01
C GLY A 495 -20.41 -60.80 -6.11
N LEU A 496 -21.31 -59.88 -6.48
CA LEU A 496 -22.73 -60.18 -6.66
C LEU A 496 -22.95 -61.24 -7.75
N LEU A 497 -22.37 -61.01 -8.94
CA LEU A 497 -22.45 -61.95 -10.06
C LEU A 497 -21.89 -63.31 -9.69
N ILE A 498 -20.68 -63.32 -9.10
CA ILE A 498 -20.01 -64.53 -8.62
C ILE A 498 -20.98 -65.32 -7.73
N THR A 499 -21.50 -64.67 -6.63
CA THR A 499 -22.43 -65.28 -5.67
C THR A 499 -23.64 -65.90 -6.35
N PHE A 500 -24.27 -65.13 -7.27
CA PHE A 500 -25.43 -65.58 -8.03
C PHE A 500 -25.14 -66.78 -8.95
N ILE A 501 -24.08 -66.67 -9.78
CA ILE A 501 -23.68 -67.72 -10.71
C ILE A 501 -23.42 -69.04 -9.95
N GLU A 502 -22.79 -68.97 -8.75
CA GLU A 502 -22.52 -70.16 -7.92
C GLU A 502 -23.78 -70.76 -7.35
N LEU A 503 -24.80 -69.90 -7.05
CA LEU A 503 -26.10 -70.30 -6.51
C LEU A 503 -26.95 -71.05 -7.54
N ILE A 504 -27.10 -70.46 -8.75
CA ILE A 504 -27.88 -71.03 -9.84
C ILE A 504 -27.34 -72.44 -10.25
N LYS A 505 -26.17 -72.82 -9.69
CA LYS A 505 -25.52 -74.11 -9.92
C LYS A 505 -25.86 -75.17 -8.85
N ASN A 506 -26.31 -74.77 -7.65
CA ASN A 506 -26.60 -75.73 -6.57
C ASN A 506 -27.88 -76.50 -6.80
N PRO A 507 -27.84 -77.85 -6.61
CA PRO A 507 -29.08 -78.65 -6.75
C PRO A 507 -30.22 -78.12 -5.89
N ALA A 508 -29.87 -77.51 -4.73
CA ALA A 508 -30.78 -76.86 -3.78
C ALA A 508 -31.66 -75.84 -4.54
N PHE A 509 -31.00 -75.01 -5.38
CA PHE A 509 -31.62 -73.99 -6.22
C PHE A 509 -32.33 -74.60 -7.40
N LYS A 510 -31.67 -75.54 -8.11
CA LYS A 510 -32.25 -76.21 -9.28
C LYS A 510 -33.65 -76.68 -8.89
N PHE A 511 -33.75 -77.42 -7.75
CA PHE A 511 -34.97 -77.94 -7.15
C PHE A 511 -35.95 -76.82 -6.82
N TRP A 512 -35.45 -75.73 -6.18
CA TRP A 512 -36.27 -74.58 -5.79
C TRP A 512 -36.88 -73.90 -7.01
N ASN A 513 -36.09 -73.69 -8.07
CA ASN A 513 -36.54 -73.05 -9.30
C ASN A 513 -37.61 -73.91 -9.92
N HIS A 514 -37.33 -75.21 -10.14
CA HIS A 514 -38.26 -76.19 -10.70
C HIS A 514 -39.66 -76.09 -10.07
N GLU A 515 -39.74 -75.90 -8.73
CA GLU A 515 -41.00 -75.77 -7.97
C GLU A 515 -41.66 -74.40 -8.14
N PHE A 516 -40.95 -73.28 -7.82
CA PHE A 516 -41.47 -71.90 -7.93
C PHE A 516 -41.81 -71.46 -9.35
N VAL A 517 -40.91 -71.75 -10.33
CA VAL A 517 -41.02 -71.36 -11.75
C VAL A 517 -42.33 -71.84 -12.43
N GLU A 518 -42.98 -72.93 -11.94
CA GLU A 518 -44.23 -73.39 -12.54
C GLU A 518 -45.48 -72.85 -11.82
N GLU A 519 -45.31 -72.35 -10.56
CA GLU A 519 -46.36 -71.71 -9.76
C GLU A 519 -46.51 -70.21 -10.17
N GLU A 520 -45.45 -69.66 -10.82
CA GLU A 520 -45.35 -68.31 -11.37
C GLU A 520 -44.46 -68.37 -12.64
N PRO A 521 -45.02 -68.63 -13.85
CA PRO A 521 -44.17 -68.73 -15.05
C PRO A 521 -43.58 -67.40 -15.55
N GLU A 522 -44.05 -66.29 -14.95
CA GLU A 522 -43.58 -64.93 -15.21
C GLU A 522 -42.18 -64.76 -14.59
N ILE A 523 -41.91 -65.48 -13.50
CA ILE A 523 -40.65 -65.47 -12.77
C ILE A 523 -39.48 -65.94 -13.67
N GLU A 524 -39.77 -66.89 -14.58
CA GLU A 524 -38.85 -67.47 -15.58
C GLU A 524 -38.18 -66.35 -16.38
N LYS A 525 -38.98 -65.34 -16.78
CA LYS A 525 -38.54 -64.17 -17.54
C LYS A 525 -37.41 -63.44 -16.82
N LEU A 526 -37.58 -63.17 -15.51
CA LEU A 526 -36.58 -62.47 -14.69
C LEU A 526 -35.20 -63.14 -14.73
N PHE A 527 -35.11 -64.46 -14.49
CA PHE A 527 -33.82 -65.15 -14.52
C PHE A 527 -33.19 -65.09 -15.90
N GLN A 528 -34.03 -65.18 -16.94
CA GLN A 528 -33.58 -65.10 -18.33
C GLN A 528 -33.06 -63.67 -18.66
N SER A 529 -33.64 -62.64 -18.01
CA SER A 529 -33.24 -61.23 -18.17
C SER A 529 -31.83 -60.97 -17.64
N VAL A 530 -31.36 -61.79 -16.66
CA VAL A 530 -30.03 -61.66 -16.05
C VAL A 530 -28.92 -62.14 -16.98
N ALA A 531 -29.22 -63.17 -17.82
CA ALA A 531 -28.26 -63.76 -18.78
C ALA A 531 -27.78 -62.76 -19.83
N GLN A 532 -28.63 -61.74 -20.14
CA GLN A 532 -28.42 -60.70 -21.17
C GLN A 532 -28.13 -59.30 -20.59
N CYS A 533 -28.70 -58.96 -19.42
CA CYS A 533 -28.50 -57.67 -18.72
C CYS A 533 -27.03 -57.50 -18.28
N CYS A 534 -26.38 -58.62 -17.95
CA CYS A 534 -25.00 -58.70 -17.50
C CYS A 534 -24.05 -59.27 -18.59
N MET A 535 -24.49 -60.34 -19.32
CA MET A 535 -23.66 -60.97 -20.36
C MET A 535 -24.08 -60.50 -21.74
N GLU B 6 -47.53 -71.20 -0.43
CA GLU B 6 -46.17 -71.74 -0.35
C GLU B 6 -45.16 -70.58 -0.40
N MET B 7 -45.30 -69.73 -1.44
CA MET B 7 -44.46 -68.58 -1.73
C MET B 7 -44.63 -67.49 -0.69
N VAL B 8 -43.67 -66.54 -0.63
CA VAL B 8 -43.73 -65.39 0.26
C VAL B 8 -44.85 -64.51 -0.31
N THR B 9 -46.02 -64.54 0.37
CA THR B 9 -47.25 -63.77 0.06
C THR B 9 -47.01 -62.26 0.21
N ASP B 10 -45.92 -61.91 0.89
CA ASP B 10 -45.44 -60.59 1.22
C ASP B 10 -44.60 -59.93 0.10
N GLN B 11 -44.41 -58.64 0.26
CA GLN B 11 -43.64 -57.70 -0.55
C GLN B 11 -42.14 -58.02 -0.67
N PHE B 12 -41.58 -58.81 0.25
CA PHE B 12 -40.13 -59.12 0.28
C PHE B 12 -39.69 -60.41 -0.44
N GLY B 13 -40.56 -60.94 -1.30
CA GLY B 13 -40.30 -62.13 -2.08
C GLY B 13 -40.10 -61.86 -3.57
N MET B 14 -40.31 -62.91 -4.40
CA MET B 14 -40.21 -62.79 -5.85
C MET B 14 -41.41 -61.98 -6.37
N ILE B 15 -42.60 -62.30 -5.85
CA ILE B 15 -43.86 -61.65 -6.17
C ILE B 15 -43.72 -60.16 -5.92
N GLY B 16 -43.10 -59.80 -4.79
CA GLY B 16 -42.84 -58.41 -4.46
C GLY B 16 -42.10 -57.65 -5.56
N LEU B 17 -41.04 -58.29 -6.14
CA LEU B 17 -40.15 -57.79 -7.21
C LEU B 17 -40.85 -57.72 -8.56
N LEU B 18 -41.52 -58.81 -8.97
CA LEU B 18 -42.30 -58.88 -10.20
C LEU B 18 -43.38 -57.76 -10.25
N THR B 19 -43.87 -57.36 -9.07
CA THR B 19 -44.85 -56.29 -8.88
C THR B 19 -44.22 -54.95 -9.24
N PHE B 20 -42.93 -54.75 -8.90
CA PHE B 20 -42.22 -53.50 -9.22
C PHE B 20 -41.96 -53.39 -10.71
N ILE B 21 -41.51 -54.48 -11.32
CA ILE B 21 -41.22 -54.51 -12.74
C ILE B 21 -42.50 -54.18 -13.55
N ARG B 22 -43.66 -54.76 -13.15
CA ARG B 22 -44.95 -54.50 -13.79
C ARG B 22 -45.41 -53.05 -13.54
N ALA B 23 -44.94 -52.43 -12.45
CA ALA B 23 -45.28 -51.07 -12.06
C ALA B 23 -44.66 -49.99 -12.94
N ALA B 24 -43.49 -50.27 -13.54
CA ALA B 24 -42.76 -49.34 -14.43
C ALA B 24 -43.58 -48.96 -15.68
N GLU B 25 -44.35 -49.94 -16.18
CA GLU B 25 -45.28 -49.86 -17.31
C GLU B 25 -46.28 -48.70 -17.09
N THR B 26 -46.90 -48.66 -15.91
CA THR B 26 -47.88 -47.65 -15.50
C THR B 26 -47.25 -46.42 -14.81
N ASP B 27 -45.97 -46.51 -14.32
CA ASP B 27 -45.31 -45.35 -13.66
C ASP B 27 -44.75 -44.37 -14.70
N PRO B 28 -45.31 -43.13 -14.76
CA PRO B 28 -44.84 -42.16 -15.76
C PRO B 28 -43.56 -41.39 -15.38
N GLY B 29 -42.94 -41.74 -14.24
CA GLY B 29 -41.73 -41.11 -13.73
C GLY B 29 -40.54 -41.30 -14.65
N MET B 30 -39.44 -40.58 -14.40
CA MET B 30 -38.21 -40.75 -15.17
C MET B 30 -37.22 -41.57 -14.32
N VAL B 31 -37.64 -41.88 -13.08
CA VAL B 31 -36.89 -42.65 -12.10
C VAL B 31 -37.69 -43.92 -11.75
N HIS B 32 -37.05 -45.09 -11.97
CA HIS B 32 -37.63 -46.39 -11.70
C HIS B 32 -36.60 -47.16 -10.91
N LEU B 33 -36.67 -46.97 -9.56
CA LEU B 33 -35.71 -47.46 -8.57
C LEU B 33 -35.45 -48.95 -8.68
N ALA B 34 -36.49 -49.76 -9.02
CA ALA B 34 -36.37 -51.20 -9.18
C ALA B 34 -35.75 -51.64 -10.49
N LEU B 35 -35.68 -50.77 -11.50
CA LEU B 35 -35.16 -51.11 -12.84
C LEU B 35 -33.92 -50.35 -13.31
N GLY B 36 -33.70 -49.17 -12.80
CA GLY B 36 -32.52 -48.39 -13.13
C GLY B 36 -32.59 -47.56 -14.39
N SER B 37 -31.49 -46.89 -14.72
CA SER B 37 -31.36 -46.02 -15.86
C SER B 37 -30.17 -46.45 -16.71
N ASP B 38 -30.23 -46.31 -18.06
CA ASP B 38 -29.09 -46.64 -18.91
C ASP B 38 -28.13 -45.49 -18.68
N LEU B 39 -27.13 -45.72 -17.84
CA LEU B 39 -26.21 -44.68 -17.37
C LEU B 39 -25.33 -44.06 -18.47
N THR B 40 -25.27 -44.72 -19.64
CA THR B 40 -24.52 -44.23 -20.81
C THR B 40 -25.23 -42.99 -21.33
N THR B 41 -26.59 -43.03 -21.31
CA THR B 41 -27.48 -41.96 -21.76
C THR B 41 -27.51 -40.71 -20.85
N LEU B 42 -26.76 -40.70 -19.73
CA LEU B 42 -26.78 -39.52 -18.85
C LEU B 42 -25.83 -38.39 -19.35
N GLY B 43 -25.33 -38.56 -20.55
CA GLY B 43 -24.47 -37.58 -21.19
C GLY B 43 -23.09 -37.52 -20.60
N LEU B 44 -22.61 -38.65 -20.05
CA LEU B 44 -21.27 -38.73 -19.47
C LEU B 44 -20.43 -39.71 -20.25
N ASN B 45 -19.21 -39.31 -20.60
CA ASN B 45 -18.27 -40.16 -21.34
C ASN B 45 -17.60 -41.16 -20.35
N LEU B 46 -18.37 -42.19 -19.95
CA LEU B 46 -17.95 -43.17 -18.96
C LEU B 46 -16.80 -44.05 -19.42
N ASN B 47 -16.57 -44.09 -20.75
CA ASN B 47 -15.50 -44.87 -21.37
C ASN B 47 -14.20 -44.10 -21.41
N SER B 48 -14.28 -42.75 -21.56
CA SER B 48 -13.15 -41.82 -21.61
C SER B 48 -12.04 -42.24 -20.68
N PRO B 49 -10.80 -42.32 -21.19
CA PRO B 49 -9.67 -42.70 -20.31
C PRO B 49 -9.27 -41.53 -19.42
N GLU B 50 -9.62 -40.27 -19.83
CA GLU B 50 -9.37 -39.04 -19.08
C GLU B 50 -10.46 -38.81 -18.03
N ASN B 51 -10.10 -38.14 -16.94
CA ASN B 51 -11.01 -37.76 -15.87
C ASN B 51 -12.13 -36.87 -16.38
N LEU B 52 -13.34 -37.10 -15.85
CA LEU B 52 -14.59 -36.40 -16.19
C LEU B 52 -14.77 -35.07 -15.44
N TYR B 53 -14.37 -35.02 -14.16
CA TYR B 53 -14.54 -33.88 -13.27
C TYR B 53 -14.01 -32.55 -13.81
N PRO B 54 -12.82 -32.45 -14.49
CA PRO B 54 -12.37 -31.12 -14.94
C PRO B 54 -13.28 -30.47 -15.99
N LYS B 55 -14.08 -31.27 -16.68
CA LYS B 55 -15.01 -30.78 -17.69
C LYS B 55 -16.46 -30.98 -17.23
N PHE B 56 -16.68 -31.43 -15.98
CA PHE B 56 -18.03 -31.65 -15.43
C PHE B 56 -18.79 -30.33 -15.26
N ALA B 57 -19.76 -30.09 -16.15
CA ALA B 57 -20.55 -28.85 -16.17
C ALA B 57 -21.35 -28.60 -14.89
N SER B 58 -22.51 -29.28 -14.73
CA SER B 58 -23.41 -29.23 -13.57
C SER B 58 -23.98 -30.63 -13.37
N PRO B 59 -24.68 -30.96 -12.27
CA PRO B 59 -25.27 -32.31 -12.18
C PRO B 59 -26.37 -32.53 -13.23
N TRP B 60 -26.98 -31.43 -13.75
CA TRP B 60 -28.11 -31.43 -14.69
C TRP B 60 -27.74 -31.35 -16.17
N ALA B 61 -26.55 -30.80 -16.51
CA ALA B 61 -26.06 -30.66 -17.89
C ALA B 61 -25.87 -32.01 -18.57
N SER B 62 -26.10 -32.05 -19.89
CA SER B 62 -25.94 -33.26 -20.70
C SER B 62 -24.57 -33.32 -21.44
N SER B 63 -23.90 -32.17 -21.62
CA SER B 63 -22.61 -32.05 -22.32
C SER B 63 -21.52 -31.37 -21.46
N PRO B 64 -20.25 -31.81 -21.55
CA PRO B 64 -19.19 -31.20 -20.74
C PRO B 64 -18.84 -29.75 -21.09
N CYS B 65 -18.00 -29.12 -20.24
CA CYS B 65 -17.49 -27.77 -20.35
C CYS B 65 -16.76 -27.55 -21.66
N ARG B 66 -17.16 -26.50 -22.37
CA ARG B 66 -16.49 -26.09 -23.59
C ARG B 66 -15.33 -25.17 -23.14
N PRO B 67 -14.28 -24.87 -23.97
CA PRO B 67 -13.20 -23.95 -23.50
C PRO B 67 -13.64 -22.49 -23.30
N GLN B 68 -14.79 -22.06 -23.89
CA GLN B 68 -15.36 -20.73 -23.66
C GLN B 68 -16.02 -20.67 -22.27
N ASP B 69 -16.31 -21.87 -21.68
CA ASP B 69 -16.96 -22.01 -20.38
C ASP B 69 -15.93 -21.90 -19.26
N ILE B 70 -14.79 -22.59 -19.43
CA ILE B 70 -13.68 -22.58 -18.46
C ILE B 70 -13.10 -21.20 -18.42
N ASP B 71 -12.73 -20.71 -17.24
CA ASP B 71 -12.04 -19.43 -17.16
C ASP B 71 -10.54 -19.71 -16.98
N PHE B 72 -9.67 -18.91 -17.63
CA PHE B 72 -8.20 -19.06 -17.49
C PHE B 72 -7.57 -17.73 -17.10
N HIS B 73 -6.57 -17.77 -16.22
CA HIS B 73 -5.88 -16.57 -15.75
C HIS B 73 -4.91 -16.05 -16.79
N VAL B 74 -5.47 -15.65 -17.96
CA VAL B 74 -4.78 -15.14 -19.16
C VAL B 74 -3.86 -13.96 -18.86
N PRO B 75 -2.75 -13.80 -19.62
CA PRO B 75 -1.89 -12.61 -19.41
C PRO B 75 -2.71 -11.32 -19.39
N SER B 76 -2.47 -10.49 -18.35
CA SER B 76 -3.11 -9.20 -18.09
C SER B 76 -3.50 -8.48 -19.38
N GLU B 77 -2.53 -8.34 -20.30
CA GLU B 77 -2.57 -7.72 -21.63
C GLU B 77 -3.76 -8.11 -22.53
N TYR B 78 -4.24 -9.38 -22.46
CA TYR B 78 -5.35 -9.90 -23.31
C TYR B 78 -6.75 -9.42 -22.89
N LEU B 79 -6.84 -8.76 -21.72
CA LEU B 79 -8.09 -8.24 -21.19
C LEU B 79 -8.31 -6.86 -21.78
N THR B 80 -8.69 -6.92 -23.06
CA THR B 80 -8.88 -5.84 -24.02
C THR B 80 -10.24 -5.13 -23.99
N ASN B 81 -11.26 -5.70 -23.35
CA ASN B 81 -12.59 -5.10 -23.43
C ASN B 81 -12.82 -3.84 -22.62
N ILE B 82 -12.35 -3.79 -21.36
CA ILE B 82 -12.50 -2.59 -20.52
C ILE B 82 -11.87 -1.37 -21.20
N HIS B 83 -11.11 -1.60 -22.28
CA HIS B 83 -10.45 -0.60 -23.07
C HIS B 83 -11.05 -0.39 -24.46
N ILE B 84 -11.46 -1.47 -25.18
CA ILE B 84 -11.96 -1.31 -26.57
C ILE B 84 -13.52 -1.37 -26.68
N ARG B 85 -14.25 -1.82 -25.61
CA ARG B 85 -15.71 -1.97 -25.43
C ARG B 85 -16.61 -1.23 -26.47
N ASP B 86 -16.51 0.13 -26.54
CA ASP B 86 -17.34 0.94 -27.43
C ASP B 86 -16.88 0.97 -28.90
N LYS B 87 -15.55 1.02 -29.13
CA LYS B 87 -14.99 0.99 -30.50
C LYS B 87 -15.05 -0.42 -31.10
N LEU B 88 -15.10 -1.49 -30.27
CA LEU B 88 -15.18 -2.89 -30.71
C LEU B 88 -16.46 -3.18 -31.50
N ALA B 89 -16.30 -3.77 -32.72
CA ALA B 89 -17.37 -4.15 -33.63
C ALA B 89 -18.48 -4.95 -32.97
N ALA B 90 -19.74 -4.68 -33.34
CA ALA B 90 -20.89 -5.44 -32.82
C ALA B 90 -20.93 -6.79 -33.55
N ILE B 91 -21.46 -7.84 -32.89
CA ILE B 91 -21.53 -9.18 -33.50
C ILE B 91 -22.58 -9.21 -34.62
N LYS B 92 -22.12 -9.45 -35.85
CA LYS B 92 -22.99 -9.50 -37.03
C LYS B 92 -22.50 -10.69 -37.82
N LEU B 93 -23.25 -11.80 -37.77
CA LEU B 93 -22.86 -13.07 -38.41
C LEU B 93 -22.76 -12.99 -39.94
N GLY B 94 -23.37 -11.97 -40.52
CA GLY B 94 -23.32 -11.72 -41.95
C GLY B 94 -22.00 -11.08 -42.33
N ARG B 95 -21.35 -10.43 -41.35
CA ARG B 95 -20.07 -9.76 -41.48
C ARG B 95 -18.94 -10.81 -41.57
N TYR B 96 -19.05 -11.89 -40.77
CA TYR B 96 -18.10 -13.00 -40.58
C TYR B 96 -18.01 -13.96 -41.72
N GLY B 97 -16.86 -14.64 -41.83
CA GLY B 97 -16.61 -15.64 -42.86
C GLY B 97 -17.20 -17.01 -42.55
N GLU B 98 -17.00 -17.93 -43.49
CA GLU B 98 -17.45 -19.31 -43.48
C GLU B 98 -16.85 -20.12 -42.31
N ASP B 99 -15.52 -19.99 -42.05
CA ASP B 99 -14.82 -20.74 -41.00
C ASP B 99 -15.34 -20.42 -39.59
N LEU B 100 -15.61 -19.10 -39.33
CA LEU B 100 -16.13 -18.57 -38.06
C LEU B 100 -17.55 -19.04 -37.82
N LEU B 101 -18.35 -19.16 -38.90
CA LEU B 101 -19.74 -19.65 -38.89
C LEU B 101 -19.75 -21.14 -38.48
N PHE B 102 -18.86 -21.98 -39.06
CA PHE B 102 -18.76 -23.39 -38.70
C PHE B 102 -18.25 -23.56 -37.29
N TYR B 103 -17.40 -22.63 -36.83
CA TYR B 103 -16.92 -22.63 -35.45
C TYR B 103 -18.13 -22.30 -34.55
N LEU B 104 -18.83 -21.17 -34.83
CA LEU B 104 -20.02 -20.74 -34.08
C LEU B 104 -21.09 -21.81 -34.01
N TYR B 105 -21.26 -22.58 -35.09
CA TYR B 105 -22.21 -23.69 -35.17
C TYR B 105 -21.80 -24.86 -34.24
N TYR B 106 -20.65 -25.50 -34.51
CA TYR B 106 -20.20 -26.68 -33.76
C TYR B 106 -19.98 -26.45 -32.27
N MET B 107 -19.36 -25.32 -31.91
CA MET B 107 -19.04 -24.96 -30.53
C MET B 107 -20.24 -24.57 -29.67
N ASN B 108 -21.22 -23.86 -30.24
CA ASN B 108 -22.35 -23.37 -29.46
C ASN B 108 -23.58 -24.27 -29.61
N GLY B 109 -23.36 -25.58 -29.48
CA GLY B 109 -24.40 -26.60 -29.55
C GLY B 109 -25.37 -26.49 -28.38
N GLY B 110 -26.65 -26.43 -28.70
CA GLY B 110 -27.73 -26.28 -27.73
C GLY B 110 -27.95 -24.85 -27.26
N ASP B 111 -27.50 -23.89 -28.08
CA ASP B 111 -27.60 -22.46 -27.84
C ASP B 111 -28.19 -21.78 -29.06
N VAL B 112 -28.78 -20.58 -28.86
CA VAL B 112 -29.37 -19.80 -29.96
C VAL B 112 -28.31 -19.50 -31.05
N LEU B 113 -27.03 -19.36 -30.61
CA LEU B 113 -25.90 -19.05 -31.47
C LEU B 113 -25.68 -20.09 -32.57
N GLN B 114 -25.85 -21.41 -32.26
CA GLN B 114 -25.77 -22.54 -33.21
C GLN B 114 -26.80 -22.39 -34.36
N LEU B 115 -28.01 -21.91 -34.01
CA LEU B 115 -29.11 -21.69 -34.94
C LEU B 115 -28.88 -20.42 -35.70
N LEU B 116 -28.29 -19.39 -35.04
CA LEU B 116 -27.95 -18.11 -35.64
C LEU B 116 -26.86 -18.28 -36.72
N ALA B 117 -25.90 -19.20 -36.48
CA ALA B 117 -24.83 -19.55 -37.40
C ALA B 117 -25.42 -20.42 -38.52
N ALA B 118 -26.35 -21.34 -38.16
CA ALA B 118 -27.03 -22.24 -39.10
C ALA B 118 -27.84 -21.43 -40.11
N VAL B 119 -28.46 -20.31 -39.64
CA VAL B 119 -29.24 -19.38 -40.46
C VAL B 119 -28.34 -18.65 -41.47
N GLU B 120 -27.19 -18.08 -41.01
CA GLU B 120 -26.26 -17.39 -41.89
C GLU B 120 -25.62 -18.31 -42.93
N LEU B 121 -25.38 -19.60 -42.56
CA LEU B 121 -24.83 -20.62 -43.48
C LEU B 121 -25.87 -20.93 -44.55
N PHE B 122 -27.15 -21.03 -44.12
CA PHE B 122 -28.31 -21.28 -44.98
C PHE B 122 -28.51 -20.12 -45.97
N ASN B 123 -28.11 -18.90 -45.57
CA ASN B 123 -28.17 -17.69 -46.39
C ASN B 123 -27.03 -17.69 -47.41
N ARG B 124 -26.03 -18.58 -47.22
CA ARG B 124 -24.85 -18.70 -48.08
C ARG B 124 -24.85 -20.00 -48.93
N ASP B 125 -26.05 -20.61 -49.08
CA ASP B 125 -26.35 -21.84 -49.84
C ASP B 125 -25.83 -23.14 -49.18
N TRP B 126 -25.55 -23.11 -47.87
CA TRP B 126 -25.16 -24.33 -47.14
C TRP B 126 -26.46 -24.98 -46.70
N ARG B 127 -26.56 -26.29 -46.88
CA ARG B 127 -27.77 -27.02 -46.50
C ARG B 127 -27.38 -28.22 -45.65
N TYR B 128 -28.05 -28.34 -44.49
CA TYR B 128 -27.76 -29.39 -43.51
C TYR B 128 -28.48 -30.68 -43.79
N HIS B 129 -27.74 -31.80 -43.78
CA HIS B 129 -28.32 -33.12 -43.98
C HIS B 129 -28.73 -33.71 -42.64
N LYS B 130 -30.03 -34.01 -42.51
CA LYS B 130 -30.67 -34.57 -41.31
C LYS B 130 -30.10 -35.95 -40.95
N GLU B 131 -29.89 -36.80 -41.99
CA GLU B 131 -29.40 -38.17 -41.86
C GLU B 131 -27.88 -38.27 -41.64
N GLU B 132 -27.08 -37.63 -42.51
CA GLU B 132 -25.62 -37.72 -42.43
C GLU B 132 -24.98 -36.71 -41.46
N ARG B 133 -25.79 -35.82 -40.84
CA ARG B 133 -25.39 -34.83 -39.85
C ARG B 133 -24.20 -33.97 -40.30
N VAL B 134 -24.26 -33.45 -41.55
CA VAL B 134 -23.20 -32.63 -42.15
C VAL B 134 -23.78 -31.48 -42.97
N TRP B 135 -23.00 -30.40 -43.17
CA TRP B 135 -23.38 -29.24 -43.99
C TRP B 135 -22.88 -29.44 -45.41
N ILE B 136 -23.75 -29.24 -46.44
CA ILE B 136 -23.37 -29.43 -47.85
C ILE B 136 -23.74 -28.23 -48.73
N THR B 137 -22.84 -27.87 -49.67
CA THR B 137 -23.05 -26.80 -50.64
C THR B 137 -22.52 -27.21 -52.02
N ARG B 138 -23.02 -26.53 -53.06
CA ARG B 138 -22.59 -26.78 -54.43
C ARG B 138 -21.17 -26.26 -54.61
N ALA B 139 -20.35 -26.98 -55.39
CA ALA B 139 -18.98 -26.56 -55.70
C ALA B 139 -19.00 -25.47 -56.81
N PRO B 140 -17.90 -24.69 -57.05
CA PRO B 140 -17.96 -23.62 -58.08
C PRO B 140 -18.33 -24.09 -59.49
N GLY B 141 -19.58 -23.77 -59.88
CA GLY B 141 -20.17 -24.11 -61.16
C GLY B 141 -20.50 -25.57 -61.34
N MET B 142 -20.27 -26.40 -60.30
CA MET B 142 -20.50 -27.84 -60.35
C MET B 142 -21.97 -28.20 -60.19
N GLU B 143 -22.70 -28.10 -61.31
CA GLU B 143 -24.11 -28.44 -61.43
C GLU B 143 -24.25 -29.97 -61.39
N PRO B 144 -25.36 -30.53 -60.88
CA PRO B 144 -25.49 -31.99 -60.85
C PRO B 144 -25.55 -32.65 -62.23
N THR B 145 -24.83 -33.79 -62.39
CA THR B 145 -24.80 -34.60 -63.60
C THR B 145 -26.22 -35.15 -63.88
N MET B 146 -26.85 -35.78 -62.85
CA MET B 146 -28.24 -36.26 -62.90
C MET B 146 -29.09 -35.23 -62.14
N LYS B 147 -30.24 -34.82 -62.72
CA LYS B 147 -31.07 -33.77 -62.13
C LYS B 147 -32.59 -34.04 -62.21
N THR B 148 -33.28 -34.12 -61.02
CA THR B 148 -34.73 -34.30 -60.89
C THR B 148 -35.31 -33.42 -59.76
N ASN B 149 -36.65 -33.44 -59.59
CA ASN B 149 -37.37 -32.68 -58.57
C ASN B 149 -37.26 -33.37 -57.19
N THR B 150 -36.95 -34.69 -57.19
CA THR B 150 -36.83 -35.55 -56.02
C THR B 150 -35.45 -35.48 -55.31
N TYR B 151 -34.35 -35.45 -56.10
CA TYR B 151 -32.95 -35.39 -55.64
C TYR B 151 -32.00 -34.84 -56.73
N GLU B 152 -30.70 -34.68 -56.41
CA GLU B 152 -29.70 -34.22 -57.38
C GLU B 152 -28.33 -34.89 -57.14
N ARG B 153 -27.70 -35.38 -58.22
CA ARG B 153 -26.42 -36.11 -58.21
C ARG B 153 -25.28 -35.35 -58.91
N GLY B 154 -24.42 -34.71 -58.12
CA GLY B 154 -23.25 -33.95 -58.58
C GLY B 154 -22.15 -33.88 -57.53
N THR B 155 -21.16 -32.97 -57.71
CA THR B 155 -20.04 -32.82 -56.75
C THR B 155 -20.36 -31.77 -55.71
N TYR B 156 -20.21 -32.12 -54.42
CA TYR B 156 -20.55 -31.19 -53.35
C TYR B 156 -19.50 -31.08 -52.23
N TYR B 157 -19.35 -29.84 -51.73
CA TYR B 157 -18.49 -29.52 -50.61
C TYR B 157 -19.28 -29.84 -49.35
N PHE B 158 -18.73 -30.70 -48.49
CA PHE B 158 -19.35 -31.05 -47.21
C PHE B 158 -18.34 -30.71 -46.10
N PHE B 159 -18.79 -30.08 -45.00
CA PHE B 159 -17.87 -29.70 -43.94
C PHE B 159 -17.63 -30.82 -42.94
N ASP B 160 -16.41 -31.36 -42.97
CA ASP B 160 -15.91 -32.40 -42.10
C ASP B 160 -15.27 -31.66 -40.94
N CYS B 161 -15.92 -31.69 -39.80
CA CYS B 161 -15.50 -31.01 -38.58
C CYS B 161 -14.32 -31.70 -37.88
N LEU B 162 -14.13 -33.01 -38.17
CA LEU B 162 -13.09 -33.86 -37.58
C LEU B 162 -11.70 -33.60 -38.14
N ASN B 163 -11.62 -32.85 -39.25
CA ASN B 163 -10.37 -32.43 -39.89
C ASN B 163 -10.42 -30.94 -40.19
N TRP B 164 -11.57 -30.32 -39.86
CA TRP B 164 -11.88 -28.92 -39.98
C TRP B 164 -11.55 -28.35 -41.37
N ARG B 165 -12.28 -28.82 -42.41
CA ARG B 165 -12.10 -28.37 -43.81
C ARG B 165 -13.25 -28.76 -44.74
N LYS B 166 -13.43 -27.95 -45.82
CA LYS B 166 -14.41 -28.15 -46.89
C LYS B 166 -13.91 -29.36 -47.71
N VAL B 167 -14.75 -30.40 -47.83
CA VAL B 167 -14.39 -31.67 -48.50
C VAL B 167 -15.23 -31.93 -49.74
N ALA B 168 -14.57 -32.25 -50.87
CA ALA B 168 -15.22 -32.59 -52.12
C ALA B 168 -15.65 -34.07 -52.07
N LYS B 169 -16.97 -34.34 -52.20
CA LYS B 169 -17.59 -35.67 -52.16
C LYS B 169 -18.79 -35.72 -53.13
N GLU B 170 -18.61 -36.33 -54.32
CA GLU B 170 -19.60 -36.40 -55.40
C GLU B 170 -20.61 -37.57 -55.29
N PHE B 171 -21.69 -37.39 -54.48
CA PHE B 171 -22.71 -38.44 -54.29
C PHE B 171 -24.16 -37.89 -54.23
N HIS B 172 -25.15 -38.80 -54.40
CA HIS B 172 -26.60 -38.56 -54.42
C HIS B 172 -27.12 -37.97 -53.10
N LEU B 173 -27.95 -36.90 -53.19
CA LEU B 173 -28.54 -36.23 -52.03
C LEU B 173 -30.02 -35.91 -52.20
N GLU B 174 -30.85 -36.52 -51.34
CA GLU B 174 -32.30 -36.37 -51.26
C GLU B 174 -32.64 -34.93 -50.81
N TYR B 175 -33.62 -34.26 -51.48
CA TYR B 175 -34.07 -32.90 -51.12
C TYR B 175 -34.92 -32.88 -49.83
N ASP B 176 -35.45 -34.06 -49.44
CA ASP B 176 -36.30 -34.28 -48.28
C ASP B 176 -35.47 -34.41 -46.99
N LYS B 177 -34.37 -35.23 -47.01
CA LYS B 177 -33.46 -35.45 -45.88
C LYS B 177 -32.59 -34.22 -45.60
N LEU B 178 -32.80 -33.14 -46.38
CA LEU B 178 -32.10 -31.86 -46.32
C LEU B 178 -32.96 -30.83 -45.58
N GLU B 179 -32.45 -30.34 -44.44
CA GLU B 179 -33.09 -29.37 -43.52
C GLU B 179 -33.55 -28.08 -44.19
N GLU B 180 -34.77 -27.64 -43.84
CA GLU B 180 -35.43 -26.41 -44.31
C GLU B 180 -34.81 -25.19 -43.62
N ARG B 181 -35.38 -23.98 -43.81
CA ARG B 181 -34.87 -22.76 -43.17
C ARG B 181 -34.84 -22.95 -41.64
N PRO B 182 -33.69 -22.65 -40.99
CA PRO B 182 -33.59 -22.91 -39.53
C PRO B 182 -34.56 -22.09 -38.67
N HIS B 183 -35.21 -22.78 -37.71
CA HIS B 183 -36.16 -22.18 -36.78
C HIS B 183 -35.41 -21.40 -35.67
N LEU B 184 -36.16 -20.68 -34.84
CA LEU B 184 -35.66 -19.96 -33.68
C LEU B 184 -36.68 -20.07 -32.56
N PRO B 185 -36.35 -20.64 -31.38
CA PRO B 185 -37.37 -20.79 -30.33
C PRO B 185 -37.53 -19.55 -29.43
N SER B 186 -38.70 -18.89 -29.53
CA SER B 186 -39.03 -17.71 -28.70
C SER B 186 -39.45 -18.15 -27.29
N THR B 187 -38.91 -19.31 -26.84
CA THR B 187 -39.12 -19.94 -25.53
C THR B 187 -38.54 -19.07 -24.40
N PHE B 188 -39.45 -18.41 -23.66
CA PHE B 188 -39.11 -17.51 -22.56
C PHE B 188 -38.59 -18.28 -21.36
N ASN B 189 -37.52 -17.72 -20.73
CA ASN B 189 -36.84 -18.20 -19.52
C ASN B 189 -36.48 -19.69 -19.63
N TYR B 190 -36.01 -20.15 -20.82
CA TYR B 190 -35.68 -21.57 -21.04
C TYR B 190 -34.54 -22.06 -20.17
N ASN B 191 -34.79 -23.16 -19.42
CA ASN B 191 -33.78 -23.84 -18.59
C ASN B 191 -33.79 -25.35 -18.91
N PRO B 192 -32.70 -25.86 -19.53
CA PRO B 192 -32.61 -27.29 -19.85
C PRO B 192 -32.44 -28.20 -18.61
N ALA B 193 -32.17 -27.59 -17.43
CA ALA B 193 -31.95 -28.23 -16.13
C ALA B 193 -33.25 -28.70 -15.48
N GLN B 194 -34.36 -27.98 -15.75
CA GLN B 194 -35.69 -28.22 -15.16
C GLN B 194 -36.45 -29.40 -15.75
N GLN B 195 -36.02 -29.84 -16.95
CA GLN B 195 -36.72 -30.89 -17.68
C GLN B 195 -36.05 -32.28 -17.56
N ALA B 196 -34.70 -32.30 -17.42
CA ALA B 196 -33.80 -33.46 -17.29
C ALA B 196 -34.41 -34.70 -16.63
N GLY C 1 -54.46 -45.18 3.82
CA GLY C 1 -54.52 -43.72 3.84
C GLY C 1 -53.50 -43.06 2.92
N PRO C 2 -53.43 -41.69 2.91
CA PRO C 2 -52.47 -40.99 2.01
C PRO C 2 -51.03 -41.32 2.30
N HIS C 3 -50.38 -42.02 1.35
CA HIS C 3 -49.02 -42.51 1.43
C HIS C 3 -47.98 -41.41 1.73
N MET C 4 -48.15 -40.21 1.16
CA MET C 4 -47.25 -39.08 1.38
C MET C 4 -47.25 -38.62 2.84
N LEU C 5 -48.32 -38.92 3.58
CA LEU C 5 -48.39 -38.59 4.99
C LEU C 5 -47.48 -39.51 5.82
N GLU C 6 -46.80 -40.50 5.16
CA GLU C 6 -45.79 -41.31 5.83
C GLU C 6 -44.61 -40.36 6.07
N LEU C 7 -44.42 -39.32 5.20
CA LEU C 7 -43.37 -38.32 5.37
C LEU C 7 -43.73 -37.45 6.56
N THR C 8 -42.72 -36.96 7.31
CA THR C 8 -42.93 -36.05 8.44
C THR C 8 -43.24 -34.72 7.86
N LYS C 9 -43.92 -33.83 8.66
CA LYS C 9 -44.28 -32.45 8.31
C LYS C 9 -43.02 -31.77 7.85
N GLU C 10 -41.86 -31.98 8.59
CA GLU C 10 -40.60 -31.41 8.14
C GLU C 10 -40.24 -31.88 6.76
N GLN C 11 -40.38 -33.19 6.47
CA GLN C 11 -40.11 -33.75 5.13
C GLN C 11 -41.02 -33.16 4.02
N LEU C 12 -42.27 -32.80 4.40
CA LEU C 12 -43.25 -32.24 3.47
C LEU C 12 -42.86 -30.82 3.16
N TYR C 13 -42.41 -30.11 4.23
CA TYR C 13 -41.89 -28.75 4.16
C TYR C 13 -40.68 -28.79 3.24
N GLN C 14 -39.71 -29.68 3.51
CA GLN C 14 -38.51 -29.83 2.70
C GLN C 14 -38.86 -29.95 1.24
N GLN C 15 -39.75 -30.91 0.90
CA GLN C 15 -40.24 -31.21 -0.44
C GLN C 15 -40.85 -29.97 -1.06
N ALA C 16 -41.67 -29.23 -0.29
CA ALA C 16 -42.33 -28.01 -0.77
C ALA C 16 -41.30 -26.94 -1.19
N MET C 17 -40.29 -26.68 -0.34
CA MET C 17 -39.23 -25.71 -0.60
C MET C 17 -38.43 -26.15 -1.83
N GLU C 18 -38.15 -27.45 -1.97
CA GLU C 18 -37.46 -28.01 -3.14
C GLU C 18 -38.30 -27.84 -4.41
N GLU C 19 -39.64 -28.09 -4.31
CA GLU C 19 -40.56 -27.98 -5.44
C GLU C 19 -40.55 -26.58 -5.97
N ALA C 20 -40.58 -25.58 -5.06
CA ALA C 20 -40.52 -24.15 -5.37
C ALA C 20 -39.22 -23.84 -6.14
N ALA C 21 -38.07 -24.29 -5.55
CA ALA C 21 -36.72 -24.12 -6.05
C ALA C 21 -36.59 -24.64 -7.46
N TRP C 22 -37.36 -25.68 -7.79
CA TRP C 22 -37.38 -26.27 -9.12
C TRP C 22 -37.91 -25.29 -10.17
N HIS C 23 -38.89 -24.44 -9.81
CA HIS C 23 -39.44 -23.46 -10.74
C HIS C 23 -38.37 -22.48 -11.23
N HIS C 24 -37.41 -22.17 -10.36
CA HIS C 24 -36.29 -21.27 -10.70
C HIS C 24 -34.92 -21.94 -10.47
N MET C 25 -34.68 -23.04 -11.18
CA MET C 25 -33.43 -23.78 -11.09
C MET C 25 -32.20 -22.93 -11.48
N PRO C 26 -30.97 -23.23 -10.99
CA PRO C 26 -29.84 -22.39 -11.38
C PRO C 26 -29.59 -22.52 -12.87
N HIS C 27 -29.30 -21.39 -13.48
CA HIS C 27 -29.03 -21.30 -14.90
C HIS C 27 -27.52 -21.54 -15.08
N PRO C 28 -27.03 -22.19 -16.18
CA PRO C 28 -25.57 -22.37 -16.34
C PRO C 28 -24.76 -21.09 -16.08
N SER C 29 -25.28 -19.94 -16.51
CA SER C 29 -24.66 -18.63 -16.34
C SER C 29 -24.40 -18.27 -14.88
N ASP C 30 -25.23 -18.71 -13.94
CA ASP C 30 -25.19 -18.38 -12.51
C ASP C 30 -23.84 -18.60 -11.84
N SER C 31 -23.16 -19.71 -12.15
CA SER C 31 -21.88 -20.12 -11.56
C SER C 31 -20.75 -20.02 -12.57
N GLU C 32 -20.71 -18.89 -13.29
CA GLU C 32 -19.80 -18.61 -14.40
C GLU C 32 -19.44 -17.09 -14.43
N ARG C 33 -18.32 -16.71 -15.05
CA ARG C 33 -17.96 -15.29 -15.14
C ARG C 33 -18.83 -14.67 -16.22
N ILE C 34 -19.27 -13.42 -16.04
CA ILE C 34 -20.13 -12.75 -17.02
C ILE C 34 -19.52 -12.81 -18.42
N ARG C 35 -20.34 -13.13 -19.41
CA ARG C 35 -19.94 -13.17 -20.81
C ARG C 35 -20.61 -11.96 -21.42
N GLN C 36 -19.82 -10.90 -21.69
CA GLN C 36 -20.36 -9.64 -22.18
C GLN C 36 -20.94 -9.75 -23.60
N TYR C 37 -20.31 -10.51 -24.47
CA TYR C 37 -20.73 -10.59 -25.88
C TYR C 37 -21.44 -11.88 -26.24
N LEU C 38 -20.97 -13.00 -25.72
CA LEU C 38 -21.60 -14.27 -26.03
C LEU C 38 -22.13 -14.94 -24.76
N PRO C 39 -23.21 -14.35 -24.14
CA PRO C 39 -23.80 -14.98 -22.96
C PRO C 39 -24.49 -16.30 -23.32
N ARG C 40 -24.70 -17.17 -22.31
CA ARG C 40 -25.41 -18.42 -22.56
C ARG C 40 -26.88 -18.13 -22.84
N ASN C 41 -27.40 -18.81 -23.86
CA ASN C 41 -28.80 -18.68 -24.23
C ASN C 41 -29.33 -20.05 -24.61
N PRO C 42 -29.43 -20.99 -23.61
CA PRO C 42 -29.96 -22.34 -23.94
C PRO C 42 -31.30 -22.29 -24.64
N CYS C 43 -31.49 -23.18 -25.59
CA CYS C 43 -32.72 -23.22 -26.36
C CYS C 43 -32.98 -24.62 -26.86
N PRO C 44 -34.26 -25.00 -27.10
CA PRO C 44 -34.53 -26.33 -27.64
C PRO C 44 -34.05 -26.44 -29.10
N THR C 45 -32.98 -27.22 -29.30
CA THR C 45 -32.37 -27.47 -30.62
C THR C 45 -32.71 -28.91 -31.05
N PRO C 46 -32.98 -29.17 -32.36
CA PRO C 46 -33.34 -30.53 -32.79
C PRO C 46 -32.32 -31.63 -32.51
N PRO C 47 -32.71 -32.94 -32.42
CA PRO C 47 -31.72 -33.98 -32.13
C PRO C 47 -30.73 -34.23 -33.26
N TYR C 48 -31.20 -34.04 -34.52
CA TYR C 48 -30.41 -34.23 -35.74
C TYR C 48 -29.30 -33.17 -35.88
N HIS C 49 -29.31 -32.11 -35.04
CA HIS C 49 -28.28 -31.08 -35.02
C HIS C 49 -27.21 -31.42 -33.97
N HIS C 50 -25.97 -30.93 -34.19
CA HIS C 50 -24.82 -31.18 -33.33
C HIS C 50 -24.98 -30.61 -31.92
N GLN C 51 -25.51 -31.46 -31.04
CA GLN C 51 -25.78 -31.14 -29.63
C GLN C 51 -24.48 -30.91 -28.83
N MET C 52 -23.36 -31.52 -29.29
CA MET C 52 -22.06 -31.47 -28.66
C MET C 52 -20.95 -31.21 -29.69
N PRO C 53 -19.96 -30.34 -29.37
CA PRO C 53 -18.87 -30.04 -30.32
C PRO C 53 -17.93 -31.22 -30.62
N PRO C 54 -17.17 -31.18 -31.74
CA PRO C 54 -16.26 -32.31 -32.06
C PRO C 54 -15.30 -32.69 -30.95
N PRO C 55 -14.84 -33.96 -30.94
CA PRO C 55 -13.93 -34.39 -29.88
C PRO C 55 -12.55 -33.76 -30.05
N HIS C 56 -11.92 -33.36 -28.93
CA HIS C 56 -10.59 -32.75 -28.87
C HIS C 56 -10.51 -31.43 -29.63
N SER C 57 -11.57 -30.62 -29.46
CA SER C 57 -11.70 -29.28 -30.03
C SER C 57 -11.39 -28.27 -28.94
N ASP C 58 -10.47 -28.68 -28.04
CA ASP C 58 -10.01 -27.95 -26.85
C ASP C 58 -8.47 -27.98 -26.78
N THR C 59 -7.85 -28.31 -27.91
CA THR C 59 -6.40 -28.43 -28.03
C THR C 59 -5.87 -27.29 -28.87
N VAL C 60 -4.62 -26.87 -28.60
CA VAL C 60 -3.99 -25.79 -29.35
C VAL C 60 -3.83 -26.20 -30.82
N GLU C 61 -3.86 -27.53 -31.07
CA GLU C 61 -3.73 -28.07 -32.42
C GLU C 61 -4.99 -27.77 -33.20
N PHE C 62 -6.19 -27.99 -32.58
CA PHE C 62 -7.48 -27.74 -33.22
C PHE C 62 -7.60 -26.27 -33.59
N TYR C 63 -7.21 -25.39 -32.64
CA TYR C 63 -7.23 -23.95 -32.74
C TYR C 63 -6.32 -23.45 -33.89
N GLN C 64 -5.23 -24.16 -34.17
CA GLN C 64 -4.34 -23.86 -35.30
C GLN C 64 -5.06 -24.12 -36.64
N ARG C 65 -6.05 -25.07 -36.67
CA ARG C 65 -6.86 -25.44 -37.84
C ARG C 65 -7.87 -24.32 -38.23
N LEU C 66 -8.25 -23.49 -37.25
CA LEU C 66 -9.20 -22.40 -37.49
C LEU C 66 -8.57 -21.24 -38.27
N SER C 67 -9.42 -20.42 -38.90
CA SER C 67 -9.04 -19.22 -39.64
C SER C 67 -8.53 -18.17 -38.66
N THR C 68 -7.71 -17.23 -39.13
CA THR C 68 -7.24 -16.12 -38.28
C THR C 68 -8.43 -15.30 -37.78
N GLU C 69 -9.48 -15.09 -38.61
CA GLU C 69 -10.69 -14.35 -38.23
C GLU C 69 -11.32 -14.99 -37.03
N THR C 70 -11.44 -16.34 -37.05
CA THR C 70 -12.02 -17.14 -35.96
C THR C 70 -11.25 -16.88 -34.69
N LEU C 71 -9.92 -16.98 -34.77
CA LEU C 71 -9.04 -16.74 -33.65
C LEU C 71 -9.15 -15.31 -33.10
N PHE C 72 -9.27 -14.32 -34.02
CA PHE C 72 -9.47 -12.90 -33.69
C PHE C 72 -10.81 -12.67 -33.02
N PHE C 73 -11.84 -13.42 -33.43
CA PHE C 73 -13.17 -13.38 -32.85
C PHE C 73 -13.10 -13.91 -31.40
N ILE C 74 -12.58 -15.14 -31.21
CA ILE C 74 -12.38 -15.80 -29.91
C ILE C 74 -11.59 -14.85 -29.00
N PHE C 75 -10.52 -14.19 -29.51
CA PHE C 75 -9.70 -13.29 -28.71
C PHE C 75 -10.45 -12.09 -28.14
N TYR C 76 -11.29 -11.45 -28.94
CA TYR C 76 -11.95 -10.26 -28.49
C TYR C 76 -13.26 -10.55 -27.76
N TYR C 77 -14.13 -11.40 -28.35
CA TYR C 77 -15.44 -11.69 -27.79
C TYR C 77 -15.48 -12.74 -26.67
N LEU C 78 -14.40 -13.52 -26.45
CA LEU C 78 -14.33 -14.54 -25.37
C LEU C 78 -13.15 -14.31 -24.41
N GLU C 79 -12.99 -13.05 -24.00
CA GLU C 79 -11.98 -12.54 -23.08
C GLU C 79 -11.87 -13.36 -21.79
N GLY C 80 -10.65 -13.61 -21.32
CA GLY C 80 -10.33 -14.33 -20.08
C GLY C 80 -10.73 -15.79 -19.91
N THR C 81 -10.92 -16.53 -21.02
CA THR C 81 -11.29 -17.96 -21.00
C THR C 81 -10.15 -18.81 -21.58
N LYS C 82 -10.23 -20.16 -21.42
CA LYS C 82 -9.25 -21.12 -21.96
C LYS C 82 -9.15 -20.95 -23.52
N ALA C 83 -10.34 -20.72 -24.18
CA ALA C 83 -10.50 -20.47 -25.61
C ALA C 83 -9.69 -19.26 -26.06
N GLN C 84 -9.74 -18.13 -25.30
CA GLN C 84 -8.94 -16.94 -25.60
C GLN C 84 -7.46 -17.22 -25.46
N TYR C 85 -7.04 -18.01 -24.44
CA TYR C 85 -5.64 -18.37 -24.25
C TYR C 85 -5.16 -19.28 -25.37
N LEU C 86 -5.99 -20.26 -25.76
CA LEU C 86 -5.67 -21.17 -26.85
C LEU C 86 -5.61 -20.43 -28.19
N ALA C 87 -6.55 -19.47 -28.44
CA ALA C 87 -6.56 -18.69 -29.69
C ALA C 87 -5.30 -17.82 -29.80
N ALA C 88 -4.95 -17.09 -28.72
CA ALA C 88 -3.74 -16.28 -28.66
C ALA C 88 -2.52 -17.18 -28.87
N LYS C 89 -2.56 -18.42 -28.32
CA LYS C 89 -1.50 -19.43 -28.47
C LYS C 89 -1.31 -19.79 -29.94
N ALA C 90 -2.40 -20.22 -30.63
CA ALA C 90 -2.38 -20.56 -32.05
C ALA C 90 -1.93 -19.35 -32.87
N LEU C 91 -2.52 -18.15 -32.60
CA LEU C 91 -2.16 -16.87 -33.25
C LEU C 91 -0.63 -16.63 -33.17
N LYS C 92 -0.09 -16.69 -31.94
CA LYS C 92 1.34 -16.55 -31.63
C LYS C 92 2.13 -17.56 -32.48
N LYS C 93 1.74 -18.86 -32.47
CA LYS C 93 2.36 -19.92 -33.29
C LYS C 93 2.28 -19.57 -34.79
N GLN C 94 1.14 -18.99 -35.24
CA GLN C 94 0.86 -18.57 -36.61
C GLN C 94 1.55 -17.22 -36.95
N SER C 95 2.62 -16.92 -36.20
CA SER C 95 3.56 -15.80 -36.32
C SER C 95 2.95 -14.38 -36.13
N TRP C 96 1.82 -14.29 -35.37
CA TRP C 96 1.17 -13.00 -35.04
C TRP C 96 1.68 -12.57 -33.70
N ARG C 97 1.86 -11.26 -33.51
CA ARG C 97 2.39 -10.69 -32.30
C ARG C 97 1.52 -9.56 -31.84
N PHE C 98 0.95 -9.72 -30.64
CA PHE C 98 0.01 -8.77 -30.04
C PHE C 98 0.68 -7.47 -29.58
N HIS C 99 0.16 -6.34 -29.99
CA HIS C 99 0.68 -5.04 -29.55
C HIS C 99 -0.18 -4.68 -28.31
N THR C 100 0.48 -4.45 -27.13
CA THR C 100 -0.25 -4.16 -25.87
C THR C 100 -0.88 -2.76 -25.85
N LYS C 101 -0.21 -1.71 -26.41
CA LYS C 101 -0.78 -0.36 -26.45
C LYS C 101 -2.02 -0.32 -27.37
N TYR C 102 -1.86 -0.74 -28.65
CA TYR C 102 -2.91 -0.71 -29.68
C TYR C 102 -4.00 -1.78 -29.53
N MET C 103 -3.74 -2.82 -28.71
CA MET C 103 -4.64 -3.93 -28.45
C MET C 103 -5.02 -4.70 -29.72
N MET C 104 -4.04 -4.92 -30.60
CA MET C 104 -4.24 -5.61 -31.87
C MET C 104 -3.08 -6.53 -32.21
N TRP C 105 -3.36 -7.59 -32.97
CA TRP C 105 -2.34 -8.52 -33.41
C TRP C 105 -1.71 -8.05 -34.73
N PHE C 106 -0.39 -8.02 -34.77
CA PHE C 106 0.36 -7.63 -35.95
C PHE C 106 1.23 -8.79 -36.46
N GLN C 107 1.36 -8.89 -37.76
CA GLN C 107 2.19 -9.90 -38.40
C GLN C 107 2.98 -9.19 -39.47
N ARG C 108 4.27 -9.53 -39.58
CA ARG C 108 5.18 -8.99 -40.57
C ARG C 108 4.70 -9.38 -41.95
N HIS C 109 4.65 -8.40 -42.85
CA HIS C 109 4.29 -8.69 -44.22
C HIS C 109 5.60 -8.95 -44.97
N GLU C 110 6.58 -8.08 -44.75
CA GLU C 110 7.94 -8.15 -45.31
C GLU C 110 8.90 -8.40 -44.16
N GLU C 111 10.20 -8.21 -44.40
CA GLU C 111 11.20 -8.27 -43.34
C GLU C 111 11.26 -6.78 -42.89
N PRO C 112 11.32 -6.48 -41.56
CA PRO C 112 11.36 -5.08 -41.14
C PRO C 112 12.50 -4.31 -41.78
N LYS C 113 12.20 -3.09 -42.25
CA LYS C 113 13.18 -2.21 -42.87
C LYS C 113 14.28 -1.83 -41.87
N THR C 114 13.95 -1.78 -40.57
CA THR C 114 14.84 -1.43 -39.46
C THR C 114 14.51 -2.26 -38.22
N ILE C 115 15.55 -2.80 -37.55
CA ILE C 115 15.40 -3.54 -36.30
C ILE C 115 16.42 -2.95 -35.32
N THR C 116 15.94 -2.45 -34.18
CA THR C 116 16.80 -1.92 -33.12
C THR C 116 16.51 -2.73 -31.86
N ASP C 117 17.15 -2.40 -30.75
CA ASP C 117 16.91 -3.12 -29.50
C ASP C 117 15.64 -2.61 -28.82
N GLU C 118 15.08 -1.51 -29.36
CA GLU C 118 13.88 -0.88 -28.82
C GLU C 118 12.64 -1.07 -29.70
N PHE C 119 12.81 -1.14 -31.04
CA PHE C 119 11.68 -1.27 -31.99
C PHE C 119 12.04 -1.95 -33.31
N GLU C 120 11.03 -2.14 -34.15
CA GLU C 120 11.19 -2.62 -35.52
C GLU C 120 10.18 -1.88 -36.42
N GLN C 121 10.65 -1.31 -37.55
CA GLN C 121 9.73 -0.64 -38.45
C GLN C 121 9.77 -1.27 -39.84
N GLY C 122 8.59 -1.62 -40.31
CA GLY C 122 8.35 -2.25 -41.60
C GLY C 122 6.88 -2.24 -41.94
N THR C 123 6.48 -3.08 -42.91
CA THR C 123 5.09 -3.15 -43.30
C THR C 123 4.48 -4.38 -42.67
N TYR C 124 3.38 -4.17 -41.96
CA TYR C 124 2.70 -5.21 -41.21
C TYR C 124 1.24 -5.34 -41.61
N ILE C 125 0.69 -6.53 -41.45
CA ILE C 125 -0.73 -6.76 -41.63
C ILE C 125 -1.29 -6.85 -40.22
N TYR C 126 -2.40 -6.18 -39.97
CA TYR C 126 -3.02 -6.19 -38.65
C TYR C 126 -4.50 -6.43 -38.75
N PHE C 127 -5.14 -6.70 -37.61
CA PHE C 127 -6.58 -6.90 -37.53
C PHE C 127 -7.26 -5.72 -36.84
N ASP C 128 -8.15 -4.99 -37.57
CA ASP C 128 -8.92 -3.88 -36.99
C ASP C 128 -10.21 -4.42 -36.32
N TYR C 129 -10.23 -4.43 -34.97
CA TYR C 129 -11.35 -4.94 -34.20
C TYR C 129 -12.68 -4.15 -34.38
N GLU C 130 -12.63 -2.91 -34.96
CA GLU C 130 -13.82 -2.06 -35.18
C GLU C 130 -14.34 -2.16 -36.62
N LYS C 131 -13.42 -2.11 -37.59
CA LYS C 131 -13.74 -2.24 -39.00
C LYS C 131 -13.99 -3.75 -39.30
N TRP C 132 -13.67 -4.64 -38.31
CA TRP C 132 -13.72 -6.09 -38.30
C TRP C 132 -13.12 -6.70 -39.55
N GLY C 133 -11.81 -6.52 -39.68
CA GLY C 133 -11.08 -7.03 -40.83
C GLY C 133 -9.60 -6.80 -40.81
N GLN C 134 -8.90 -7.49 -41.71
CA GLN C 134 -7.47 -7.38 -41.88
C GLN C 134 -7.16 -6.09 -42.64
N ARG C 135 -6.10 -5.40 -42.23
CA ARG C 135 -5.67 -4.13 -42.83
C ARG C 135 -4.13 -4.05 -42.82
N LYS C 136 -3.56 -3.74 -43.98
CA LYS C 136 -2.12 -3.59 -44.14
C LYS C 136 -1.70 -2.19 -43.67
N LYS C 137 -0.46 -2.08 -43.18
CA LYS C 137 0.10 -0.82 -42.72
C LYS C 137 1.59 -0.77 -43.07
N GLU C 138 1.97 0.31 -43.75
CA GLU C 138 3.33 0.58 -44.19
C GLU C 138 4.01 1.53 -43.20
N GLY C 139 5.33 1.34 -43.02
CA GLY C 139 6.12 2.16 -42.12
C GLY C 139 5.61 2.20 -40.68
N PHE C 140 5.19 1.04 -40.18
CA PHE C 140 4.70 0.94 -38.82
C PHE C 140 5.88 0.69 -37.88
N THR C 141 5.93 1.43 -36.75
CA THR C 141 6.97 1.31 -35.72
C THR C 141 6.43 0.47 -34.53
N PHE C 142 6.90 -0.77 -34.43
CA PHE C 142 6.50 -1.66 -33.35
C PHE C 142 7.55 -1.58 -32.22
N GLU C 143 7.26 -0.77 -31.19
CA GLU C 143 8.11 -0.59 -30.00
C GLU C 143 8.04 -1.87 -29.19
N TYR C 144 9.21 -2.53 -28.99
CA TYR C 144 9.30 -3.79 -28.25
C TYR C 144 8.84 -3.67 -26.79
N ARG C 145 8.71 -2.43 -26.30
CA ARG C 145 8.21 -2.11 -24.96
C ARG C 145 6.68 -2.27 -24.90
N TYR C 146 6.08 -2.69 -26.02
CA TYR C 146 4.64 -2.93 -26.15
C TYR C 146 4.41 -4.35 -26.65
N LEU C 147 5.48 -5.02 -27.07
CA LEU C 147 5.43 -6.39 -27.59
C LEU C 147 5.21 -7.43 -26.49
N GLU C 148 6.24 -7.61 -25.63
CA GLU C 148 6.42 -8.55 -24.49
C GLU C 148 7.89 -8.96 -24.43
N THR D 11 -12.06 -9.11 20.35
CA THR D 11 -11.20 -8.00 19.93
C THR D 11 -11.44 -7.64 18.46
N ASP D 12 -11.26 -6.34 18.12
CA ASP D 12 -11.42 -5.90 16.73
C ASP D 12 -10.10 -6.05 15.91
N GLU D 13 -9.52 -7.27 15.95
CA GLU D 13 -8.27 -7.67 15.27
C GLU D 13 -8.34 -7.44 13.76
N ILE D 14 -9.48 -7.84 13.13
CA ILE D 14 -9.77 -7.72 11.70
C ILE D 14 -9.79 -6.23 11.30
N ALA D 15 -10.60 -5.44 12.04
CA ALA D 15 -10.81 -4.00 11.84
C ALA D 15 -9.53 -3.20 11.70
N ARG D 16 -8.56 -3.40 12.62
CA ARG D 16 -7.27 -2.71 12.65
C ARG D 16 -6.42 -3.03 11.42
N SER D 17 -6.42 -4.31 10.98
CA SER D 17 -5.67 -4.80 9.82
C SER D 17 -6.08 -4.10 8.52
N LEU D 18 -7.35 -3.66 8.45
CA LEU D 18 -7.94 -2.97 7.31
C LEU D 18 -7.82 -1.46 7.51
N LYS D 19 -7.88 -1.01 8.79
CA LYS D 19 -7.75 0.40 9.20
C LYS D 19 -6.32 0.89 8.90
N ILE D 20 -5.30 0.04 9.20
CA ILE D 20 -3.88 0.33 8.95
C ILE D 20 -3.58 0.20 7.45
N PHE D 21 -4.34 -0.67 6.76
CA PHE D 21 -4.25 -0.85 5.31
C PHE D 21 -4.71 0.45 4.62
N ALA D 22 -5.75 1.11 5.20
CA ALA D 22 -6.33 2.37 4.71
C ALA D 22 -5.32 3.52 4.75
N GLN D 23 -4.37 3.52 5.73
CA GLN D 23 -3.31 4.52 5.83
C GLN D 23 -2.44 4.59 4.55
N VAL D 24 -2.17 3.41 3.93
CA VAL D 24 -1.39 3.22 2.69
C VAL D 24 -2.11 3.87 1.48
N THR D 25 -1.32 4.26 0.44
CA THR D 25 -1.72 4.90 -0.83
C THR D 25 -2.45 6.22 -0.60
N SER D 35 -8.25 5.50 -22.01
CA SER D 35 -7.79 6.50 -22.99
C SER D 35 -7.45 5.84 -24.34
N MET D 36 -8.38 5.01 -24.89
CA MET D 36 -8.15 4.32 -26.17
C MET D 36 -8.54 5.17 -27.41
N GLN D 37 -8.96 6.43 -27.15
CA GLN D 37 -9.29 7.41 -28.17
C GLN D 37 -7.99 8.09 -28.60
N ASP D 38 -7.20 8.58 -27.61
CA ASP D 38 -5.89 9.23 -27.84
C ASP D 38 -4.86 8.26 -28.37
N VAL D 39 -5.03 6.96 -28.06
CA VAL D 39 -4.17 5.85 -28.49
C VAL D 39 -4.46 5.54 -29.96
N MET D 40 -5.77 5.36 -30.34
CA MET D 40 -6.19 5.11 -31.73
C MET D 40 -5.92 6.31 -32.68
N GLN D 41 -5.89 7.54 -32.13
CA GLN D 41 -5.62 8.77 -32.88
C GLN D 41 -4.11 8.90 -33.12
N GLU D 42 -3.31 8.31 -32.22
CA GLU D 42 -1.86 8.26 -32.28
C GLU D 42 -1.45 7.07 -33.20
N PHE D 43 -2.35 6.08 -33.35
CA PHE D 43 -2.15 4.91 -34.20
C PHE D 43 -2.26 5.30 -35.68
N ALA D 44 -3.10 6.30 -35.99
CA ALA D 44 -3.28 6.83 -37.34
C ALA D 44 -1.99 7.54 -37.81
N THR D 45 -1.28 8.21 -36.86
CA THR D 45 -0.03 8.94 -37.09
C THR D 45 1.20 8.00 -37.18
N ASN D 46 1.13 6.81 -36.54
CA ASN D 46 2.18 5.79 -36.52
C ASN D 46 2.07 4.83 -37.73
N GLY D 47 2.45 5.33 -38.91
CA GLY D 47 2.42 4.57 -40.16
C GLY D 47 1.31 4.94 -41.13
N TYR D 48 1.35 4.29 -42.32
CA TYR D 48 0.38 4.50 -43.40
C TYR D 48 -0.53 3.29 -43.57
N ALA D 49 -1.83 3.44 -43.22
CA ALA D 49 -2.83 2.37 -43.36
C ALA D 49 -3.26 2.15 -44.81
N SER D 50 -3.58 0.90 -45.18
CA SER D 50 -3.98 0.48 -46.53
C SER D 50 -4.93 -0.72 -46.49
N ASP D 51 -5.15 -1.34 -47.68
CA ASP D 51 -5.89 -2.56 -47.96
C ASP D 51 -5.17 -3.40 -49.05
N ASP D 52 -5.05 -4.72 -48.80
CA ASP D 52 -4.40 -5.71 -49.65
C ASP D 52 -5.08 -7.08 -49.49
N GLU E 15 28.19 -4.33 20.93
CA GLU E 15 28.60 -3.74 22.20
C GLU E 15 27.58 -4.02 23.33
N TYR E 16 26.29 -3.70 23.06
CA TYR E 16 25.13 -3.76 23.97
C TYR E 16 24.56 -5.19 24.19
N ASP E 17 23.34 -5.28 24.75
CA ASP E 17 22.65 -6.56 24.90
C ASP E 17 21.91 -6.75 23.58
N ASP E 18 22.69 -6.58 22.49
CA ASP E 18 22.33 -6.63 21.08
C ASP E 18 22.23 -8.08 20.60
N PRO E 19 21.08 -8.53 20.02
CA PRO E 19 21.00 -9.93 19.55
C PRO E 19 22.10 -10.31 18.54
N PRO E 20 22.57 -11.58 18.55
CA PRO E 20 23.65 -11.99 17.62
C PRO E 20 23.29 -11.88 16.14
N GLY E 21 24.26 -11.42 15.35
CA GLY E 21 24.13 -11.26 13.91
C GLY E 21 23.26 -10.10 13.47
N LEU E 22 22.91 -9.17 14.42
CA LEU E 22 22.03 -8.01 14.14
C LEU E 22 22.76 -6.86 13.48
N ARG E 23 24.01 -6.53 13.90
CA ARG E 23 24.82 -5.45 13.30
C ARG E 23 25.00 -5.73 11.83
N GLU E 24 25.42 -6.96 11.53
CA GLU E 24 25.69 -7.53 10.22
C GLU E 24 24.45 -7.42 9.33
N LYS E 25 23.28 -7.83 9.90
CA LYS E 25 21.94 -7.79 9.30
C LYS E 25 21.52 -6.37 8.93
N ALA E 26 21.66 -5.43 9.90
CA ALA E 26 21.27 -4.02 9.78
C ALA E 26 22.12 -3.31 8.79
N GLU E 27 23.43 -3.53 8.88
CA GLU E 27 24.36 -2.85 7.99
C GLU E 27 24.21 -3.32 6.55
N TYR E 28 23.76 -4.58 6.33
CA TYR E 28 23.42 -5.13 5.01
C TYR E 28 22.16 -4.41 4.46
N LEU E 29 21.12 -4.30 5.31
CA LEU E 29 19.86 -3.63 5.03
C LEU E 29 20.09 -2.16 4.68
N LEU E 30 20.88 -1.43 5.49
CA LEU E 30 21.18 -0.01 5.19
C LEU E 30 21.94 0.15 3.90
N ARG E 31 23.03 -0.68 3.69
CA ARG E 31 23.83 -0.69 2.47
C ARG E 31 22.93 -0.73 1.24
N GLU E 32 21.95 -1.65 1.23
CA GLU E 32 20.94 -1.85 0.19
C GLU E 32 20.11 -0.63 -0.06
N TRP E 33 19.54 -0.06 1.01
CA TRP E 33 18.69 1.13 0.98
C TRP E 33 19.41 2.33 0.41
N VAL E 34 20.72 2.49 0.74
CA VAL E 34 21.60 3.58 0.28
C VAL E 34 21.88 3.48 -1.24
N ASN E 35 21.64 2.28 -1.84
CA ASN E 35 21.77 2.04 -3.28
C ASN E 35 20.38 2.19 -3.92
N LEU E 36 19.33 1.79 -3.18
CA LEU E 36 17.92 1.88 -3.55
C LEU E 36 17.46 3.34 -3.62
N TYR E 37 17.89 4.16 -2.67
CA TYR E 37 17.53 5.57 -2.54
C TYR E 37 18.09 6.33 -3.74
N HIS E 38 19.32 5.96 -4.15
CA HIS E 38 20.05 6.57 -5.26
C HIS E 38 19.64 5.99 -6.62
N SER E 39 18.89 4.87 -6.60
CA SER E 39 18.42 4.20 -7.81
C SER E 39 17.36 5.03 -8.54
N ALA E 40 17.28 4.83 -9.85
CA ALA E 40 16.33 5.51 -10.73
C ALA E 40 14.94 4.93 -10.54
N ALA E 41 13.91 5.80 -10.73
CA ALA E 41 12.47 5.50 -10.61
C ALA E 41 12.11 4.69 -9.33
N ALA E 42 12.79 5.04 -8.22
CA ALA E 42 12.59 4.45 -6.89
C ALA E 42 11.35 5.09 -6.21
N GLY E 43 10.66 5.96 -6.95
CA GLY E 43 9.51 6.73 -6.48
C GLY E 43 9.94 8.18 -6.33
N ARG E 44 8.98 9.13 -6.45
CA ARG E 44 9.30 10.55 -6.36
C ARG E 44 9.92 10.91 -5.00
N ASP E 45 9.40 10.29 -3.92
CA ASP E 45 9.96 10.48 -2.59
C ASP E 45 10.32 9.11 -1.98
N SER E 46 11.10 8.30 -2.75
CA SER E 46 11.56 6.94 -2.41
C SER E 46 10.40 5.96 -2.06
N THR E 47 9.19 6.23 -2.60
CA THR E 47 7.94 5.51 -2.32
C THR E 47 7.96 4.05 -2.81
N LYS E 48 8.21 3.83 -4.10
CA LYS E 48 8.25 2.49 -4.74
C LYS E 48 9.31 1.55 -4.11
N ALA E 49 10.44 2.14 -3.65
CA ALA E 49 11.58 1.44 -3.02
C ALA E 49 11.27 1.08 -1.58
N PHE E 50 10.67 2.04 -0.80
CA PHE E 50 10.33 1.90 0.62
C PHE E 50 9.35 0.79 0.94
N SER E 51 8.22 0.74 0.20
CA SER E 51 7.18 -0.28 0.33
C SER E 51 7.78 -1.68 0.18
N ALA E 52 8.83 -1.77 -0.66
CA ALA E 52 9.56 -2.98 -0.95
C ALA E 52 10.69 -3.22 0.05
N PHE E 53 11.27 -2.14 0.60
CA PHE E 53 12.35 -2.25 1.59
C PHE E 53 11.84 -2.73 2.96
N VAL E 54 10.62 -2.28 3.37
CA VAL E 54 9.89 -2.64 4.59
C VAL E 54 9.60 -4.12 4.59
N GLY E 55 9.32 -4.66 3.41
CA GLY E 55 9.12 -6.07 3.20
C GLY E 55 10.41 -6.77 3.57
N GLN E 56 11.53 -6.39 2.92
CA GLN E 56 12.88 -6.93 3.17
C GLN E 56 13.25 -6.87 4.65
N MET E 57 12.91 -5.74 5.36
CA MET E 57 13.11 -5.50 6.80
C MET E 57 12.33 -6.55 7.61
N HIS E 58 11.01 -6.70 7.31
CA HIS E 58 10.11 -7.68 7.90
C HIS E 58 10.67 -9.12 7.73
N GLN E 59 11.09 -9.49 6.49
CA GLN E 59 11.63 -10.81 6.16
C GLN E 59 12.88 -11.10 7.00
N GLN E 60 13.75 -10.09 7.17
CA GLN E 60 14.97 -10.25 7.96
C GLN E 60 14.68 -10.18 9.48
N GLY E 61 13.41 -10.22 9.85
CA GLY E 61 12.91 -10.25 11.22
C GLY E 61 13.22 -9.06 12.11
N ILE E 62 13.63 -7.90 11.53
CA ILE E 62 13.92 -6.69 12.31
C ILE E 62 12.61 -6.02 12.75
N LEU E 63 11.53 -6.33 12.03
CA LEU E 63 10.22 -5.76 12.32
C LEU E 63 9.49 -6.45 13.48
N LYS E 64 9.96 -7.65 13.92
CA LYS E 64 9.35 -8.47 14.99
C LYS E 64 9.03 -7.70 16.28
N THR E 65 10.06 -7.21 16.99
CA THR E 65 9.87 -6.45 18.22
C THR E 65 10.20 -4.97 18.02
N ASP E 66 9.59 -4.09 18.84
CA ASP E 66 9.85 -2.65 18.85
C ASP E 66 11.28 -2.39 19.31
N ASP E 67 11.79 -3.28 20.20
CA ASP E 67 13.14 -3.27 20.74
C ASP E 67 14.17 -3.48 19.63
N LEU E 68 13.85 -4.37 18.65
CA LEU E 68 14.71 -4.65 17.50
C LEU E 68 14.63 -3.52 16.50
N ILE E 69 13.45 -2.88 16.37
CA ILE E 69 13.25 -1.75 15.47
C ILE E 69 14.15 -0.62 15.90
N THR E 70 14.14 -0.30 17.21
CA THR E 70 14.95 0.75 17.84
C THR E 70 16.43 0.42 17.71
N ARG E 71 16.78 -0.88 17.86
CA ARG E 71 18.16 -1.35 17.74
C ARG E 71 18.67 -1.18 16.34
N PHE E 72 17.82 -1.39 15.34
CA PHE E 72 18.15 -1.21 13.92
C PHE E 72 18.47 0.28 13.67
N PHE E 73 17.73 1.17 14.31
CA PHE E 73 17.93 2.61 14.19
C PHE E 73 19.23 3.04 14.80
N ARG E 74 19.63 2.41 15.92
CA ARG E 74 20.89 2.74 16.58
C ARG E 74 22.07 2.31 15.70
N LEU E 75 22.03 1.07 15.21
CA LEU E 75 23.03 0.50 14.32
C LEU E 75 23.17 1.28 13.00
N CYS E 76 22.06 1.79 12.47
CA CYS E 76 22.06 2.56 11.23
C CYS E 76 22.77 3.86 11.42
N THR E 77 22.54 4.49 12.57
CA THR E 77 23.16 5.75 12.96
C THR E 77 24.68 5.55 13.09
N GLU E 78 25.11 4.53 13.88
CA GLU E 78 26.50 4.21 14.12
C GLU E 78 27.24 3.94 12.80
N MET E 79 26.58 3.26 11.84
CA MET E 79 27.12 2.92 10.52
C MET E 79 27.39 4.26 9.80
N CYS E 80 26.36 5.11 9.71
CA CYS E 80 26.45 6.43 9.08
C CYS E 80 27.55 7.28 9.70
N VAL E 81 27.67 7.21 11.04
CA VAL E 81 28.69 7.88 11.84
C VAL E 81 30.08 7.34 11.40
N GLU E 82 30.25 6.00 11.38
CA GLU E 82 31.50 5.36 11.00
C GLU E 82 31.87 5.71 9.57
N ILE E 83 30.89 5.75 8.67
CA ILE E 83 31.09 6.14 7.28
C ILE E 83 31.65 7.58 7.21
N SER E 84 31.13 8.51 8.07
CA SER E 84 31.59 9.90 8.13
C SER E 84 33.03 9.92 8.64
N TYR E 85 33.36 9.09 9.65
CA TYR E 85 34.72 9.06 10.20
C TYR E 85 35.74 8.57 9.18
N ARG E 86 35.48 7.42 8.49
CA ARG E 86 36.30 6.84 7.42
C ARG E 86 36.48 7.88 6.32
N ALA E 87 35.37 8.55 5.91
CA ALA E 87 35.36 9.61 4.94
C ALA E 87 36.31 10.70 5.39
N GLN E 88 36.06 11.33 6.53
CA GLN E 88 36.95 12.36 7.07
C GLN E 88 38.43 11.89 7.21
N ALA E 89 38.68 10.56 7.36
CA ALA E 89 40.03 10.04 7.50
C ALA E 89 40.74 9.90 6.15
N GLU E 90 40.04 9.39 5.10
CA GLU E 90 40.62 9.28 3.77
C GLU E 90 40.89 10.68 3.16
N GLN E 91 40.23 11.72 3.69
CA GLN E 91 40.42 13.14 3.30
C GLN E 91 41.71 13.68 3.91
N GLN E 92 42.11 13.14 5.09
CA GLN E 92 43.32 13.56 5.81
C GLN E 92 44.54 12.69 5.43
N HIS E 93 44.45 11.33 5.59
CA HIS E 93 45.53 10.37 5.28
C HIS E 93 45.88 10.30 3.79
N ASN E 94 45.24 11.16 2.99
CA ASN E 94 45.44 11.38 1.56
C ASN E 94 45.05 12.85 1.32
N PRO E 95 46.02 13.81 1.32
CA PRO E 95 45.67 15.22 1.08
C PRO E 95 45.51 15.55 -0.41
N ALA E 96 45.69 14.51 -1.29
CA ALA E 96 45.50 14.53 -2.74
C ALA E 96 44.01 14.19 -3.07
N ALA E 97 43.26 13.69 -2.06
CA ALA E 97 41.83 13.34 -2.14
C ALA E 97 40.94 14.59 -2.11
N ASN E 98 39.93 14.58 -2.98
CA ASN E 98 38.94 15.64 -3.20
C ASN E 98 38.03 15.81 -1.97
N PRO E 99 38.13 16.94 -1.22
CA PRO E 99 37.26 17.11 -0.02
C PRO E 99 35.77 17.28 -0.31
N THR E 100 35.42 17.79 -1.51
CA THR E 100 34.04 17.98 -1.95
C THR E 100 33.40 16.61 -2.17
N MET E 101 34.17 15.67 -2.79
CA MET E 101 33.72 14.29 -3.07
C MET E 101 33.60 13.50 -1.79
N ILE E 102 34.44 13.82 -0.80
CA ILE E 102 34.42 13.20 0.51
C ILE E 102 33.10 13.58 1.16
N ARG E 103 32.80 14.91 1.24
CA ARG E 103 31.54 15.43 1.79
C ARG E 103 30.38 14.64 1.18
N ALA E 104 30.33 14.60 -0.17
CA ALA E 104 29.31 13.92 -0.97
C ALA E 104 29.06 12.48 -0.53
N LYS E 105 30.14 11.74 -0.17
CA LYS E 105 30.06 10.34 0.30
C LYS E 105 29.19 10.24 1.57
N CYS E 106 29.43 11.14 2.57
CA CYS E 106 28.70 11.18 3.84
C CYS E 106 27.28 11.54 3.58
N TYR E 107 27.06 12.56 2.73
CA TYR E 107 25.74 13.02 2.38
C TYR E 107 24.93 11.90 1.70
N HIS E 108 25.55 11.17 0.75
CA HIS E 108 25.03 10.01 0.03
C HIS E 108 24.32 9.07 1.03
N ASN E 109 25.05 8.65 2.08
CA ASN E 109 24.58 7.74 3.12
C ASN E 109 23.57 8.33 4.10
N LEU E 110 23.85 9.55 4.56
CA LEU E 110 23.05 10.24 5.57
C LEU E 110 21.68 10.65 5.07
N ASP E 111 21.59 11.23 3.85
CA ASP E 111 20.34 11.61 3.18
C ASP E 111 19.42 10.42 3.00
N ALA E 112 20.03 9.28 2.62
CA ALA E 112 19.36 8.00 2.44
C ALA E 112 18.72 7.53 3.77
N PHE E 113 19.50 7.55 4.88
CA PHE E 113 19.00 7.15 6.19
C PHE E 113 17.85 8.07 6.70
N VAL E 114 18.00 9.39 6.47
CA VAL E 114 17.02 10.41 6.83
C VAL E 114 15.67 10.08 6.17
N ARG E 115 15.67 9.85 4.82
CA ARG E 115 14.46 9.49 4.12
C ARG E 115 13.90 8.21 4.72
N LEU E 116 14.77 7.21 5.04
CA LEU E 116 14.31 5.97 5.67
C LEU E 116 13.55 6.28 6.95
N ILE E 117 14.12 7.18 7.82
CA ILE E 117 13.49 7.61 9.07
C ILE E 117 12.18 8.32 8.78
N ALA E 118 12.22 9.36 7.93
CA ALA E 118 11.05 10.16 7.54
C ALA E 118 9.93 9.29 6.98
N LEU E 119 10.29 8.24 6.23
CA LEU E 119 9.31 7.32 5.68
C LEU E 119 8.80 6.36 6.72
N LEU E 120 9.70 5.77 7.53
CA LEU E 120 9.30 4.91 8.63
C LEU E 120 8.38 5.64 9.62
N VAL E 121 8.57 6.97 9.80
CA VAL E 121 7.75 7.79 10.70
C VAL E 121 6.37 8.05 10.07
N LYS E 122 6.30 8.74 8.90
CA LYS E 122 5.05 9.02 8.18
C LYS E 122 4.17 7.77 7.99
N HIS E 123 4.78 6.63 7.63
CA HIS E 123 4.06 5.38 7.40
C HIS E 123 3.78 4.56 8.69
N SER E 124 4.31 5.01 9.85
CA SER E 124 4.03 4.34 11.14
C SER E 124 2.77 4.93 11.77
N GLY E 125 2.31 6.06 11.21
CA GLY E 125 1.09 6.74 11.61
C GLY E 125 -0.11 6.07 10.97
N GLU E 126 -0.48 4.92 11.56
CA GLU E 126 -1.58 4.04 11.19
C GLU E 126 -2.92 4.78 11.15
N ALA E 127 -3.52 4.87 9.94
CA ALA E 127 -4.78 5.57 9.66
C ALA E 127 -4.75 7.06 10.14
N THR E 128 -3.57 7.72 9.95
CA THR E 128 -3.24 9.10 10.36
C THR E 128 -3.22 9.20 11.89
N ASN E 129 -2.34 8.39 12.53
CA ASN E 129 -2.18 8.37 13.98
C ASN E 129 -1.36 9.58 14.42
N THR E 130 -1.75 10.20 15.55
CA THR E 130 -1.07 11.37 16.08
C THR E 130 -0.01 10.94 17.08
N VAL E 131 -0.43 10.18 18.10
CA VAL E 131 0.39 9.70 19.21
C VAL E 131 1.53 8.76 18.72
N THR E 132 1.22 7.71 17.95
CA THR E 132 2.19 6.71 17.44
C THR E 132 3.28 7.35 16.58
N LYS E 133 2.90 8.16 15.57
CA LYS E 133 3.80 8.88 14.65
C LYS E 133 4.78 9.78 15.41
N ILE E 134 4.27 10.53 16.41
CA ILE E 134 5.07 11.45 17.24
C ILE E 134 5.95 10.62 18.12
N ASN E 135 5.42 9.53 18.71
CA ASN E 135 6.22 8.71 19.61
C ASN E 135 7.39 8.05 18.91
N LEU E 136 7.21 7.58 17.65
CA LEU E 136 8.35 7.04 16.89
C LEU E 136 9.32 8.19 16.56
N LEU E 137 8.80 9.42 16.24
CA LEU E 137 9.71 10.56 15.98
C LEU E 137 10.59 10.82 17.20
N ASN E 138 9.97 10.78 18.39
CA ASN E 138 10.69 10.96 19.62
C ASN E 138 11.71 9.86 19.78
N LYS E 139 11.29 8.57 19.62
CA LYS E 139 12.18 7.41 19.71
C LYS E 139 13.37 7.59 18.80
N VAL E 140 13.16 7.88 17.50
CA VAL E 140 14.25 8.07 16.55
C VAL E 140 15.22 9.17 17.04
N LEU E 141 14.70 10.38 17.32
CA LEU E 141 15.49 11.50 17.83
C LEU E 141 16.34 11.08 19.08
N GLY E 142 15.70 10.34 19.99
CA GLY E 142 16.28 9.85 21.23
C GLY E 142 17.43 8.89 21.00
N ILE E 143 17.26 7.97 20.03
CA ILE E 143 18.22 6.96 19.57
C ILE E 143 19.46 7.69 18.99
N VAL E 144 19.21 8.74 18.16
CA VAL E 144 20.26 9.58 17.54
C VAL E 144 21.00 10.38 18.62
N VAL E 145 20.26 11.00 19.57
CA VAL E 145 20.86 11.76 20.68
C VAL E 145 21.81 10.86 21.49
N GLY E 146 21.37 9.63 21.74
CA GLY E 146 22.16 8.62 22.45
C GLY E 146 23.49 8.29 21.79
N VAL E 147 23.45 8.04 20.47
CA VAL E 147 24.62 7.73 19.65
C VAL E 147 25.56 8.95 19.65
N LEU E 148 24.99 10.16 19.53
CA LEU E 148 25.74 11.42 19.56
C LEU E 148 26.56 11.50 20.83
N LEU E 149 25.87 11.59 21.97
CA LEU E 149 26.48 11.73 23.28
C LEU E 149 27.53 10.64 23.57
N GLN E 150 27.30 9.35 23.20
CA GLN E 150 28.35 8.34 23.42
C GLN E 150 29.56 8.67 22.53
N ASP E 151 29.35 8.90 21.22
CA ASP E 151 30.40 9.30 20.25
C ASP E 151 31.18 10.52 20.78
N HIS E 152 30.44 11.57 21.23
CA HIS E 152 30.97 12.79 21.80
C HIS E 152 31.92 12.44 22.93
N ASP E 153 31.42 11.66 23.92
CA ASP E 153 32.16 11.28 25.12
C ASP E 153 33.33 10.34 24.85
N VAL E 154 33.23 9.44 23.89
CA VAL E 154 34.36 8.54 23.68
C VAL E 154 35.40 9.16 22.73
N ARG E 155 34.98 9.68 21.57
CA ARG E 155 35.85 10.29 20.55
C ARG E 155 36.45 11.62 21.00
N GLN E 156 35.82 12.26 21.99
CA GLN E 156 36.30 13.50 22.56
C GLN E 156 36.81 14.47 21.49
N SER E 157 38.11 14.82 21.47
CA SER E 157 38.77 15.74 20.53
C SER E 157 38.55 15.41 19.03
N GLU E 158 38.30 14.14 18.70
CA GLU E 158 38.11 13.72 17.32
C GLU E 158 36.65 13.58 16.94
N PHE E 159 35.73 13.91 17.86
CA PHE E 159 34.28 13.87 17.58
C PHE E 159 33.93 14.72 16.37
N GLN E 160 33.20 14.13 15.38
CA GLN E 160 32.70 14.76 14.18
C GLN E 160 31.24 15.05 14.42
N GLN E 161 30.78 16.24 14.07
CA GLN E 161 29.39 16.62 14.27
C GLN E 161 28.53 16.45 13.01
N LEU E 162 29.18 16.31 11.84
CA LEU E 162 28.53 16.22 10.54
C LEU E 162 27.37 15.21 10.50
N PRO E 163 27.55 13.90 10.85
CA PRO E 163 26.41 12.97 10.77
C PRO E 163 25.12 13.51 11.39
N TYR E 164 25.19 13.90 12.67
CA TYR E 164 24.12 14.39 13.53
C TYR E 164 23.55 15.70 13.03
N HIS E 165 24.44 16.59 12.55
CA HIS E 165 24.01 17.88 12.03
C HIS E 165 23.15 17.68 10.79
N ARG E 166 23.60 16.82 9.84
CA ARG E 166 22.81 16.56 8.65
C ARG E 166 21.53 15.78 8.99
N ILE E 167 21.61 14.76 9.88
CA ILE E 167 20.47 13.96 10.28
C ILE E 167 19.35 14.86 10.85
N PHE E 168 19.72 15.73 11.79
CA PHE E 168 18.74 16.58 12.43
C PHE E 168 18.09 17.59 11.51
N ILE E 169 18.90 18.30 10.66
CA ILE E 169 18.32 19.29 9.75
C ILE E 169 17.44 18.66 8.68
N MET E 170 18.02 17.73 7.91
CA MET E 170 17.36 17.07 6.79
C MET E 170 16.04 16.47 7.19
N LEU E 171 15.98 15.91 8.42
CA LEU E 171 14.79 15.33 8.98
C LEU E 171 13.76 16.39 9.30
N LEU E 172 14.19 17.53 9.90
CA LEU E 172 13.30 18.66 10.20
C LEU E 172 12.68 19.17 8.89
N LEU E 173 13.48 19.21 7.81
CA LEU E 173 13.05 19.66 6.49
C LEU E 173 12.11 18.69 5.78
N GLU E 174 12.40 17.36 5.87
CA GLU E 174 11.58 16.28 5.32
C GLU E 174 10.21 16.29 5.99
N LEU E 175 10.18 16.44 7.31
CA LEU E 175 8.96 16.45 8.11
C LEU E 175 8.26 17.83 8.14
N ASN E 176 8.72 18.78 7.30
CA ASN E 176 8.13 20.12 7.18
C ASN E 176 7.26 20.23 5.92
N ALA E 177 7.68 19.53 4.85
CA ALA E 177 7.00 19.48 3.55
C ALA E 177 5.63 18.84 3.66
N ILE E 185 0.14 18.28 14.17
CA ILE E 185 1.25 17.33 14.03
C ILE E 185 2.53 18.09 13.80
N ASN E 186 2.45 19.26 13.11
CA ASN E 186 3.59 20.14 12.86
C ASN E 186 4.11 20.67 14.19
N PHE E 187 3.20 21.05 15.15
CA PHE E 187 3.63 21.57 16.45
C PHE E 187 4.26 20.50 17.31
N GLN E 188 3.68 19.30 17.35
CA GLN E 188 4.30 18.25 18.14
C GLN E 188 5.64 17.78 17.53
N THR E 189 5.84 17.98 16.19
CA THR E 189 7.10 17.71 15.51
C THR E 189 8.11 18.74 16.02
N LEU E 190 7.73 20.04 16.02
CA LEU E 190 8.61 21.11 16.49
C LEU E 190 8.97 20.97 17.93
N THR E 191 7.99 20.59 18.77
CA THR E 191 8.19 20.36 20.20
C THR E 191 9.16 19.20 20.43
N ALA E 192 9.13 18.20 19.52
CA ALA E 192 10.05 17.06 19.56
C ALA E 192 11.47 17.53 19.21
N PHE E 193 11.61 18.38 18.16
CA PHE E 193 12.90 18.89 17.73
C PHE E 193 13.49 19.83 18.76
N CYS E 194 12.63 20.61 19.44
CA CYS E 194 13.02 21.53 20.50
C CYS E 194 13.65 20.81 21.68
N ASN E 195 12.97 19.78 22.24
CA ASN E 195 13.47 18.99 23.38
C ASN E 195 14.83 18.39 23.07
N THR E 196 15.02 17.96 21.80
CA THR E 196 16.28 17.42 21.29
C THR E 196 17.35 18.49 21.38
N PHE E 197 17.07 19.66 20.81
CA PHE E 197 17.99 20.77 20.80
C PHE E 197 18.36 21.16 22.22
N HIS E 198 17.36 21.22 23.12
CA HIS E 198 17.62 21.47 24.54
C HIS E 198 18.54 20.35 25.15
N ILE E 199 18.24 19.06 24.90
CA ILE E 199 19.07 17.93 25.39
C ILE E 199 20.56 18.06 24.95
N LEU E 200 20.74 18.56 23.73
CA LEU E 200 22.00 18.78 23.05
C LEU E 200 22.52 20.22 23.19
N ARG E 201 22.06 20.97 24.25
CA ARG E 201 22.52 22.34 24.54
C ARG E 201 24.06 22.29 24.80
N PRO E 202 24.83 23.35 24.45
CA PRO E 202 26.29 23.25 24.54
C PRO E 202 26.90 22.92 25.90
N THR E 203 26.14 22.94 26.98
CA THR E 203 26.73 22.57 28.28
C THR E 203 26.72 21.03 28.42
N LYS E 204 25.88 20.38 27.59
CA LYS E 204 25.74 18.92 27.54
C LYS E 204 26.62 18.37 26.41
N ALA E 205 26.49 18.95 25.20
CA ALA E 205 27.24 18.56 24.01
C ALA E 205 28.06 19.75 23.48
N PRO E 206 29.21 20.08 24.15
CA PRO E 206 30.00 21.25 23.71
C PRO E 206 30.62 21.11 22.31
N GLY E 207 31.00 19.89 21.92
CA GLY E 207 31.56 19.63 20.62
C GLY E 207 30.55 19.71 19.49
N PHE E 208 29.27 20.01 19.79
CA PHE E 208 28.20 20.12 18.78
C PHE E 208 27.64 21.55 18.66
N VAL E 209 28.16 22.47 19.48
CA VAL E 209 27.71 23.88 19.58
C VAL E 209 27.57 24.62 18.22
N TYR E 210 28.54 24.50 17.28
CA TYR E 210 28.47 25.17 15.98
C TYR E 210 27.31 24.66 15.16
N ALA E 211 27.09 23.33 15.16
CA ALA E 211 25.97 22.68 14.49
C ALA E 211 24.65 23.06 15.21
N TRP E 212 24.70 23.09 16.54
CA TRP E 212 23.59 23.41 17.41
C TRP E 212 23.09 24.84 17.13
N LEU E 213 24.00 25.83 17.07
CA LEU E 213 23.60 27.20 16.75
C LEU E 213 23.06 27.25 15.34
N GLU E 214 23.64 26.43 14.43
CA GLU E 214 23.18 26.33 13.04
C GLU E 214 21.74 25.77 13.00
N LEU E 215 21.35 24.94 14.02
CA LEU E 215 20.01 24.32 14.12
C LEU E 215 18.97 25.27 14.70
N ILE E 216 19.28 25.79 15.91
CA ILE E 216 18.54 26.79 16.67
C ILE E 216 18.22 28.00 15.77
N SER E 217 19.21 28.43 14.96
CA SER E 217 19.06 29.59 14.09
C SER E 217 18.72 29.28 12.62
N HIS E 218 18.15 28.09 12.33
CA HIS E 218 17.85 27.76 10.94
C HIS E 218 16.75 28.63 10.38
N ARG E 219 16.80 28.99 9.06
CA ARG E 219 15.77 29.81 8.40
C ARG E 219 14.36 29.24 8.63
N ILE E 220 14.20 27.91 8.41
CA ILE E 220 12.96 27.14 8.57
C ILE E 220 12.55 27.02 10.05
N PHE E 221 13.51 26.77 10.94
CA PHE E 221 13.26 26.63 12.37
C PHE E 221 12.85 27.94 13.04
N ILE E 222 13.55 29.06 12.73
CA ILE E 222 13.18 30.39 13.25
C ILE E 222 11.78 30.66 12.77
N ALA E 223 11.51 30.43 11.47
CA ALA E 223 10.25 30.64 10.80
C ALA E 223 9.11 30.00 11.53
N ARG E 224 9.16 28.65 11.61
CA ARG E 224 8.16 27.79 12.23
C ARG E 224 8.01 28.11 13.72
N MET E 225 9.14 28.23 14.42
CA MET E 225 9.12 28.50 15.86
C MET E 225 8.57 29.88 16.29
N LEU E 226 8.86 30.94 15.51
CA LEU E 226 8.47 32.28 15.91
C LEU E 226 7.34 32.90 15.10
N ALA E 227 7.38 32.79 13.75
CA ALA E 227 6.34 33.42 12.95
C ALA E 227 5.08 32.56 12.79
N HIS E 228 5.25 31.33 12.28
CA HIS E 228 4.16 30.40 12.00
C HIS E 228 3.94 29.44 13.18
N THR E 229 3.67 30.02 14.36
CA THR E 229 3.43 29.29 15.61
C THR E 229 2.05 29.64 16.18
N PRO E 230 1.26 28.64 16.64
CA PRO E 230 -0.08 28.95 17.15
C PRO E 230 -0.06 29.73 18.46
N GLN E 231 -0.80 30.87 18.54
CA GLN E 231 -0.90 31.73 19.74
C GLN E 231 0.47 32.05 20.36
N GLN E 232 1.54 32.13 19.53
CA GLN E 232 2.93 32.35 19.96
C GLN E 232 3.36 31.32 21.04
N LYS E 233 2.99 30.01 20.85
CA LYS E 233 3.34 28.88 21.75
C LYS E 233 4.82 28.53 21.67
N GLY E 234 5.42 28.85 20.54
CA GLY E 234 6.83 28.58 20.28
C GLY E 234 7.75 29.58 20.92
N TRP E 235 7.22 30.79 21.18
CA TRP E 235 7.97 31.87 21.80
C TRP E 235 8.63 31.46 23.15
N PRO E 236 7.93 30.85 24.13
CA PRO E 236 8.63 30.43 25.36
C PRO E 236 9.70 29.33 25.16
N MET E 237 9.44 28.37 24.25
CA MET E 237 10.33 27.25 23.93
C MET E 237 11.58 27.76 23.24
N TYR E 238 11.43 28.66 22.25
CA TYR E 238 12.58 29.20 21.54
C TYR E 238 13.40 29.98 22.54
N ALA E 239 12.71 30.80 23.38
CA ALA E 239 13.38 31.61 24.40
C ALA E 239 14.23 30.73 25.35
N GLN E 240 13.82 29.44 25.58
CA GLN E 240 14.61 28.51 26.40
C GLN E 240 15.93 28.22 25.75
N LEU E 241 15.90 27.87 24.43
CA LEU E 241 17.08 27.52 23.63
C LEU E 241 18.10 28.66 23.65
N LEU E 242 17.65 29.94 23.51
CA LEU E 242 18.54 31.10 23.60
C LEU E 242 19.15 31.20 25.00
N ILE E 243 18.35 30.99 26.07
CA ILE E 243 18.84 31.01 27.45
C ILE E 243 19.94 29.97 27.62
N ASP E 244 19.76 28.76 27.04
CA ASP E 244 20.78 27.70 27.03
C ASP E 244 22.10 28.18 26.36
N LEU E 245 21.99 28.98 25.31
CA LEU E 245 23.14 29.49 24.62
C LEU E 245 23.84 30.54 25.49
N PHE E 246 23.05 31.46 26.11
CA PHE E 246 23.60 32.49 26.97
C PHE E 246 24.14 31.90 28.25
N LYS E 247 23.50 30.85 28.81
CA LYS E 247 23.96 30.18 30.02
C LYS E 247 25.33 29.57 29.77
N TYR E 248 25.52 28.98 28.56
CA TYR E 248 26.76 28.34 28.11
C TYR E 248 27.93 29.34 27.99
N LEU E 249 27.68 30.44 27.29
CA LEU E 249 28.66 31.47 26.97
C LEU E 249 29.07 32.26 28.17
N ALA E 250 28.13 32.47 29.12
CA ALA E 250 28.31 33.31 30.30
C ALA E 250 29.68 33.13 31.03
N PRO E 251 30.12 31.94 31.49
CA PRO E 251 31.43 31.89 32.17
C PRO E 251 32.63 32.38 31.37
N PHE E 252 32.58 32.23 30.04
CA PHE E 252 33.66 32.55 29.12
C PHE E 252 33.75 34.03 28.82
N LEU E 253 32.57 34.66 28.66
CA LEU E 253 32.36 36.09 28.42
C LEU E 253 32.74 36.83 29.67
N ARG E 254 32.22 36.38 30.83
CA ARG E 254 32.52 36.90 32.16
C ARG E 254 34.04 36.91 32.39
N ASN E 255 34.70 35.78 32.19
CA ASN E 255 36.13 35.65 32.38
C ASN E 255 37.03 36.33 31.34
N VAL E 256 36.45 36.83 30.21
CA VAL E 256 37.21 37.45 29.11
C VAL E 256 38.17 36.33 28.50
N GLU E 257 37.78 35.05 28.75
CA GLU E 257 38.44 33.84 28.26
C GLU E 257 37.83 33.51 26.87
N LEU E 258 38.11 34.46 25.92
CA LEU E 258 37.61 34.43 24.56
C LEU E 258 38.64 34.00 23.52
N THR E 259 38.59 32.69 23.25
CA THR E 259 39.45 31.95 22.34
C THR E 259 38.98 32.20 20.90
N LYS E 260 39.84 31.96 19.87
CA LYS E 260 39.37 32.21 18.50
C LYS E 260 38.02 31.48 18.30
N PRO E 261 37.89 30.16 18.69
CA PRO E 261 36.58 29.50 18.57
C PRO E 261 35.46 30.18 19.37
N MET E 262 35.77 30.71 20.56
CA MET E 262 34.79 31.39 21.39
C MET E 262 34.31 32.67 20.76
N GLN E 263 35.20 33.45 20.09
CA GLN E 263 34.87 34.73 19.40
C GLN E 263 33.93 34.41 18.26
N ILE E 264 34.28 33.34 17.47
CA ILE E 264 33.51 32.87 16.35
C ILE E 264 32.07 32.49 16.80
N LEU E 265 31.95 31.84 17.98
CA LEU E 265 30.62 31.50 18.52
C LEU E 265 29.86 32.76 18.94
N TYR E 266 30.53 33.73 19.63
CA TYR E 266 29.94 34.99 20.09
C TYR E 266 29.46 35.81 18.91
N LYS E 267 30.24 35.84 17.81
CA LYS E 267 29.86 36.61 16.62
C LYS E 267 28.64 36.01 15.92
N GLY E 268 28.46 34.69 16.03
CA GLY E 268 27.33 33.98 15.48
C GLY E 268 26.11 34.33 16.28
N THR E 269 26.27 34.36 17.64
CA THR E 269 25.25 34.79 18.60
C THR E 269 24.79 36.22 18.25
N LEU E 270 25.76 37.12 17.96
CA LEU E 270 25.42 38.47 17.55
C LEU E 270 24.58 38.48 16.28
N ARG E 271 24.99 37.69 15.24
CA ARG E 271 24.23 37.63 13.99
C ARG E 271 22.82 37.10 14.21
N VAL E 272 22.68 36.02 15.04
CA VAL E 272 21.34 35.47 15.37
C VAL E 272 20.47 36.53 16.05
N LEU E 273 20.98 37.14 17.14
CA LEU E 273 20.20 38.17 17.81
C LEU E 273 19.89 39.39 16.97
N LEU E 274 20.81 39.82 16.09
CA LEU E 274 20.52 40.95 15.20
C LEU E 274 19.31 40.65 14.32
N VAL E 275 19.21 39.37 13.83
CA VAL E 275 18.12 38.86 12.99
C VAL E 275 16.82 38.88 13.81
N LEU E 276 16.88 38.39 15.07
CA LEU E 276 15.75 38.39 16.01
C LEU E 276 15.32 39.83 16.31
N LEU E 277 16.26 40.73 16.62
CA LEU E 277 15.99 42.16 16.88
C LEU E 277 15.24 42.82 15.73
N HIS E 278 15.68 42.54 14.50
CA HIS E 278 15.09 43.07 13.30
C HIS E 278 13.72 42.44 12.96
N ASP E 279 13.57 41.14 13.06
CA ASP E 279 12.34 40.45 12.64
C ASP E 279 11.28 40.25 13.71
N PHE E 280 11.70 39.93 14.93
CA PHE E 280 10.82 39.63 16.06
C PHE E 280 11.21 40.51 17.26
N PRO E 281 11.08 41.85 17.14
CA PRO E 281 11.49 42.71 18.26
C PRO E 281 10.70 42.45 19.53
N GLU E 282 9.40 42.19 19.36
CA GLU E 282 8.45 41.99 20.43
C GLU E 282 8.77 40.71 21.20
N PHE E 283 9.40 39.74 20.53
CA PHE E 283 9.87 38.49 21.15
C PHE E 283 10.98 38.80 22.18
N LEU E 284 12.01 39.57 21.78
CA LEU E 284 13.14 39.95 22.62
C LEU E 284 12.72 40.83 23.77
N CYS E 285 11.71 41.68 23.48
CA CYS E 285 11.08 42.62 24.38
C CYS E 285 10.43 41.88 25.54
N ASP E 286 9.67 40.83 25.21
CA ASP E 286 8.93 40.01 26.15
C ASP E 286 9.82 39.20 27.06
N TYR E 287 10.90 38.60 26.52
CA TYR E 287 11.83 37.76 27.26
C TYR E 287 13.11 38.50 27.64
N HIS E 288 13.07 39.84 27.69
CA HIS E 288 14.24 40.63 28.04
C HIS E 288 14.75 40.40 29.46
N TYR E 289 13.87 40.15 30.46
CA TYR E 289 14.33 39.94 31.85
C TYR E 289 15.11 38.63 31.97
N GLY E 290 14.55 37.58 31.38
CA GLY E 290 15.14 36.26 31.38
C GLY E 290 16.52 36.24 30.76
N PHE E 291 16.71 36.94 29.61
CA PHE E 291 17.98 36.99 28.91
C PHE E 291 19.00 37.79 29.69
N CYS E 292 18.53 38.88 30.35
CA CYS E 292 19.38 39.74 31.16
C CYS E 292 19.91 39.09 32.41
N ASP E 293 19.15 38.13 32.97
CA ASP E 293 19.56 37.41 34.16
C ASP E 293 20.74 36.46 33.91
N VAL E 294 20.93 36.02 32.63
CA VAL E 294 21.99 35.09 32.20
C VAL E 294 23.16 35.73 31.47
N ILE E 295 22.97 36.86 30.82
CA ILE E 295 24.08 37.52 30.14
C ILE E 295 24.91 38.26 31.21
N PRO E 296 26.25 38.02 31.26
CA PRO E 296 27.08 38.71 32.26
C PRO E 296 27.13 40.24 32.09
N PRO E 297 27.16 41.01 33.21
CA PRO E 297 27.14 42.49 33.12
C PRO E 297 28.20 43.15 32.24
N ASN E 298 29.21 42.38 31.81
CA ASN E 298 30.27 42.95 31.00
C ASN E 298 29.94 43.01 29.51
N CYS E 299 28.97 42.16 29.04
CA CYS E 299 28.57 42.08 27.62
C CYS E 299 27.59 43.17 27.36
N ILE E 300 28.13 44.38 27.18
CA ILE E 300 27.40 45.62 27.00
C ILE E 300 26.48 45.58 25.79
N GLN E 301 27.09 45.31 24.58
CA GLN E 301 26.44 45.30 23.28
C GLN E 301 25.41 44.19 23.15
N LEU E 302 25.78 42.95 23.51
CA LEU E 302 24.89 41.80 23.45
C LEU E 302 23.64 42.09 24.24
N ARG E 303 23.79 42.63 25.44
CA ARG E 303 22.67 43.00 26.27
C ARG E 303 21.91 44.20 25.68
N ASN E 304 22.63 45.16 25.06
CA ASN E 304 21.99 46.32 24.43
C ASN E 304 21.06 45.84 23.33
N LEU E 305 21.41 44.75 22.61
CA LEU E 305 20.55 44.20 21.55
C LEU E 305 19.22 43.84 22.17
N ILE E 306 19.22 43.15 23.33
CA ILE E 306 17.98 42.78 24.01
C ILE E 306 17.21 44.02 24.52
N LEU E 307 17.92 44.94 25.18
CA LEU E 307 17.35 46.12 25.79
C LEU E 307 16.93 47.22 24.79
N SER E 308 17.33 47.09 23.50
CA SER E 308 16.98 48.02 22.42
C SER E 308 15.73 47.65 21.63
N ALA E 309 15.29 46.38 21.77
CA ALA E 309 14.08 45.88 21.12
C ALA E 309 12.90 46.62 21.68
N PHE E 310 11.99 47.03 20.79
CA PHE E 310 10.80 47.76 21.25
C PHE E 310 9.61 47.33 20.41
N PRO E 311 8.38 47.35 20.97
CA PRO E 311 7.21 46.93 20.20
C PRO E 311 7.15 47.59 18.85
N ARG E 312 6.91 46.80 17.79
CA ARG E 312 6.85 47.35 16.44
C ARG E 312 5.69 48.29 16.27
N ASN E 313 5.81 49.19 15.28
CA ASN E 313 4.80 50.21 14.96
C ASN E 313 4.66 51.15 16.19
N MET E 314 5.82 51.64 16.66
CA MET E 314 5.90 52.51 17.83
C MET E 314 6.87 53.67 17.57
N ARG E 315 6.36 54.91 17.58
CA ARG E 315 7.15 56.13 17.38
C ARG E 315 8.02 56.36 18.63
N LEU E 316 9.34 56.52 18.44
CA LEU E 316 10.31 56.77 19.51
C LEU E 316 11.02 58.10 19.20
N PRO E 317 10.76 59.20 19.97
CA PRO E 317 11.43 60.49 19.67
C PRO E 317 12.95 60.41 19.63
N ASP E 318 13.60 61.33 18.89
CA ASP E 318 15.05 61.29 18.90
C ASP E 318 15.44 61.85 20.27
N PRO E 319 16.07 61.01 21.13
CA PRO E 319 16.45 61.49 22.47
C PRO E 319 17.16 62.84 22.52
N PHE E 320 17.79 63.25 21.41
CA PHE E 320 18.49 64.52 21.30
C PHE E 320 17.57 65.68 21.04
N THR E 321 16.51 65.50 20.20
CA THR E 321 15.53 66.56 19.84
C THR E 321 15.39 67.63 20.93
N PRO E 322 15.80 68.88 20.59
CA PRO E 322 15.81 69.96 21.59
C PRO E 322 14.47 70.22 22.26
N ASN E 323 14.52 70.54 23.57
CA ASN E 323 13.38 70.84 24.44
C ASN E 323 12.37 69.64 24.49
N LEU E 324 12.91 68.38 24.57
CA LEU E 324 12.08 67.17 24.63
C LEU E 324 11.48 67.05 26.00
N LYS E 325 10.15 67.19 26.08
CA LYS E 325 9.45 67.00 27.35
C LYS E 325 8.91 65.58 27.33
N VAL E 326 9.54 64.67 28.11
CA VAL E 326 9.26 63.23 28.16
C VAL E 326 7.92 62.92 28.85
N ASP E 327 7.54 63.73 29.85
CA ASP E 327 6.28 63.57 30.60
C ASP E 327 5.06 63.57 29.65
N MET E 328 5.11 64.43 28.60
CA MET E 328 4.10 64.60 27.52
C MET E 328 3.72 63.29 26.90
N LEU E 329 4.73 62.43 26.61
CA LEU E 329 4.57 61.15 25.97
C LEU E 329 3.53 60.33 26.67
N SER E 330 2.48 59.98 25.95
CA SER E 330 1.38 59.20 26.53
C SER E 330 1.82 57.76 26.85
N GLU E 331 2.93 57.34 26.26
CA GLU E 331 3.51 56.02 26.44
C GLU E 331 4.13 55.83 27.82
N ILE E 332 4.69 56.91 28.44
CA ILE E 332 5.41 56.86 29.73
C ILE E 332 4.51 56.41 30.93
N ASN E 333 3.17 56.23 30.73
CA ASN E 333 2.25 55.78 31.77
C ASN E 333 1.86 54.32 31.59
N ILE E 334 2.12 53.77 30.40
CA ILE E 334 1.80 52.38 30.06
C ILE E 334 2.97 51.50 30.45
N ALA E 335 2.74 50.42 31.23
CA ALA E 335 3.85 49.52 31.62
C ALA E 335 4.22 48.49 30.54
N PRO E 336 5.49 48.02 30.48
CA PRO E 336 5.83 46.99 29.49
C PRO E 336 5.37 45.60 29.91
N ARG E 337 5.41 44.65 28.98
CA ARG E 337 5.03 43.25 29.19
C ARG E 337 6.25 42.43 29.69
N ILE E 338 6.07 41.66 30.78
CA ILE E 338 7.15 40.83 31.32
C ILE E 338 6.67 39.37 31.45
N LEU E 339 7.22 38.51 30.56
CA LEU E 339 6.93 37.09 30.43
C LEU E 339 7.88 36.18 31.25
N THR E 340 8.63 36.79 32.20
CA THR E 340 9.52 36.08 33.11
C THR E 340 9.04 36.44 34.54
N ASN E 341 8.45 35.48 35.29
CA ASN E 341 7.98 35.74 36.65
C ASN E 341 9.16 35.82 37.64
N PHE E 342 9.84 36.97 37.58
CA PHE E 342 11.02 37.42 38.31
C PHE E 342 10.92 37.35 39.84
N THR E 343 9.72 37.56 40.40
CA THR E 343 9.41 37.53 41.83
C THR E 343 9.90 36.23 42.50
N GLY E 344 10.02 35.17 41.67
CA GLY E 344 10.44 33.82 42.03
C GLY E 344 11.79 33.67 42.69
N VAL E 345 12.80 34.44 42.22
CA VAL E 345 14.17 34.44 42.76
C VAL E 345 14.14 34.68 44.28
N MET E 346 13.19 35.55 44.70
CA MET E 346 13.00 35.97 46.09
C MET E 346 12.57 34.83 46.98
N PRO E 347 13.36 34.56 48.06
CA PRO E 347 12.95 33.54 49.04
C PRO E 347 11.64 34.00 49.70
N PRO E 348 10.62 33.12 49.81
CA PRO E 348 9.33 33.53 50.37
C PRO E 348 9.35 34.37 51.66
N GLN E 349 10.31 34.12 52.59
CA GLN E 349 10.36 34.96 53.79
C GLN E 349 10.83 36.39 53.46
N PHE E 350 11.81 36.49 52.53
CA PHE E 350 12.38 37.76 52.05
C PHE E 350 11.33 38.68 51.45
N LYS E 351 10.50 38.17 50.46
CA LYS E 351 9.41 38.93 49.84
C LYS E 351 8.38 39.34 50.88
N LYS E 352 8.06 38.42 51.83
CA LYS E 352 7.13 38.66 52.94
C LYS E 352 7.62 39.85 53.79
N ASP E 353 8.92 39.86 54.14
CA ASP E 353 9.60 40.92 54.91
C ASP E 353 9.61 42.23 54.13
N LEU E 354 9.90 42.14 52.82
CA LEU E 354 10.01 43.25 51.88
C LEU E 354 8.70 44.01 51.76
N ASP E 355 7.60 43.26 51.49
CA ASP E 355 6.23 43.79 51.36
C ASP E 355 5.80 44.47 52.65
N SER E 356 6.23 43.92 53.82
CA SER E 356 5.97 44.54 55.12
C SER E 356 6.69 45.88 55.18
N TYR E 357 7.97 45.96 54.69
CA TYR E 357 8.67 47.25 54.67
C TYR E 357 7.97 48.27 53.76
N LEU E 358 7.61 47.87 52.52
CA LEU E 358 6.99 48.73 51.53
C LEU E 358 5.71 49.43 52.01
N LYS E 359 4.87 48.75 52.80
CA LYS E 359 3.64 49.39 53.26
C LYS E 359 3.77 50.04 54.64
N THR E 360 4.39 49.33 55.60
CA THR E 360 4.52 49.81 56.98
C THR E 360 5.72 50.75 57.21
N ARG E 361 6.79 50.65 56.37
CA ARG E 361 8.06 51.42 56.45
C ARG E 361 8.80 51.06 57.77
N SER E 362 8.49 49.85 58.27
CA SER E 362 9.00 49.25 59.50
C SER E 362 9.22 47.76 59.30
N PRO E 363 10.29 47.20 59.90
CA PRO E 363 11.26 47.85 60.79
C PRO E 363 12.52 48.34 60.07
N VAL E 364 13.29 49.25 60.73
CA VAL E 364 14.54 49.78 60.17
C VAL E 364 15.59 48.63 60.03
N THR E 365 15.41 47.55 60.83
CA THR E 365 16.25 46.36 60.80
C THR E 365 16.19 45.69 59.41
N PHE E 366 15.22 46.07 58.56
CA PHE E 366 15.11 45.53 57.20
C PHE E 366 16.21 46.06 56.28
N LEU E 367 16.42 47.39 56.28
CA LEU E 367 17.40 48.06 55.42
C LEU E 367 18.83 47.61 55.75
N SER E 368 19.18 47.63 57.04
CA SER E 368 20.48 47.17 57.57
C SER E 368 20.77 45.71 57.13
N ASP E 369 19.77 44.83 57.24
CA ASP E 369 19.89 43.44 56.85
C ASP E 369 19.93 43.21 55.34
N LEU E 370 19.16 44.01 54.56
CA LEU E 370 19.04 43.90 53.10
C LEU E 370 20.36 43.68 52.36
N ARG E 371 21.43 44.44 52.70
CA ARG E 371 22.76 44.29 52.08
C ARG E 371 23.33 42.86 52.36
N SER E 372 23.25 42.44 53.64
CA SER E 372 23.71 41.14 54.17
C SER E 372 22.82 39.95 53.75
N ASN E 373 21.84 40.21 52.85
CA ASN E 373 20.90 39.23 52.30
C ASN E 373 21.13 39.08 50.83
N LEU E 374 21.72 40.10 50.23
CA LEU E 374 21.98 40.10 48.80
C LEU E 374 23.25 39.37 48.42
N GLN E 375 24.16 39.16 49.39
CA GLN E 375 25.43 38.47 49.15
C GLN E 375 25.39 36.97 49.42
N VAL E 376 26.36 36.25 48.80
CA VAL E 376 26.64 34.81 48.92
C VAL E 376 28.15 34.54 48.65
N SER E 377 29.00 34.73 49.69
CA SER E 377 30.46 34.49 49.62
C SER E 377 30.84 32.99 49.75
N ASN E 378 29.90 32.14 50.28
CA ASN E 378 30.03 30.68 50.42
C ASN E 378 30.04 30.08 49.00
N GLU E 379 29.26 30.72 48.08
CA GLU E 379 29.26 30.43 46.64
C GLU E 379 30.60 31.00 46.12
N PRO E 380 31.29 30.34 45.17
CA PRO E 380 32.60 30.86 44.74
C PRO E 380 32.56 31.99 43.71
N GLY E 381 33.47 32.96 43.88
CA GLY E 381 33.67 34.11 43.00
C GLY E 381 32.58 35.18 42.87
N ASN E 382 31.29 34.78 42.90
CA ASN E 382 30.17 35.70 42.73
C ASN E 382 30.05 36.72 43.88
N ARG E 383 30.05 36.24 45.15
CA ARG E 383 29.91 36.98 46.42
C ARG E 383 28.70 37.98 46.45
N TYR E 384 27.70 37.78 45.55
CA TYR E 384 26.45 38.53 45.38
C TYR E 384 25.46 37.71 44.53
N ASN E 385 24.20 37.63 44.98
CA ASN E 385 23.11 36.93 44.29
C ASN E 385 22.53 37.90 43.24
N LEU E 386 23.23 38.02 42.09
CA LEU E 386 22.92 38.91 40.96
C LEU E 386 21.45 38.88 40.59
N GLN E 387 20.92 37.65 40.36
CA GLN E 387 19.56 37.32 39.99
C GLN E 387 18.57 37.90 40.99
N LEU E 388 18.95 37.88 42.30
CA LEU E 388 18.15 38.45 43.39
C LEU E 388 18.22 39.97 43.38
N ILE E 389 19.42 40.54 43.07
CA ILE E 389 19.61 42.00 43.01
C ILE E 389 18.64 42.58 41.98
N ASN E 390 18.60 41.92 40.78
CA ASN E 390 17.72 42.25 39.66
C ASN E 390 16.23 42.18 39.98
N ALA E 391 15.78 41.11 40.68
CA ALA E 391 14.39 40.87 41.08
C ALA E 391 13.92 41.90 42.11
N LEU E 392 14.77 42.20 43.12
CA LEU E 392 14.46 43.21 44.13
C LEU E 392 14.19 44.56 43.45
N VAL E 393 15.15 45.05 42.63
CA VAL E 393 15.10 46.30 41.88
C VAL E 393 13.81 46.40 41.03
N LEU E 394 13.57 45.41 40.13
CA LEU E 394 12.38 45.41 39.28
C LEU E 394 11.12 45.37 40.10
N TYR E 395 11.07 44.50 41.12
CA TYR E 395 9.91 44.39 42.01
C TYR E 395 9.62 45.68 42.76
N VAL E 396 10.64 46.23 43.47
CA VAL E 396 10.51 47.48 44.23
C VAL E 396 9.94 48.60 43.35
N GLY E 397 10.52 48.78 42.15
CA GLY E 397 10.07 49.77 41.18
C GLY E 397 8.62 49.61 40.76
N THR E 398 8.24 48.38 40.33
CA THR E 398 6.90 48.05 39.88
C THR E 398 5.87 48.30 40.97
N GLN E 399 6.22 47.90 42.22
CA GLN E 399 5.40 48.14 43.40
C GLN E 399 5.27 49.66 43.61
N ALA E 400 6.38 50.42 43.40
CA ALA E 400 6.40 51.87 43.53
C ALA E 400 5.52 52.56 42.48
N ILE E 401 5.55 52.10 41.20
CA ILE E 401 4.72 52.65 40.13
C ILE E 401 3.24 52.43 40.51
N ALA E 402 2.90 51.22 40.96
CA ALA E 402 1.53 50.88 41.38
C ALA E 402 1.08 51.73 42.57
N HIS E 403 1.98 51.94 43.56
CA HIS E 403 1.70 52.73 44.76
C HIS E 403 1.39 54.21 44.45
N ILE E 404 2.16 54.80 43.52
CA ILE E 404 1.98 56.17 43.06
C ILE E 404 0.65 56.25 42.29
N HIS E 405 0.40 55.27 41.37
CA HIS E 405 -0.83 55.18 40.56
C HIS E 405 -2.04 55.08 41.45
N ASN E 406 -1.93 54.29 42.53
CA ASN E 406 -2.99 54.15 43.53
C ASN E 406 -3.27 55.49 44.22
N LYS E 407 -2.20 56.25 44.60
CA LYS E 407 -2.24 57.58 45.23
C LYS E 407 -2.85 58.67 44.33
N GLY E 408 -3.13 58.33 43.06
CA GLY E 408 -3.72 59.23 42.09
C GLY E 408 -2.77 60.09 41.29
N SER E 409 -1.46 59.97 41.54
CA SER E 409 -0.41 60.73 40.85
C SER E 409 0.30 59.80 39.86
N THR E 410 1.34 60.29 39.17
CA THR E 410 2.10 59.45 38.22
C THR E 410 3.61 59.52 38.47
N PRO E 411 4.35 58.40 38.34
CA PRO E 411 5.81 58.43 38.57
C PRO E 411 6.49 59.65 37.95
N SER E 412 6.91 60.57 38.81
CA SER E 412 7.57 61.82 38.42
C SER E 412 8.77 61.99 39.33
N MET E 413 9.67 62.90 38.94
CA MET E 413 10.87 63.22 39.71
C MET E 413 10.58 63.54 41.21
N SER E 414 9.35 63.95 41.53
CA SER E 414 8.91 64.29 42.88
C SER E 414 8.10 63.18 43.55
N THR E 415 7.20 62.51 42.79
CA THR E 415 6.30 61.48 43.32
C THR E 415 7.02 60.16 43.66
N ILE E 416 8.21 59.95 43.07
CA ILE E 416 9.06 58.74 43.24
C ILE E 416 9.89 58.81 44.54
N THR E 417 10.19 60.04 45.00
CA THR E 417 10.99 60.31 46.20
C THR E 417 10.17 60.16 47.48
N HIS E 418 10.89 59.91 48.59
CA HIS E 418 10.38 59.81 49.97
C HIS E 418 9.24 58.80 50.13
N SER E 419 9.41 57.65 49.48
CA SER E 419 8.51 56.52 49.62
C SER E 419 9.36 55.41 50.25
N ALA E 420 8.72 54.40 50.86
CA ALA E 420 9.41 53.26 51.45
C ALA E 420 10.25 52.57 50.38
N HIS E 421 9.79 52.67 49.11
CA HIS E 421 10.47 52.11 47.95
C HIS E 421 11.81 52.80 47.73
N MET E 422 11.81 54.13 47.69
CA MET E 422 13.02 54.92 47.50
C MET E 422 14.04 54.75 48.63
N ASP E 423 13.56 54.49 49.87
CA ASP E 423 14.39 54.24 51.06
C ASP E 423 15.30 53.03 50.84
N ILE E 424 14.77 51.98 50.18
CA ILE E 424 15.48 50.75 49.81
C ILE E 424 16.57 51.11 48.78
N PHE E 425 16.18 51.78 47.67
CA PHE E 425 17.08 52.21 46.60
C PHE E 425 18.19 53.11 47.12
N GLN E 426 17.82 54.15 47.91
CA GLN E 426 18.76 55.10 48.52
C GLN E 426 19.66 54.37 49.49
N ASN E 427 19.11 53.41 50.27
CA ASN E 427 19.96 52.66 51.19
C ASN E 427 20.98 51.84 50.44
N LEU E 428 20.53 51.11 49.40
CA LEU E 428 21.42 50.27 48.59
C LEU E 428 22.55 51.07 47.97
N ALA E 429 22.27 52.33 47.53
CA ALA E 429 23.33 53.14 46.96
C ALA E 429 24.40 53.46 48.02
N VAL E 430 23.95 53.93 49.19
CA VAL E 430 24.87 54.30 50.27
C VAL E 430 25.58 53.09 50.92
N ASP E 431 24.81 52.09 51.38
CA ASP E 431 25.31 50.97 52.17
C ASP E 431 26.09 49.91 51.41
N LEU E 432 25.79 49.67 50.09
CA LEU E 432 26.49 48.65 49.27
C LEU E 432 27.94 49.04 48.98
N ASP E 433 28.80 48.04 48.68
CA ASP E 433 30.20 48.31 48.34
C ASP E 433 30.30 48.60 46.85
N THR E 434 31.50 48.90 46.33
CA THR E 434 31.66 49.21 44.90
C THR E 434 31.15 48.10 43.98
N GLU E 435 31.44 46.81 44.33
CA GLU E 435 30.96 45.67 43.55
C GLU E 435 29.44 45.61 43.58
N GLY E 436 28.87 45.76 44.78
CA GLY E 436 27.44 45.74 45.01
C GLY E 436 26.73 46.83 44.26
N ARG E 437 27.13 48.11 44.52
CA ARG E 437 26.62 49.33 43.90
C ARG E 437 26.61 49.21 42.37
N TYR E 438 27.69 48.62 41.78
CA TYR E 438 27.77 48.38 40.34
C TYR E 438 26.64 47.44 39.90
N LEU E 439 26.43 46.33 40.61
CA LEU E 439 25.40 45.38 40.21
C LEU E 439 24.02 45.99 40.30
N PHE E 440 23.78 46.69 41.42
CA PHE E 440 22.56 47.40 41.75
C PHE E 440 22.19 48.41 40.66
N LEU E 441 23.15 49.27 40.28
CA LEU E 441 22.92 50.27 39.25
C LEU E 441 22.62 49.66 37.88
N ASN E 442 23.30 48.52 37.55
CA ASN E 442 23.07 47.80 36.29
C ASN E 442 21.62 47.26 36.22
N ALA E 443 21.08 46.84 37.39
CA ALA E 443 19.73 46.31 37.53
C ALA E 443 18.70 47.40 37.22
N ILE E 444 19.05 48.69 37.48
CA ILE E 444 18.21 49.86 37.20
C ILE E 444 18.29 50.18 35.71
N ALA E 445 19.52 50.26 35.17
CA ALA E 445 19.85 50.55 33.76
C ALA E 445 19.20 49.58 32.73
N ASN E 446 18.99 48.32 33.16
CA ASN E 446 18.34 47.28 32.35
C ASN E 446 16.84 47.55 32.17
N GLN E 447 16.33 48.65 32.75
CA GLN E 447 14.92 49.00 32.69
C GLN E 447 14.75 50.24 31.89
N LEU E 448 15.88 50.93 31.62
CA LEU E 448 15.92 52.13 30.78
C LEU E 448 15.88 51.64 29.31
N ARG E 449 14.64 51.45 28.83
CA ARG E 449 14.32 50.95 27.50
C ARG E 449 13.40 51.97 26.73
N TYR E 450 12.41 51.46 25.97
CA TYR E 450 11.52 52.26 25.16
C TYR E 450 10.57 53.04 26.03
N PRO E 451 9.94 54.14 25.54
CA PRO E 451 8.99 54.87 26.39
C PRO E 451 7.91 53.96 26.99
N ASN E 452 7.98 53.78 28.34
CA ASN E 452 7.05 53.00 29.18
C ASN E 452 7.15 53.46 30.65
N SER E 453 6.24 53.00 31.54
CA SER E 453 6.19 53.44 32.96
C SER E 453 7.38 52.97 33.79
N HIS E 454 8.07 51.93 33.30
CA HIS E 454 9.25 51.38 33.94
C HIS E 454 10.50 52.23 33.62
N THR E 455 10.72 52.51 32.30
CA THR E 455 11.79 53.35 31.76
C THR E 455 11.70 54.71 32.46
N HIS E 456 10.47 55.27 32.58
CA HIS E 456 10.26 56.53 33.24
C HIS E 456 10.58 56.46 34.72
N TYR E 457 10.07 55.44 35.44
CA TYR E 457 10.32 55.31 36.87
C TYR E 457 11.81 55.19 37.14
N PHE E 458 12.49 54.22 36.52
CA PHE E 458 13.90 53.99 36.78
C PHE E 458 14.83 55.10 36.26
N SER E 459 14.38 55.87 35.23
CA SER E 459 15.12 57.02 34.71
C SER E 459 15.21 58.09 35.79
N CYS E 460 14.05 58.46 36.39
CA CYS E 460 13.94 59.40 37.50
C CYS E 460 14.69 58.91 38.71
N THR E 461 14.56 57.59 39.06
CA THR E 461 15.26 56.96 40.18
C THR E 461 16.76 57.20 40.06
N MET E 462 17.36 56.78 38.91
CA MET E 462 18.78 56.90 38.58
C MET E 462 19.28 58.34 38.72
N LEU E 463 18.49 59.31 38.19
CA LEU E 463 18.79 60.73 38.20
C LEU E 463 18.73 61.28 39.61
N TYR E 464 17.74 60.82 40.39
CA TYR E 464 17.57 61.24 41.78
C TYR E 464 18.69 60.65 42.61
N LEU E 465 19.09 59.42 42.29
CA LEU E 465 20.17 58.81 43.04
C LEU E 465 21.46 59.61 42.87
N PHE E 466 21.77 60.07 41.64
CA PHE E 466 22.98 60.89 41.37
C PHE E 466 22.91 62.22 42.11
N ALA E 467 21.77 62.91 41.99
CA ALA E 467 21.52 64.21 42.62
C ALA E 467 21.59 64.15 44.15
N GLU E 468 20.94 63.17 44.77
CA GLU E 468 20.97 63.03 46.23
C GLU E 468 22.23 62.33 46.77
N ALA E 469 23.25 62.12 45.92
CA ALA E 469 24.47 61.44 46.36
C ALA E 469 25.35 62.38 47.18
N ASN E 470 25.73 61.92 48.40
CA ASN E 470 26.60 62.66 49.31
C ASN E 470 28.06 62.18 49.13
N THR E 471 28.23 61.01 48.47
CA THR E 471 29.52 60.39 48.15
C THR E 471 29.83 60.64 46.68
N GLU E 472 31.09 60.95 46.35
CA GLU E 472 31.53 61.12 44.97
C GLU E 472 31.45 59.74 44.28
N ALA E 473 31.87 58.68 45.00
CA ALA E 473 31.87 57.30 44.53
C ALA E 473 30.52 56.87 43.94
N ILE E 474 29.41 57.33 44.56
CA ILE E 474 28.05 57.00 44.09
C ILE E 474 27.81 57.64 42.73
N GLN E 475 28.32 58.87 42.56
CA GLN E 475 28.20 59.68 41.34
C GLN E 475 28.97 59.11 40.17
N GLU E 476 30.23 58.70 40.41
CA GLU E 476 31.15 58.11 39.44
C GLU E 476 30.58 56.80 38.91
N GLN E 477 29.99 55.97 39.80
CA GLN E 477 29.44 54.67 39.42
C GLN E 477 28.20 54.81 38.55
N ILE E 478 27.31 55.80 38.86
CA ILE E 478 26.11 56.07 38.03
C ILE E 478 26.60 56.45 36.64
N THR E 479 27.56 57.42 36.57
CA THR E 479 28.20 57.89 35.33
C THR E 479 28.77 56.72 34.55
N ARG E 480 29.57 55.86 35.23
CA ARG E 480 30.20 54.66 34.64
C ARG E 480 29.16 53.76 33.96
N VAL E 481 28.09 53.36 34.67
CA VAL E 481 27.03 52.48 34.17
C VAL E 481 26.37 53.08 32.93
N LEU E 482 25.95 54.34 33.01
CA LEU E 482 25.32 54.96 31.84
C LEU E 482 26.31 55.11 30.67
N LEU E 483 27.53 55.60 30.95
CA LEU E 483 28.53 55.87 29.92
C LEU E 483 29.03 54.62 29.23
N GLU E 484 29.39 53.55 29.98
CA GLU E 484 29.91 52.31 29.40
C GLU E 484 28.92 51.74 28.40
N ARG E 485 27.61 51.97 28.65
CA ARG E 485 26.51 51.51 27.82
C ARG E 485 26.26 52.35 26.57
N LEU E 486 26.85 53.58 26.49
CA LEU E 486 26.72 54.53 25.36
C LEU E 486 27.97 54.70 24.53
N ILE E 487 29.13 54.35 25.09
CA ILE E 487 30.44 54.44 24.45
C ILE E 487 30.65 53.32 23.41
N VAL E 488 29.89 52.22 23.59
CA VAL E 488 29.87 51.01 22.78
C VAL E 488 29.14 51.33 21.50
N ASN E 489 29.35 50.54 20.46
CA ASN E 489 28.60 50.67 19.21
C ASN E 489 27.08 50.44 19.41
N ARG E 490 26.30 50.98 18.47
CA ARG E 490 24.84 50.88 18.43
C ARG E 490 24.39 49.38 18.44
N PRO E 491 23.18 49.00 18.90
CA PRO E 491 22.09 49.85 19.39
C PRO E 491 22.26 50.32 20.82
N HIS E 492 21.63 51.48 21.14
CA HIS E 492 21.61 52.05 22.49
C HIS E 492 20.14 52.24 22.88
N PRO E 493 19.66 51.66 23.99
CA PRO E 493 18.27 51.88 24.41
C PRO E 493 17.84 53.34 24.62
N TRP E 494 16.61 53.66 24.12
CA TRP E 494 15.98 54.98 24.17
C TRP E 494 16.12 55.60 25.54
N GLY E 495 15.63 54.87 26.54
CA GLY E 495 15.64 55.26 27.93
C GLY E 495 17.03 55.57 28.46
N LEU E 496 18.05 54.83 28.01
CA LEU E 496 19.43 55.05 28.42
C LEU E 496 19.92 56.45 28.02
N LEU E 497 19.73 56.82 26.74
CA LEU E 497 20.08 58.15 26.22
C LEU E 497 19.36 59.25 26.97
N ILE E 498 18.03 59.10 27.11
CA ILE E 498 17.19 60.03 27.86
C ILE E 498 17.79 60.27 29.25
N THR E 499 17.99 59.19 30.05
CA THR E 499 18.55 59.24 31.40
C THR E 499 19.87 59.98 31.46
N PHE E 500 20.79 59.64 30.52
CA PHE E 500 22.10 60.28 30.42
C PHE E 500 22.03 61.79 30.08
N ILE E 501 21.28 62.14 29.02
CA ILE E 501 21.13 63.51 28.58
C ILE E 501 20.56 64.39 29.71
N GLU E 502 19.61 63.85 30.51
CA GLU E 502 19.03 64.57 31.64
C GLU E 502 20.03 64.76 32.78
N LEU E 503 20.96 63.78 32.95
CA LEU E 503 22.01 63.79 33.97
C LEU E 503 23.08 64.84 33.69
N ILE E 504 23.63 64.83 32.44
CA ILE E 504 24.66 65.76 32.00
C ILE E 504 24.18 67.25 32.11
N LYS E 505 22.88 67.45 32.41
CA LYS E 505 22.24 68.75 32.59
C LYS E 505 22.18 69.20 34.05
N ASN E 506 22.27 68.28 35.03
CA ASN E 506 22.16 68.64 36.45
C ASN E 506 23.39 69.34 36.98
N PRO E 507 23.22 70.47 37.72
CA PRO E 507 24.39 71.14 38.33
C PRO E 507 25.24 70.19 39.17
N ALA E 508 24.61 69.18 39.77
CA ALA E 508 25.24 68.11 40.56
C ALA E 508 26.36 67.46 39.75
N PHE E 509 26.04 67.14 38.46
CA PHE E 509 26.94 66.54 37.49
C PHE E 509 27.93 67.54 36.97
N LYS E 510 27.45 68.74 36.57
CA LYS E 510 28.32 69.80 36.06
C LYS E 510 29.52 69.94 37.00
N PHE E 511 29.22 70.11 38.32
CA PHE E 511 30.17 70.23 39.42
C PHE E 511 31.05 68.99 39.52
N TRP E 512 30.47 67.79 39.43
CA TRP E 512 31.19 66.52 39.51
C TRP E 512 32.18 66.38 38.36
N ASN E 513 31.76 66.73 37.14
CA ASN E 513 32.61 66.65 35.94
C ASN E 513 33.76 67.59 36.12
N HIS E 514 33.49 68.88 36.41
CA HIS E 514 34.49 69.91 36.67
C HIS E 514 35.64 69.43 37.58
N GLU E 515 35.31 68.67 38.64
CA GLU E 515 36.28 68.13 39.61
C GLU E 515 37.05 66.91 39.05
N PHE E 516 36.34 65.83 38.63
CA PHE E 516 36.94 64.60 38.09
C PHE E 516 37.71 64.80 36.78
N VAL E 517 37.14 65.55 35.81
CA VAL E 517 37.71 65.80 34.47
C VAL E 517 39.14 66.42 34.49
N GLU E 518 39.54 67.11 35.58
CA GLU E 518 40.88 67.68 35.66
C GLU E 518 41.88 66.76 36.40
N GLU E 519 41.37 65.77 37.19
CA GLU E 519 42.15 64.74 37.89
C GLU E 519 42.49 63.58 36.93
N GLU E 520 41.71 63.47 35.82
CA GLU E 520 41.85 62.51 34.73
C GLU E 520 41.40 63.21 33.41
N PRO E 521 42.28 63.92 32.67
CA PRO E 521 41.84 64.61 31.44
C PRO E 521 41.51 63.70 30.27
N GLU E 522 41.83 62.40 30.41
CA GLU E 522 41.54 61.35 29.44
C GLU E 522 40.03 61.04 29.48
N ILE E 523 39.40 61.24 30.65
CA ILE E 523 37.97 61.02 30.88
C ILE E 523 37.12 61.90 29.98
N GLU E 524 37.61 63.15 29.73
CA GLU E 524 37.01 64.18 28.87
C GLU E 524 36.68 63.59 27.48
N LYS E 525 37.62 62.78 26.93
CA LYS E 525 37.51 62.11 25.64
C LYS E 525 36.26 61.23 25.60
N LEU E 526 36.02 60.41 26.65
CA LEU E 526 34.88 59.50 26.74
C LEU E 526 33.54 60.22 26.58
N PHE E 527 33.31 61.30 27.36
CA PHE E 527 32.05 62.04 27.24
C PHE E 527 31.86 62.66 25.87
N GLN E 528 32.97 63.12 25.26
CA GLN E 528 32.97 63.68 23.92
C GLN E 528 32.65 62.59 22.86
N SER E 529 33.08 61.33 23.12
CA SER E 529 32.82 60.18 22.26
C SER E 529 31.34 59.83 22.18
N VAL E 530 30.55 60.18 23.22
CA VAL E 530 29.11 59.90 23.29
C VAL E 530 28.30 60.85 22.37
N ALA E 531 28.77 62.09 22.20
CA ALA E 531 28.13 63.11 21.36
C ALA E 531 28.06 62.72 19.87
N GLN E 532 29.03 61.88 19.41
CA GLN E 532 29.20 61.39 18.04
C GLN E 532 28.83 59.91 17.83
N CYS E 533 29.03 59.05 18.86
CA CYS E 533 28.71 57.62 18.82
C CYS E 533 27.19 57.39 18.67
N CYS E 534 26.41 58.30 19.25
CA CYS E 534 24.95 58.29 19.25
C CYS E 534 24.36 59.36 18.29
N MET E 535 25.12 60.49 18.09
CA MET E 535 24.87 61.65 17.21
C MET E 535 24.02 62.72 17.88
N GLU F 6 40.64 59.99 45.85
CA GLU F 6 39.33 60.63 45.78
C GLU F 6 38.37 59.77 44.95
N MET F 7 38.81 59.44 43.72
CA MET F 7 38.12 58.61 42.72
C MET F 7 38.02 57.16 43.19
N VAL F 8 37.14 56.38 42.55
CA VAL F 8 36.99 54.95 42.84
C VAL F 8 38.28 54.29 42.31
N THR F 9 39.17 53.92 43.26
CA THR F 9 40.48 53.26 43.03
C THR F 9 40.29 51.86 42.41
N ASP F 10 39.06 51.36 42.49
CA ASP F 10 38.59 50.07 42.03
C ASP F 10 38.19 50.04 40.54
N GLN F 11 38.00 48.82 40.05
CA GLN F 11 37.57 48.42 38.73
C GLN F 11 36.16 48.91 38.31
N PHE F 12 35.29 49.27 39.28
CA PHE F 12 33.90 49.67 39.00
C PHE F 12 33.67 51.18 38.81
N GLY F 13 34.75 51.93 38.60
CA GLY F 13 34.67 53.37 38.37
C GLY F 13 34.95 53.79 36.94
N MET F 14 35.33 55.07 36.76
CA MET F 14 35.66 55.62 35.45
C MET F 14 36.99 55.03 35.00
N ILE F 15 37.95 54.96 35.94
CA ILE F 15 39.29 54.41 35.75
C ILE F 15 39.16 52.99 35.24
N GLY F 16 38.24 52.21 35.81
CA GLY F 16 38.00 50.83 35.38
C GLY F 16 37.66 50.74 33.90
N LEU F 17 36.78 51.65 33.44
CA LEU F 17 36.27 51.76 32.06
C LEU F 17 37.35 52.25 31.08
N LEU F 18 38.04 53.34 31.42
CA LEU F 18 39.14 53.88 30.64
C LEU F 18 40.25 52.81 30.41
N THR F 19 40.40 51.89 31.38
CA THR F 19 41.34 50.78 31.34
C THR F 19 40.93 49.80 30.26
N PHE F 20 39.63 49.57 30.09
CA PHE F 20 39.13 48.64 29.07
C PHE F 20 39.32 49.23 27.67
N ILE F 21 38.98 50.52 27.50
CA ILE F 21 39.13 51.21 26.23
C ILE F 21 40.61 51.20 25.80
N ARG F 22 41.54 51.45 26.76
CA ARG F 22 43.00 51.41 26.57
C ARG F 22 43.53 49.98 26.30
N ALA F 23 42.73 48.96 26.64
CA ALA F 23 43.07 47.56 26.44
C ALA F 23 42.78 47.04 25.02
N ALA F 24 41.81 47.65 24.31
CA ALA F 24 41.43 47.27 22.93
C ALA F 24 42.60 47.44 21.95
N GLU F 25 43.42 48.49 22.20
CA GLU F 25 44.64 48.85 21.48
C GLU F 25 45.60 47.65 21.41
N THR F 26 45.86 47.03 22.58
CA THR F 26 46.74 45.86 22.73
C THR F 26 46.01 44.51 22.59
N ASP F 27 44.65 44.47 22.67
CA ASP F 27 43.91 43.20 22.52
C ASP F 27 43.73 42.83 21.04
N PRO F 28 44.36 41.72 20.59
CA PRO F 28 44.24 41.33 19.17
C PRO F 28 42.98 40.54 18.80
N GLY F 29 42.04 40.41 19.75
CA GLY F 29 40.78 39.69 19.56
C GLY F 29 39.88 40.32 18.54
N MET F 30 38.81 39.63 18.12
CA MET F 30 37.82 40.19 17.20
C MET F 30 36.59 40.65 18.00
N VAL F 31 36.61 40.35 19.32
CA VAL F 31 35.57 40.70 20.28
C VAL F 31 36.15 41.65 21.34
N HIS F 32 35.53 42.82 21.47
CA HIS F 32 35.92 43.84 22.43
C HIS F 32 34.68 44.27 23.16
N LEU F 33 34.36 43.51 24.24
CA LEU F 33 33.12 43.58 25.01
C LEU F 33 32.82 44.98 25.51
N ALA F 34 33.85 45.76 25.88
CA ALA F 34 33.68 47.13 26.35
C ALA F 34 33.41 48.17 25.25
N LEU F 35 33.71 47.84 23.99
CA LEU F 35 33.58 48.76 22.85
C LEU F 35 32.59 48.35 21.73
N GLY F 36 32.32 47.06 21.59
CA GLY F 36 31.39 46.55 20.60
C GLY F 36 31.93 46.39 19.19
N SER F 37 31.05 46.01 18.28
CA SER F 37 31.34 45.80 16.87
C SER F 37 30.40 46.68 16.03
N ASP F 38 30.87 47.17 14.85
CA ASP F 38 30.00 47.92 13.94
C ASP F 38 29.11 46.85 13.32
N LEU F 39 27.90 46.73 13.84
CA LEU F 39 26.97 45.67 13.49
C LEU F 39 26.49 45.69 12.04
N THR F 40 26.72 46.82 11.34
CA THR F 40 26.38 46.98 9.92
C THR F 40 27.31 46.07 9.11
N THR F 41 28.58 46.00 9.53
CA THR F 41 29.64 45.19 8.93
C THR F 41 29.48 43.66 9.12
N LEU F 42 28.45 43.18 9.83
CA LEU F 42 28.28 41.74 10.03
C LEU F 42 27.61 41.04 8.84
N GLY F 43 27.47 41.79 7.74
CA GLY F 43 26.89 41.29 6.50
C GLY F 43 25.40 41.06 6.57
N LEU F 44 24.71 41.82 7.44
CA LEU F 44 23.26 41.73 7.60
C LEU F 44 22.64 43.03 7.18
N ASN F 45 21.60 42.94 6.34
CA ASN F 45 20.88 44.11 5.85
C ASN F 45 19.87 44.58 6.93
N LEU F 46 20.40 45.25 7.97
CA LEU F 46 19.64 45.68 9.13
C LEU F 46 18.65 46.78 8.80
N ASN F 47 18.84 47.45 7.63
CA ASN F 47 17.97 48.51 7.15
C ASN F 47 16.80 47.96 6.36
N SER F 48 17.00 46.82 5.65
CA SER F 48 16.00 46.11 4.83
C SER F 48 14.64 46.16 5.46
N PRO F 49 13.62 46.55 4.69
CA PRO F 49 12.27 46.59 5.25
C PRO F 49 11.67 45.18 5.40
N GLU F 50 12.19 44.22 4.59
CA GLU F 50 11.79 42.82 4.60
C GLU F 50 12.56 42.04 5.68
N ASN F 51 11.91 41.00 6.23
CA ASN F 51 12.48 40.10 7.21
C ASN F 51 13.75 39.42 6.70
N LEU F 52 14.74 39.28 7.59
CA LEU F 52 16.05 38.70 7.33
C LEU F 52 16.08 37.16 7.39
N TYR F 53 15.31 36.58 8.34
CA TYR F 53 15.28 35.14 8.60
C TYR F 53 14.99 34.26 7.36
N PRO F 54 14.07 34.59 6.42
CA PRO F 54 13.85 33.67 5.29
C PRO F 54 15.06 33.48 4.36
N LYS F 55 16.00 34.44 4.39
CA LYS F 55 17.21 34.36 3.58
C LYS F 55 18.44 34.20 4.47
N PHE F 56 18.24 34.02 5.80
CA PHE F 56 19.34 33.84 6.77
C PHE F 56 20.08 32.51 6.56
N ALA F 57 21.28 32.60 5.97
CA ALA F 57 22.11 31.44 5.64
C ALA F 57 22.49 30.59 6.88
N SER F 58 23.52 31.03 7.65
CA SER F 58 24.03 30.40 8.88
C SER F 58 24.42 31.52 9.86
N PRO F 59 24.73 31.27 11.15
CA PRO F 59 25.17 32.37 12.00
C PRO F 59 26.52 32.95 11.56
N TRP F 60 27.32 32.16 10.80
CA TRP F 60 28.67 32.52 10.36
C TRP F 60 28.79 33.15 8.97
N ALA F 61 27.78 32.89 8.07
CA ALA F 61 27.74 33.42 6.71
C ALA F 61 27.68 34.93 6.68
N SER F 62 28.30 35.53 5.65
CA SER F 62 28.32 37.00 5.48
C SER F 62 27.24 37.51 4.49
N SER F 63 26.74 36.62 3.60
CA SER F 63 25.75 36.93 2.56
C SER F 63 24.50 36.02 2.65
N PRO F 64 23.30 36.57 2.36
CA PRO F 64 22.07 35.76 2.44
C PRO F 64 21.96 34.65 1.39
N CYS F 65 20.94 33.78 1.57
CA CYS F 65 20.57 32.67 0.70
C CYS F 65 20.30 33.12 -0.72
N ARG F 66 20.98 32.50 -1.67
CA ARG F 66 20.77 32.74 -3.08
C ARG F 66 19.59 31.80 -3.49
N PRO F 67 18.88 32.00 -4.64
CA PRO F 67 17.79 31.06 -5.00
C PRO F 67 18.26 29.63 -5.36
N GLN F 68 19.55 29.42 -5.68
CA GLN F 68 20.12 28.08 -5.92
C GLN F 68 20.31 27.36 -4.57
N ASP F 69 20.32 28.13 -3.46
CA ASP F 69 20.52 27.62 -2.11
C ASP F 69 19.21 27.11 -1.54
N ILE F 70 18.12 27.88 -1.72
CA ILE F 70 16.77 27.54 -1.26
C ILE F 70 16.31 26.33 -2.03
N ASP F 71 15.64 25.39 -1.38
CA ASP F 71 15.08 24.26 -2.09
C ASP F 71 13.58 24.53 -2.29
N PHE F 72 13.03 24.18 -3.46
CA PHE F 72 11.59 24.34 -3.74
C PHE F 72 11.00 23.02 -4.18
N HIS F 73 9.78 22.72 -3.74
CA HIS F 73 9.10 21.48 -4.06
C HIS F 73 8.54 21.53 -5.49
N VAL F 74 9.45 21.66 -6.46
CA VAL F 74 9.20 21.77 -7.90
C VAL F 74 8.32 20.65 -8.45
N PRO F 75 7.49 20.92 -9.50
CA PRO F 75 6.69 19.83 -10.10
C PRO F 75 7.54 18.60 -10.40
N SER F 76 7.06 17.42 -9.96
CA SER F 76 7.67 16.10 -10.12
C SER F 76 8.47 15.98 -11.41
N GLU F 77 7.83 16.36 -12.54
CA GLU F 77 8.31 16.38 -13.93
C GLU F 77 9.70 17.02 -14.16
N TYR F 78 10.06 18.10 -13.40
CA TYR F 78 11.32 18.84 -13.56
C TYR F 78 12.56 18.11 -12.99
N LEU F 79 12.34 17.01 -12.26
CA LEU F 79 13.40 16.20 -11.67
C LEU F 79 13.86 15.18 -12.72
N THR F 80 14.60 15.75 -13.69
CA THR F 80 15.11 15.14 -14.92
C THR F 80 16.35 14.30 -14.74
N ASN F 81 17.21 14.63 -13.76
CA ASN F 81 18.53 14.07 -13.62
C ASN F 81 18.64 12.58 -13.37
N ILE F 82 17.83 12.02 -12.45
CA ILE F 82 17.86 10.57 -12.19
C ILE F 82 17.55 9.77 -13.47
N HIS F 83 17.11 10.49 -14.52
CA HIS F 83 16.78 9.94 -15.81
C HIS F 83 17.76 10.30 -16.91
N ILE F 84 18.28 11.54 -16.91
CA ILE F 84 19.17 12.01 -17.99
C ILE F 84 20.70 12.00 -17.60
N ARG F 85 21.01 11.63 -16.33
CA ARG F 85 22.30 11.62 -15.62
C ARG F 85 23.55 11.47 -16.49
N ASP F 86 23.66 10.33 -17.19
CA ASP F 86 24.81 10.01 -18.03
C ASP F 86 24.80 10.67 -19.40
N LYS F 87 23.60 10.82 -20.01
CA LYS F 87 23.45 11.47 -21.31
C LYS F 87 23.61 13.01 -21.21
N LEU F 88 23.34 13.60 -20.02
CA LEU F 88 23.48 15.04 -19.77
C LEU F 88 24.94 15.53 -19.91
N ALA F 89 25.12 16.59 -20.74
CA ALA F 89 26.40 17.26 -21.02
C ALA F 89 27.18 17.60 -19.75
N ALA F 90 28.51 17.47 -19.80
CA ALA F 90 29.38 17.84 -18.69
C ALA F 90 29.52 19.38 -18.69
N ILE F 91 29.75 20.00 -17.51
CA ILE F 91 29.89 21.45 -17.40
C ILE F 91 31.23 21.90 -18.00
N LYS F 92 31.16 22.69 -19.07
CA LYS F 92 32.34 23.19 -19.77
C LYS F 92 32.05 24.64 -20.05
N LEU F 93 32.68 25.55 -19.28
CA LEU F 93 32.42 27.01 -19.36
C LEU F 93 32.81 27.61 -20.72
N GLY F 94 33.65 26.92 -21.46
CA GLY F 94 34.05 27.34 -22.80
C GLY F 94 32.96 27.06 -23.81
N ARG F 95 32.09 26.09 -23.47
CA ARG F 95 30.96 25.65 -24.28
C ARG F 95 29.85 26.71 -24.25
N TYR F 96 29.64 27.31 -23.06
CA TYR F 96 28.59 28.29 -22.71
C TYR F 96 28.79 29.68 -23.26
N GLY F 97 27.70 30.41 -23.44
CA GLY F 97 27.70 31.78 -23.94
C GLY F 97 28.07 32.81 -22.89
N GLU F 98 28.10 34.11 -23.26
CA GLU F 98 28.51 35.10 -22.25
C GLU F 98 27.39 35.49 -21.29
N ASP F 99 26.11 35.34 -21.68
CA ASP F 99 25.06 35.63 -20.71
C ASP F 99 25.13 34.68 -19.50
N LEU F 100 25.40 33.38 -19.76
CA LEU F 100 25.54 32.31 -18.76
C LEU F 100 26.78 32.52 -17.90
N LEU F 101 27.87 33.04 -18.51
CA LEU F 101 29.14 33.37 -17.85
C LEU F 101 28.92 34.52 -16.85
N PHE F 102 28.19 35.59 -17.26
CA PHE F 102 27.87 36.72 -16.39
C PHE F 102 26.95 36.30 -15.27
N TYR F 103 26.06 35.34 -15.56
CA TYR F 103 25.17 34.79 -14.55
C TYR F 103 26.06 34.02 -13.55
N LEU F 104 26.89 33.07 -14.05
CA LEU F 104 27.81 32.27 -13.23
C LEU F 104 28.72 33.11 -12.37
N TYR F 105 29.18 34.26 -12.89
CA TYR F 105 30.01 35.22 -12.19
C TYR F 105 29.23 35.91 -11.03
N TYR F 106 28.18 36.69 -11.34
CA TYR F 106 27.43 37.46 -10.35
C TYR F 106 26.78 36.61 -9.25
N MET F 107 26.16 35.48 -9.63
CA MET F 107 25.46 34.59 -8.72
C MET F 107 26.33 33.76 -7.79
N ASN F 108 27.49 33.30 -8.27
CA ASN F 108 28.35 32.45 -7.46
C ASN F 108 29.50 33.22 -6.81
N GLY F 109 29.16 34.36 -6.19
CA GLY F 109 30.08 35.22 -5.48
C GLY F 109 30.61 34.52 -4.23
N GLY F 110 31.93 34.48 -4.10
CA GLY F 110 32.60 33.84 -2.98
C GLY F 110 32.77 32.34 -3.16
N ASP F 111 32.69 31.89 -4.42
CA ASP F 111 32.82 30.48 -4.81
C ASP F 111 33.82 30.36 -5.95
N VAL F 112 34.42 29.17 -6.12
CA VAL F 112 35.39 28.92 -7.18
C VAL F 112 34.76 29.18 -8.58
N LEU F 113 33.42 28.97 -8.68
CA LEU F 113 32.64 29.15 -9.89
C LEU F 113 32.71 30.58 -10.44
N GLN F 114 32.67 31.63 -9.58
CA GLN F 114 32.85 33.05 -9.98
C GLN F 114 34.20 33.25 -10.69
N LEU F 115 35.27 32.66 -10.12
CA LEU F 115 36.62 32.75 -10.65
C LEU F 115 36.70 31.98 -11.94
N LEU F 116 36.01 30.81 -12.00
CA LEU F 116 35.97 29.95 -13.19
C LEU F 116 35.26 30.66 -14.34
N ALA F 117 34.19 31.44 -14.01
CA ALA F 117 33.43 32.28 -14.92
C ALA F 117 34.33 33.43 -15.39
N ALA F 118 34.96 34.14 -14.42
CA ALA F 118 35.88 35.25 -14.66
C ALA F 118 37.01 34.85 -15.60
N VAL F 119 37.58 33.62 -15.43
CA VAL F 119 38.63 33.07 -16.28
C VAL F 119 38.16 32.92 -17.73
N GLU F 120 36.97 32.29 -17.96
CA GLU F 120 36.42 32.13 -19.30
C GLU F 120 36.08 33.47 -19.97
N LEU F 121 35.65 34.48 -19.18
CA LEU F 121 35.34 35.84 -19.66
C LEU F 121 36.65 36.51 -20.11
N PHE F 122 37.71 36.31 -19.29
CA PHE F 122 39.06 36.82 -19.53
C PHE F 122 39.65 36.20 -20.82
N ASN F 123 39.24 34.96 -21.13
CA ASN F 123 39.62 34.23 -22.34
C ASN F 123 38.86 34.78 -23.57
N ARG F 124 37.81 35.58 -23.34
CA ARG F 124 36.96 36.16 -24.38
C ARG F 124 37.15 37.67 -24.52
N ASP F 125 38.30 38.19 -24.00
CA ASP F 125 38.75 39.59 -24.01
C ASP F 125 37.96 40.52 -23.06
N TRP F 126 37.28 39.95 -22.05
CA TRP F 126 36.56 40.77 -21.06
C TRP F 126 37.54 41.04 -19.91
N ARG F 127 37.68 42.31 -19.56
CA ARG F 127 38.62 42.71 -18.53
C ARG F 127 37.90 43.44 -17.42
N TYR F 128 38.14 43.00 -16.18
CA TYR F 128 37.48 43.55 -15.01
C TYR F 128 38.16 44.79 -14.46
N HIS F 129 37.41 45.90 -14.36
CA HIS F 129 37.92 47.15 -13.80
C HIS F 129 37.80 47.04 -12.30
N LYS F 130 38.95 47.09 -11.62
CA LYS F 130 39.09 46.92 -10.17
C LYS F 130 38.36 48.01 -9.35
N GLU F 131 38.38 49.27 -9.83
CA GLU F 131 37.75 50.43 -9.17
C GLU F 131 36.27 50.58 -9.51
N GLU F 132 35.96 50.52 -10.83
CA GLU F 132 34.60 50.66 -11.36
C GLU F 132 33.73 49.46 -11.03
N ARG F 133 34.36 48.32 -10.70
CA ARG F 133 33.72 47.04 -10.36
C ARG F 133 32.78 46.54 -11.49
N VAL F 134 33.25 46.60 -12.75
CA VAL F 134 32.49 46.18 -13.93
C VAL F 134 33.39 45.47 -14.93
N TRP F 135 32.80 44.65 -15.82
CA TRP F 135 33.51 43.93 -16.89
C TRP F 135 33.49 44.77 -18.17
N ILE F 136 34.65 44.95 -18.83
CA ILE F 136 34.73 45.78 -20.05
C ILE F 136 35.45 45.04 -21.19
N THR F 137 34.94 45.21 -22.43
CA THR F 137 35.52 44.63 -23.66
C THR F 137 35.44 45.64 -24.81
N ARG F 138 36.30 45.46 -25.82
CA ARG F 138 36.34 46.31 -27.01
C ARG F 138 35.13 46.00 -27.93
N ALA F 139 34.48 47.04 -28.48
CA ALA F 139 33.32 46.90 -29.37
C ALA F 139 33.72 46.41 -30.79
N PRO F 140 32.79 45.90 -31.67
CA PRO F 140 33.21 45.39 -32.99
C PRO F 140 33.95 46.39 -33.87
N GLY F 141 35.25 46.16 -34.00
CA GLY F 141 36.17 46.99 -34.79
C GLY F 141 36.45 48.36 -34.21
N MET F 142 35.93 48.63 -32.98
CA MET F 142 36.09 49.91 -32.31
C MET F 142 37.45 50.03 -31.65
N GLU F 143 38.43 50.44 -32.48
CA GLU F 143 39.83 50.69 -32.12
C GLU F 143 39.88 51.93 -31.21
N PRO F 144 40.79 51.97 -30.20
CA PRO F 144 40.85 53.16 -29.33
C PRO F 144 41.36 54.42 -30.05
N THR F 145 40.61 55.53 -29.89
CA THR F 145 40.87 56.86 -30.47
C THR F 145 42.25 57.41 -30.00
N MET F 146 42.48 57.41 -28.67
CA MET F 146 43.73 57.84 -28.04
C MET F 146 44.33 56.65 -27.30
N LYS F 147 45.67 56.46 -27.41
CA LYS F 147 46.39 55.35 -26.76
C LYS F 147 47.86 55.67 -26.46
N THR F 148 48.31 55.28 -25.25
CA THR F 148 49.69 55.40 -24.74
C THR F 148 50.07 54.12 -23.97
N ASN F 149 51.27 54.09 -23.34
CA ASN F 149 51.77 52.96 -22.54
C ASN F 149 51.10 52.94 -21.14
N THR F 150 50.57 54.11 -20.71
CA THR F 150 49.93 54.35 -19.42
C THR F 150 48.42 54.02 -19.36
N TYR F 151 47.62 54.55 -20.32
CA TYR F 151 46.15 54.46 -20.40
C TYR F 151 45.66 54.37 -21.87
N GLU F 152 44.32 54.55 -22.10
CA GLU F 152 43.69 54.64 -23.41
C GLU F 152 42.30 55.30 -23.34
N ARG F 153 41.65 55.52 -24.52
CA ARG F 153 40.32 56.11 -24.62
C ARG F 153 39.57 55.61 -25.87
N GLY F 154 38.26 55.45 -25.76
CA GLY F 154 37.36 54.99 -26.82
C GLY F 154 36.06 54.41 -26.31
N THR F 155 35.24 53.82 -27.23
CA THR F 155 33.96 53.19 -26.88
C THR F 155 34.13 51.71 -26.57
N TYR F 156 33.62 51.31 -25.40
CA TYR F 156 33.70 49.96 -24.87
C TYR F 156 32.37 49.45 -24.30
N TYR F 157 32.16 48.13 -24.46
CA TYR F 157 31.01 47.43 -23.93
C TYR F 157 31.33 47.12 -22.47
N PHE F 158 30.47 47.56 -21.55
CA PHE F 158 30.61 47.26 -20.13
C PHE F 158 29.33 46.56 -19.66
N PHE F 159 29.46 45.47 -18.86
CA PHE F 159 28.27 44.74 -18.43
C PHE F 159 27.64 45.34 -17.18
N ASP F 160 26.45 45.95 -17.38
CA ASP F 160 25.62 46.54 -16.35
C ASP F 160 24.69 45.42 -15.90
N CYS F 161 24.93 44.91 -14.71
CA CYS F 161 24.19 43.80 -14.11
C CYS F 161 22.78 44.22 -13.62
N LEU F 162 22.59 45.52 -13.35
CA LEU F 162 21.34 46.10 -12.85
C LEU F 162 20.25 46.20 -13.90
N ASN F 163 20.60 46.03 -15.17
CA ASN F 163 19.68 46.03 -16.31
C ASN F 163 19.94 44.80 -17.19
N TRP F 164 20.97 44.03 -16.79
CA TRP F 164 21.41 42.78 -17.38
C TRP F 164 21.59 42.89 -18.90
N ARG F 165 22.57 43.71 -19.34
CA ARG F 165 22.90 43.94 -20.76
C ARG F 165 24.25 44.60 -21.00
N LYS F 166 24.84 44.32 -22.19
CA LYS F 166 26.08 44.89 -22.69
C LYS F 166 25.78 46.37 -23.03
N VAL F 167 26.53 47.31 -22.40
CA VAL F 167 26.30 48.76 -22.55
C VAL F 167 27.49 49.47 -23.20
N ALA F 168 27.19 50.29 -24.23
CA ALA F 168 28.18 51.11 -24.93
C ALA F 168 28.41 52.41 -24.11
N LYS F 169 29.66 52.69 -23.70
CA LYS F 169 30.02 53.87 -22.89
C LYS F 169 31.46 54.34 -23.20
N GLU F 170 31.76 55.65 -23.05
CA GLU F 170 33.10 56.19 -23.30
C GLU F 170 33.91 56.33 -22.01
N PHE F 171 35.02 55.56 -21.87
CA PHE F 171 35.90 55.62 -20.68
C PHE F 171 37.38 55.86 -21.00
N HIS F 172 38.09 56.30 -19.96
CA HIS F 172 39.54 56.48 -19.90
C HIS F 172 39.96 55.27 -19.07
N LEU F 173 40.49 54.25 -19.78
CA LEU F 173 40.91 53.00 -19.18
C LEU F 173 42.36 53.07 -18.74
N GLU F 174 42.61 52.96 -17.42
CA GLU F 174 43.96 52.94 -16.88
C GLU F 174 44.33 51.47 -16.72
N TYR F 175 45.26 50.95 -17.57
CA TYR F 175 45.74 49.55 -17.60
C TYR F 175 46.10 48.93 -16.23
N ASP F 176 46.66 49.74 -15.34
CA ASP F 176 47.07 49.39 -13.99
C ASP F 176 45.85 49.08 -13.10
N LYS F 177 44.75 49.84 -13.29
CA LYS F 177 43.48 49.69 -12.55
C LYS F 177 42.54 48.57 -13.10
N LEU F 178 43.08 47.74 -14.03
CA LEU F 178 42.42 46.62 -14.71
C LEU F 178 43.10 45.30 -14.25
N GLU F 179 42.28 44.30 -13.84
CA GLU F 179 42.69 43.00 -13.33
C GLU F 179 43.54 42.14 -14.28
N GLU F 180 44.53 41.43 -13.69
CA GLU F 180 45.43 40.47 -14.33
C GLU F 180 44.65 39.14 -14.46
N ARG F 181 45.23 38.12 -15.12
CA ARG F 181 44.62 36.79 -15.28
C ARG F 181 44.08 36.29 -13.94
N PRO F 182 42.79 35.84 -13.87
CA PRO F 182 42.22 35.46 -12.57
C PRO F 182 42.90 34.29 -11.89
N HIS F 183 43.15 34.48 -10.57
CA HIS F 183 43.83 33.54 -9.67
C HIS F 183 42.85 32.61 -8.96
N LEU F 184 43.24 31.33 -8.86
CA LEU F 184 42.44 30.28 -8.25
C LEU F 184 43.12 29.78 -6.97
N PRO F 185 42.39 29.63 -5.84
CA PRO F 185 43.05 29.24 -4.59
C PRO F 185 43.09 27.74 -4.32
N SER F 186 44.32 27.15 -4.31
CA SER F 186 44.58 25.74 -4.01
C SER F 186 44.43 25.45 -2.49
N THR F 187 43.66 26.32 -1.78
CA THR F 187 43.36 26.27 -0.34
C THR F 187 42.52 25.03 0.01
N PHE F 188 43.16 24.02 0.61
CA PHE F 188 42.53 22.76 0.99
C PHE F 188 41.58 22.95 2.17
N ASN F 189 40.39 22.28 2.08
CA ASN F 189 39.32 22.23 3.09
C ASN F 189 38.93 23.64 3.57
N TYR F 190 38.86 24.62 2.63
CA TYR F 190 38.52 26.01 2.98
C TYR F 190 37.12 26.16 3.58
N ASN F 191 37.07 26.80 4.77
CA ASN F 191 35.83 27.11 5.49
C ASN F 191 35.84 28.61 5.88
N PRO F 192 34.98 29.43 5.22
CA PRO F 192 34.96 30.87 5.53
C PRO F 192 34.35 31.18 6.91
N ALA F 193 33.85 30.13 7.61
CA ALA F 193 33.21 30.12 8.92
C ALA F 193 34.23 30.18 10.07
N GLN F 194 35.38 29.51 9.88
CA GLN F 194 36.46 29.38 10.87
C GLN F 194 37.26 30.66 11.08
N GLN F 195 37.14 31.61 10.15
CA GLN F 195 37.92 32.84 10.16
C GLN F 195 37.13 34.06 10.68
N ALA F 196 35.79 34.06 10.47
CA ALA F 196 34.79 35.07 10.87
C ALA F 196 35.06 35.70 12.25
N GLY G 1 46.94 34.40 40.04
CA GLY G 1 47.49 33.29 39.26
C GLY G 1 46.87 33.14 37.88
N PRO G 2 46.90 31.92 37.24
CA PRO G 2 46.28 31.76 35.90
C PRO G 2 44.79 32.02 35.88
N HIS G 3 44.39 33.11 35.22
CA HIS G 3 43.02 33.60 35.12
C HIS G 3 42.03 32.56 34.61
N MET G 4 42.44 31.74 33.64
CA MET G 4 41.61 30.68 33.06
C MET G 4 41.21 29.62 34.08
N LEU G 5 42.00 29.50 35.16
CA LEU G 5 41.67 28.55 36.22
C LEU G 5 40.50 29.07 37.06
N GLU G 6 39.98 30.28 36.74
CA GLU G 6 38.76 30.78 37.37
C GLU G 6 37.63 29.94 36.80
N LEU G 7 37.78 29.42 35.53
CA LEU G 7 36.79 28.52 34.91
C LEU G 7 36.84 27.19 35.64
N THR G 8 35.69 26.49 35.75
CA THR G 8 35.60 25.17 36.36
C THR G 8 36.18 24.20 35.38
N LYS G 9 36.64 23.00 35.86
CA LYS G 9 37.19 21.91 35.05
C LYS G 9 36.16 21.60 33.97
N GLU G 10 34.85 21.55 34.34
CA GLU G 10 33.79 21.33 33.35
C GLU G 10 33.85 22.39 32.27
N GLN G 11 33.96 23.68 32.66
CA GLN G 11 34.07 24.80 31.69
C GLN G 11 35.30 24.70 30.78
N LEU G 12 36.41 24.11 31.29
CA LEU G 12 37.65 23.96 30.55
C LEU G 12 37.47 22.88 29.55
N TYR G 13 36.78 21.80 29.99
CA TYR G 13 36.41 20.66 29.17
C TYR G 13 35.52 21.18 28.05
N GLN G 14 34.47 21.92 28.40
CA GLN G 14 33.55 22.49 27.42
C GLN G 14 34.30 23.24 26.33
N GLN G 15 35.20 24.18 26.76
CA GLN G 15 36.01 25.03 25.90
C GLN G 15 36.86 24.16 25.00
N ALA G 16 37.49 23.10 25.56
CA ALA G 16 38.34 22.17 24.80
C ALA G 16 37.56 21.49 23.67
N MET G 17 36.38 20.93 23.98
CA MET G 17 35.52 20.26 23.01
C MET G 17 35.08 21.25 21.92
N GLU G 18 34.75 22.51 22.30
CA GLU G 18 34.40 23.56 21.36
C GLU G 18 35.60 23.93 20.45
N GLU G 19 36.82 24.02 21.05
CA GLU G 19 38.04 24.36 20.34
C GLU G 19 38.31 23.34 19.26
N ALA G 20 38.14 22.04 19.61
CA ALA G 20 38.28 20.90 18.69
C ALA G 20 37.30 21.04 17.52
N ALA G 21 36.01 21.26 17.86
CA ALA G 21 34.88 21.46 16.96
C ALA G 21 35.16 22.55 15.94
N TRP G 22 35.94 23.56 16.36
CA TRP G 22 36.32 24.67 15.51
C TRP G 22 37.21 24.21 14.35
N HIS G 23 38.08 23.23 14.58
CA HIS G 23 38.96 22.71 13.53
C HIS G 23 38.16 22.12 12.36
N HIS G 24 36.99 21.54 12.65
CA HIS G 24 36.10 20.98 11.64
C HIS G 24 34.68 21.60 11.70
N MET G 25 34.60 22.92 11.52
CA MET G 25 33.34 23.65 11.55
C MET G 25 32.34 23.19 10.48
N PRO G 26 31.00 23.32 10.67
CA PRO G 26 30.09 22.85 9.64
C PRO G 26 30.30 23.64 8.37
N HIS G 27 30.29 22.94 7.25
CA HIS G 27 30.46 23.51 5.94
C HIS G 27 29.06 23.93 5.45
N PRO G 28 28.89 25.04 4.68
CA PRO G 28 27.54 25.40 4.19
C PRO G 28 26.74 24.24 3.56
N SER G 29 27.45 23.35 2.85
CA SER G 29 26.90 22.15 2.21
C SER G 29 26.23 21.18 3.19
N ASP G 30 26.70 21.11 4.45
CA ASP G 30 26.26 20.17 5.48
C ASP G 30 24.77 20.17 5.75
N SER G 31 24.15 21.35 5.79
CA SER G 31 22.72 21.56 6.10
C SER G 31 21.96 22.01 4.87
N GLU G 32 22.20 21.32 3.74
CA GLU G 32 21.70 21.64 2.41
C GLU G 32 21.45 20.33 1.59
N ARG G 33 20.60 20.38 0.54
CA ARG G 33 20.35 19.19 -0.28
C ARG G 33 21.55 19.04 -1.19
N ILE G 34 21.95 17.79 -1.48
CA ILE G 34 23.11 17.53 -2.35
C ILE G 34 22.97 18.27 -3.68
N ARG G 35 24.06 18.93 -4.12
CA ARG G 35 24.12 19.62 -5.39
C ARG G 35 25.03 18.73 -6.23
N GLN G 36 24.44 17.98 -7.15
CA GLN G 36 25.19 17.00 -7.94
C GLN G 36 26.19 17.65 -8.91
N TYR G 37 25.81 18.78 -9.53
CA TYR G 37 26.64 19.43 -10.55
C TYR G 37 27.33 20.67 -10.08
N LEU G 38 26.64 21.50 -9.30
CA LEU G 38 27.25 22.72 -8.82
C LEU G 38 27.32 22.75 -7.29
N PRO G 39 28.18 21.88 -6.68
CA PRO G 39 28.33 21.90 -5.23
C PRO G 39 29.01 23.20 -4.76
N ARG G 40 28.84 23.50 -3.46
CA ARG G 40 29.50 24.67 -2.89
C ARG G 40 31.02 24.41 -2.80
N ASN G 41 31.79 25.40 -3.19
CA ASN G 41 33.23 25.33 -3.13
C ASN G 41 33.76 26.71 -2.69
N PRO G 42 33.48 27.11 -1.40
CA PRO G 42 33.93 28.43 -0.92
C PRO G 42 35.41 28.63 -1.14
N CYS G 43 35.79 29.86 -1.47
CA CYS G 43 37.18 30.18 -1.73
C CYS G 43 37.47 31.64 -1.44
N PRO G 44 38.73 31.98 -1.08
CA PRO G 44 39.07 33.40 -0.86
C PRO G 44 39.05 34.17 -2.19
N THR G 45 38.04 35.05 -2.36
CA THR G 45 37.88 35.89 -3.55
C THR G 45 38.22 37.34 -3.19
N PRO G 46 38.85 38.13 -4.09
CA PRO G 46 39.22 39.53 -3.75
C PRO G 46 38.05 40.46 -3.36
N PRO G 47 38.29 41.57 -2.60
CA PRO G 47 37.16 42.44 -2.21
C PRO G 47 36.57 43.22 -3.37
N TYR G 48 37.43 43.58 -4.36
CA TYR G 48 37.06 44.34 -5.55
C TYR G 48 36.14 43.52 -6.50
N HIS G 49 35.98 42.21 -6.25
CA HIS G 49 35.09 41.33 -7.02
C HIS G 49 33.71 41.25 -6.32
N HIS G 50 32.63 41.00 -7.11
CA HIS G 50 31.26 40.96 -6.60
C HIS G 50 31.02 39.77 -5.67
N GLN G 51 31.19 40.06 -4.37
CA GLN G 51 31.04 39.12 -3.26
C GLN G 51 29.59 38.62 -3.10
N MET G 52 28.62 39.45 -3.54
CA MET G 52 27.19 39.20 -3.41
C MET G 52 26.47 39.56 -4.71
N PRO G 53 25.48 38.73 -5.12
CA PRO G 53 24.76 38.98 -6.39
C PRO G 53 23.93 40.26 -6.41
N PRO G 54 23.59 40.80 -7.62
CA PRO G 54 22.78 42.03 -7.69
C PRO G 54 21.47 41.96 -6.90
N PRO G 55 20.93 43.11 -6.47
CA PRO G 55 19.70 43.08 -5.68
C PRO G 55 18.51 42.70 -6.54
N HIS G 56 17.60 41.89 -5.98
CA HIS G 56 16.38 41.41 -6.64
C HIS G 56 16.67 40.58 -7.90
N SER G 57 17.68 39.70 -7.78
CA SER G 57 18.10 38.75 -8.80
C SER G 57 17.55 37.37 -8.40
N ASP G 58 16.36 37.40 -7.76
CA ASP G 58 15.61 36.27 -7.22
C ASP G 58 14.14 36.39 -7.63
N THR G 59 13.87 37.22 -8.64
CA THR G 59 12.55 37.49 -9.17
C THR G 59 12.39 36.86 -10.53
N VAL G 60 11.17 36.45 -10.87
CA VAL G 60 10.87 35.86 -12.18
C VAL G 60 11.16 36.90 -13.29
N GLU G 61 11.14 38.20 -12.93
CA GLU G 61 11.44 39.34 -13.79
C GLU G 61 12.92 39.29 -14.24
N PHE G 62 13.84 39.06 -13.26
CA PHE G 62 15.28 39.00 -13.49
C PHE G 62 15.62 37.82 -14.40
N TYR G 63 15.01 36.67 -14.10
CA TYR G 63 15.16 35.42 -14.81
C TYR G 63 14.70 35.53 -16.27
N GLN G 64 13.70 36.39 -16.55
CA GLN G 64 13.24 36.67 -17.91
C GLN G 64 14.31 37.43 -18.71
N ARG G 65 15.19 38.21 -18.01
CA ARG G 65 16.30 39.00 -18.60
C ARG G 65 17.44 38.08 -19.11
N LEU G 66 17.57 36.89 -18.52
CA LEU G 66 18.61 35.94 -18.90
C LEU G 66 18.33 35.28 -20.25
N SER G 67 19.40 34.73 -20.87
CA SER G 67 19.32 34.01 -22.15
C SER G 67 18.60 32.68 -21.92
N THR G 68 18.02 32.11 -22.98
CA THR G 68 17.38 30.81 -22.86
C THR G 68 18.40 29.73 -22.41
N GLU G 69 19.66 29.81 -22.90
CA GLU G 69 20.73 28.87 -22.53
C GLU G 69 20.94 28.90 -21.03
N THR G 70 20.96 30.13 -20.44
CA THR G 70 21.14 30.32 -19.00
C THR G 70 20.03 29.60 -18.26
N LEU G 71 18.78 29.80 -18.73
CA LEU G 71 17.61 29.16 -18.16
C LEU G 71 17.66 27.64 -18.27
N PHE G 72 18.09 27.13 -19.45
CA PHE G 72 18.26 25.70 -19.68
C PHE G 72 19.37 25.13 -18.80
N PHE G 73 20.42 25.91 -18.51
CA PHE G 73 21.50 25.52 -17.62
C PHE G 73 20.95 25.38 -16.19
N ILE G 74 20.29 26.44 -15.68
CA ILE G 74 19.65 26.49 -14.35
C ILE G 74 18.67 25.31 -14.23
N PHE G 75 17.83 25.07 -15.28
CA PHE G 75 16.84 23.98 -15.33
C PHE G 75 17.42 22.56 -15.14
N TYR G 76 18.60 22.26 -15.73
CA TYR G 76 19.17 20.94 -15.65
C TYR G 76 20.17 20.78 -14.49
N TYR G 77 21.13 21.73 -14.36
CA TYR G 77 22.18 21.66 -13.35
C TYR G 77 21.79 22.13 -11.93
N LEU G 78 20.64 22.82 -11.76
CA LEU G 78 20.17 23.28 -10.44
C LEU G 78 18.79 22.74 -10.05
N GLU G 79 18.59 21.43 -10.31
CA GLU G 79 17.39 20.64 -10.04
C GLU G 79 16.86 20.85 -8.60
N GLY G 80 15.54 20.95 -8.46
CA GLY G 80 14.84 21.08 -7.18
C GLY G 80 15.05 22.30 -6.30
N THR G 81 15.51 23.44 -6.89
CA THR G 81 15.73 24.70 -6.17
C THR G 81 14.76 25.80 -6.64
N LYS G 82 14.69 26.93 -5.91
CA LYS G 82 13.86 28.11 -6.27
C LYS G 82 14.28 28.64 -7.68
N ALA G 83 15.62 28.62 -7.97
CA ALA G 83 16.22 28.99 -9.25
C ALA G 83 15.68 28.15 -10.40
N GLN G 84 15.57 26.81 -10.22
CA GLN G 84 14.98 25.90 -11.23
C GLN G 84 13.51 26.22 -11.44
N TYR G 85 12.75 26.55 -10.36
CA TYR G 85 11.34 26.89 -10.49
C TYR G 85 11.16 28.22 -11.20
N LEU G 86 12.00 29.20 -10.85
CA LEU G 86 11.98 30.51 -11.49
C LEU G 86 12.39 30.42 -12.95
N ALA G 87 13.40 29.59 -13.28
CA ALA G 87 13.86 29.43 -14.68
C ALA G 87 12.77 28.80 -15.53
N ALA G 88 12.14 27.72 -15.03
CA ALA G 88 11.02 27.06 -15.70
C ALA G 88 9.89 28.05 -15.91
N LYS G 89 9.65 28.91 -14.88
CA LYS G 89 8.64 29.97 -14.90
C LYS G 89 8.91 30.95 -16.06
N ALA G 90 10.16 31.46 -16.18
CA ALA G 90 10.63 32.37 -17.25
C ALA G 90 10.56 31.68 -18.61
N LEU G 91 11.10 30.44 -18.72
CA LEU G 91 11.05 29.64 -19.95
C LEU G 91 9.59 29.51 -20.43
N LYS G 92 8.66 29.18 -19.51
CA LYS G 92 7.23 29.04 -19.75
C LYS G 92 6.66 30.36 -20.26
N LYS G 93 6.93 31.49 -19.55
CA LYS G 93 6.51 32.85 -19.97
C LYS G 93 7.04 33.19 -21.38
N GLN G 94 8.31 32.81 -21.67
CA GLN G 94 9.01 33.01 -22.94
C GLN G 94 8.55 31.99 -24.03
N SER G 95 7.34 31.43 -23.82
CA SER G 95 6.55 30.55 -24.70
C SER G 95 7.19 29.17 -24.98
N TRP G 96 8.06 28.70 -24.07
CA TRP G 96 8.65 27.36 -24.17
C TRP G 96 7.74 26.46 -23.33
N ARG G 97 7.50 25.23 -23.79
CA ARG G 97 6.65 24.25 -23.12
C ARG G 97 7.47 22.95 -22.90
N PHE G 98 7.52 22.45 -21.65
CA PHE G 98 8.33 21.28 -21.29
C PHE G 98 7.68 19.94 -21.61
N HIS G 99 8.36 19.05 -22.38
CA HIS G 99 7.87 17.71 -22.75
C HIS G 99 8.29 16.66 -21.69
N THR G 100 7.30 16.13 -20.93
CA THR G 100 7.41 15.18 -19.82
C THR G 100 8.16 13.88 -20.16
N LYS G 101 7.89 13.27 -21.31
CA LYS G 101 8.56 12.04 -21.72
C LYS G 101 10.03 12.31 -22.14
N TYR G 102 10.25 13.27 -23.09
CA TYR G 102 11.57 13.60 -23.65
C TYR G 102 12.49 14.39 -22.75
N MET G 103 11.96 14.93 -21.63
CA MET G 103 12.72 15.71 -20.66
C MET G 103 13.42 16.92 -21.29
N MET G 104 12.81 17.49 -22.37
CA MET G 104 13.31 18.66 -23.12
C MET G 104 12.23 19.72 -23.30
N TRP G 105 12.66 20.99 -23.31
CA TRP G 105 11.77 22.12 -23.49
C TRP G 105 11.61 22.42 -24.95
N PHE G 106 10.36 22.50 -25.44
CA PHE G 106 10.09 22.81 -26.86
C PHE G 106 9.45 24.19 -27.01
N GLN G 107 9.60 24.78 -28.19
CA GLN G 107 8.96 26.03 -28.55
C GLN G 107 8.55 25.90 -29.98
N ARG G 108 7.33 26.33 -30.31
CA ARG G 108 6.81 26.32 -31.68
C ARG G 108 7.67 27.24 -32.54
N HIS G 109 8.06 26.75 -33.71
CA HIS G 109 8.80 27.57 -34.64
C HIS G 109 7.77 28.24 -35.56
N GLU G 110 6.82 27.44 -36.06
CA GLU G 110 5.71 27.85 -36.92
C GLU G 110 4.42 27.66 -36.13
N GLU G 111 3.27 27.74 -36.80
CA GLU G 111 1.98 27.42 -36.20
C GLU G 111 1.85 25.91 -36.48
N PRO G 112 1.39 25.07 -35.51
CA PRO G 112 1.29 23.63 -35.79
C PRO G 112 0.44 23.33 -37.02
N LYS G 113 0.94 22.42 -37.85
CA LYS G 113 0.26 21.98 -39.07
C LYS G 113 -1.08 21.30 -38.73
N THR G 114 -1.17 20.68 -37.54
CA THR G 114 -2.35 19.97 -37.03
C THR G 114 -2.44 20.12 -35.50
N ILE G 115 -3.66 20.41 -35.01
CA ILE G 115 -3.93 20.51 -33.57
C ILE G 115 -5.16 19.64 -33.30
N THR G 116 -5.02 18.66 -32.42
CA THR G 116 -6.12 17.79 -32.00
C THR G 116 -6.26 17.94 -30.48
N ASP G 117 -7.19 17.22 -29.88
CA ASP G 117 -7.39 17.31 -28.43
C ASP G 117 -6.34 16.43 -27.72
N GLU G 118 -5.60 15.62 -28.49
CA GLU G 118 -4.59 14.68 -28.00
C GLU G 118 -3.14 15.09 -28.29
N PHE G 119 -2.92 15.83 -29.41
CA PHE G 119 -1.58 16.27 -29.82
C PHE G 119 -1.56 17.47 -30.74
N GLU G 120 -0.35 17.91 -31.09
CA GLU G 120 -0.11 18.95 -32.08
C GLU G 120 1.15 18.61 -32.88
N GLN G 121 1.08 18.63 -34.22
CA GLN G 121 2.27 18.34 -35.01
C GLN G 121 2.60 19.50 -35.91
N GLY G 122 3.83 19.97 -35.75
CA GLY G 122 4.44 21.09 -36.49
C GLY G 122 5.95 21.04 -36.34
N THR G 123 6.62 22.16 -36.66
CA THR G 123 8.08 22.26 -36.53
C THR G 123 8.43 23.04 -35.25
N TYR G 124 9.32 22.49 -34.43
CA TYR G 124 9.69 23.08 -33.15
C TYR G 124 11.18 23.20 -32.95
N ILE G 125 11.59 24.16 -32.14
CA ILE G 125 12.97 24.29 -31.70
C ILE G 125 12.98 23.68 -30.30
N TYR G 126 14.05 22.98 -29.94
CA TYR G 126 14.16 22.34 -28.63
C TYR G 126 15.56 22.44 -28.07
N PHE G 127 15.72 22.19 -26.79
CA PHE G 127 17.07 22.20 -26.28
C PHE G 127 17.56 20.79 -26.07
N ASP G 128 18.74 20.46 -26.64
CA ASP G 128 19.34 19.16 -26.46
C ASP G 128 20.31 19.28 -25.29
N TYR G 129 19.98 18.62 -24.18
CA TYR G 129 20.78 18.66 -22.96
C TYR G 129 22.12 17.92 -23.03
N GLU G 130 22.35 17.06 -24.07
CA GLU G 130 23.61 16.31 -24.24
C GLU G 130 24.54 16.98 -25.26
N LYS G 131 23.97 17.41 -26.40
CA LYS G 131 24.72 18.11 -27.44
C LYS G 131 24.94 19.57 -26.98
N TRP G 132 24.28 19.98 -25.86
CA TRP G 132 24.25 21.28 -25.21
C TRP G 132 24.07 22.40 -26.19
N GLY G 133 22.88 22.47 -26.73
CA GLY G 133 22.51 23.50 -27.69
C GLY G 133 21.16 23.25 -28.32
N GLN G 134 20.57 24.32 -28.86
CA GLN G 134 19.29 24.30 -29.53
C GLN G 134 19.42 23.56 -30.84
N ARG G 135 18.34 22.88 -31.23
CA ARG G 135 18.20 22.12 -32.47
C ARG G 135 16.74 22.32 -32.94
N LYS G 136 16.51 22.18 -34.23
CA LYS G 136 15.17 22.32 -34.81
C LYS G 136 14.69 20.92 -35.21
N LYS G 137 13.36 20.74 -35.27
CA LYS G 137 12.74 19.46 -35.62
C LYS G 137 11.46 19.71 -36.38
N GLU G 138 11.35 19.08 -37.55
CA GLU G 138 10.21 19.16 -38.44
C GLU G 138 9.31 17.95 -38.23
N GLY G 139 8.01 18.14 -38.41
CA GLY G 139 7.02 17.08 -38.25
C GLY G 139 7.04 16.40 -36.90
N PHE G 140 7.20 17.20 -35.83
CA PHE G 140 7.24 16.65 -34.49
C PHE G 140 5.83 16.56 -33.94
N THR G 141 5.48 15.41 -33.32
CA THR G 141 4.17 15.15 -32.71
C THR G 141 4.28 15.36 -31.18
N PHE G 142 3.80 16.52 -30.72
CA PHE G 142 3.81 16.84 -29.30
C PHE G 142 2.49 16.34 -28.72
N GLU G 143 2.55 15.18 -28.07
CA GLU G 143 1.41 14.53 -27.41
C GLU G 143 1.10 15.33 -26.16
N TYR G 144 -0.14 15.86 -26.02
CA TYR G 144 -0.52 16.68 -24.86
C TYR G 144 -0.48 15.94 -23.52
N ARG G 145 -0.40 14.58 -23.54
CA ARG G 145 -0.26 13.83 -22.29
C ARG G 145 1.11 14.12 -21.66
N TYR G 146 2.05 14.60 -22.50
CA TYR G 146 3.39 14.97 -22.09
C TYR G 146 3.60 16.49 -21.95
N LEU G 147 2.55 17.34 -22.17
CA LEU G 147 2.68 18.80 -22.03
C LEU G 147 2.89 19.15 -20.57
N GLU G 148 2.10 18.51 -19.67
CA GLU G 148 2.18 18.56 -18.20
C GLU G 148 1.35 17.38 -17.58
N THR H 11 4.65 -5.11 24.30
CA THR H 11 3.92 -4.32 23.30
C THR H 11 4.88 -3.76 22.25
N ASP H 12 4.50 -3.90 20.96
CA ASP H 12 5.26 -3.49 19.76
C ASP H 12 4.29 -2.79 18.77
N GLU H 13 3.68 -1.66 19.23
CA GLU H 13 2.70 -0.85 18.50
C GLU H 13 3.23 -0.34 17.15
N ILE H 14 4.50 0.13 17.14
CA ILE H 14 5.21 0.66 15.96
C ILE H 14 5.39 -0.47 14.93
N ALA H 15 5.95 -1.61 15.38
CA ALA H 15 6.23 -2.82 14.59
C ALA H 15 5.05 -3.29 13.74
N ARG H 16 3.85 -3.40 14.34
CA ARG H 16 2.61 -3.83 13.67
C ARG H 16 2.18 -2.87 12.57
N SER H 17 2.30 -1.55 12.81
CA SER H 17 1.94 -0.48 11.86
C SER H 17 2.74 -0.56 10.55
N LEU H 18 3.97 -1.09 10.64
CA LEU H 18 4.89 -1.28 9.51
C LEU H 18 4.73 -2.69 8.94
N LYS H 19 4.38 -3.66 9.80
CA LYS H 19 4.14 -5.06 9.44
C LYS H 19 2.86 -5.15 8.58
N ILE H 20 1.81 -4.39 8.94
CA ILE H 20 0.52 -4.32 8.22
C ILE H 20 0.71 -3.50 6.94
N PHE H 21 1.66 -2.53 6.98
CA PHE H 21 2.03 -1.72 5.81
C PHE H 21 2.67 -2.65 4.74
N ALA H 22 3.46 -3.65 5.20
CA ALA H 22 4.14 -4.64 4.36
C ALA H 22 3.14 -5.55 3.63
N GLY H 34 9.90 3.75 -18.35
CA GLY H 34 11.04 3.17 -19.06
C GLY H 34 12.32 3.97 -18.90
N SER H 35 13.41 3.48 -19.54
CA SER H 35 14.74 4.11 -19.53
C SER H 35 14.71 5.33 -20.47
N MET H 36 15.71 6.24 -20.34
CA MET H 36 15.82 7.41 -21.23
C MET H 36 16.59 7.09 -22.53
N GLN H 37 16.98 5.81 -22.72
CA GLN H 37 17.65 5.29 -23.92
C GLN H 37 16.57 4.95 -24.94
N ASP H 38 15.56 4.16 -24.51
CA ASP H 38 14.40 3.76 -25.33
C ASP H 38 13.51 4.94 -25.69
N VAL H 39 13.51 5.98 -24.83
CA VAL H 39 12.77 7.22 -25.00
C VAL H 39 13.47 8.09 -26.07
N MET H 40 14.80 8.30 -25.95
CA MET H 40 15.60 9.06 -26.93
C MET H 40 15.68 8.38 -28.32
N GLN H 41 15.55 7.02 -28.36
CA GLN H 41 15.55 6.23 -29.60
C GLN H 41 14.18 6.34 -30.29
N GLU H 42 13.13 6.60 -29.48
CA GLU H 42 11.75 6.82 -29.92
C GLU H 42 11.60 8.29 -30.35
N PHE H 43 12.47 9.17 -29.83
CA PHE H 43 12.50 10.60 -30.14
C PHE H 43 13.07 10.84 -31.54
N ALA H 44 13.97 9.95 -31.99
CA ALA H 44 14.57 10.00 -33.33
C ALA H 44 13.50 9.67 -34.38
N THR H 45 12.55 8.76 -34.04
CA THR H 45 11.42 8.32 -34.89
C THR H 45 10.26 9.35 -34.91
N ASN H 46 10.12 10.16 -33.85
CA ASN H 46 9.08 11.20 -33.71
C ASN H 46 9.55 12.55 -34.32
N GLY H 47 9.56 12.62 -35.65
CA GLY H 47 9.96 13.83 -36.38
C GLY H 47 11.31 13.76 -37.07
N TYR H 48 11.66 14.83 -37.81
CA TYR H 48 12.91 14.97 -38.57
C TYR H 48 13.87 15.96 -37.92
N ALA H 49 15.00 15.43 -37.40
CA ALA H 49 16.04 16.15 -36.69
C ALA H 49 16.84 17.10 -37.59
N SER H 50 17.29 18.22 -37.01
CA SER H 50 18.07 19.25 -37.70
C SER H 50 19.20 19.79 -36.78
N ASP H 51 20.24 20.40 -37.39
CA ASP H 51 21.43 20.95 -36.70
C ASP H 51 21.08 22.13 -35.78
#